data_8EFV
#
_entry.id   8EFV
#
_cell.length_a   1.00
_cell.length_b   1.00
_cell.length_c   1.00
_cell.angle_alpha   90.00
_cell.angle_beta   90.00
_cell.angle_gamma   90.00
#
_symmetry.space_group_name_H-M   'P 1'
#
loop_
_entity.id
_entity.type
_entity.pdbx_description
1 polymer 'Holliday junction ATP-dependent DNA helicase RuvB'
2 polymer '49-mer DNA'
3 polymer '51-mer DNA'
4 non-polymer 'PHOSPHOTHIOPHOSPHORIC ACID-ADENYLATE ESTER'
5 non-polymer 'MAGNESIUM ION'
6 non-polymer "ADENOSINE-5'-DIPHOSPHATE"
#
loop_
_entity_poly.entity_id
_entity_poly.type
_entity_poly.pdbx_seq_one_letter_code
_entity_poly.pdbx_strand_id
1 'polypeptide(L)'
;MEDLALRPKTLDEYIGQERLKQKLRVYLEAAKARKEPLEHLLLFGPPGLGKTTLAHVIAHELGVNLRVTSGPAIEKPGDL
AAILANSLEEGDILFIDEIHRLSRQAEEHLYPAMEDFVMDIVIGQGPAARTIRLELPRFTLIGATTRPGLITAPLLSRFG
IVEHLEYYTPEELAQGVMRDARLLGVRITEEAALEIGRRSRGTMRVAKRLFRRVRDFAQVAGEEVITRERALEALAALGL
DELGLEKRDREILEVLILRFGGGPVGLATLATALSEDPGTLEEVHEPYLIRQGLLKRTPRGRVATELAYRHLGYPPPVGP
LLEP
;
D,C,B,A,F,E
2 'polydeoxyribonucleotide'
;(DA)(DG)(DA)(DA)(DT)(DC)(DT)(DG)(DC)(DC)(DG)(DA)(DG)(DA)(DG)(DA)(DC)(DC)(DG)(DA)
(DG)(DC)(DA)(DG)(DA)(DA)(DT)(DT)(DC)(DT)(DA)(DT)(DG)(DT)(DG)(DT)(DT)(DT)(DA)(DC)
(DC)(DA)(DA)(DG)(DC)(DG)(DC)(DT)(DG)
;
G
3 'polydeoxyribonucleotide'
;(DC)(DA)(DG)(DC)(DG)(DC)(DT)(DT)(DG)(DG)(DT)(DA)(DA)(DA)(DC)(DA)(DC)(DA)(DT)(DA)
(DG)(DA)(DA)(DT)(DT)(DC)(DT)(DG)(DC)(DT)(DC)(DT)(DC)(DG)(DG)(DT)(DC)(DT)(DG)(DA)
(DG)(DC)(DC)(DG)(DT)(DC)(DT)(DA)(DA)(DG)(DA)
;
H
#
loop_
_chem_comp.id
_chem_comp.type
_chem_comp.name
_chem_comp.formula
ADP non-polymer ADENOSINE-5'-DIPHOSPHATE 'C10 H15 N5 O10 P2'
AGS non-polymer 'PHOSPHOTHIOPHOSPHORIC ACID-ADENYLATE ESTER' 'C10 H16 N5 O12 P3 S'
DA DNA linking 2'-DEOXYADENOSINE-5'-MONOPHOSPHATE 'C10 H14 N5 O6 P'
DC DNA linking 2'-DEOXYCYTIDINE-5'-MONOPHOSPHATE 'C9 H14 N3 O7 P'
DG DNA linking 2'-DEOXYGUANOSINE-5'-MONOPHOSPHATE 'C10 H14 N5 O7 P'
DT DNA linking THYMIDINE-5'-MONOPHOSPHATE 'C10 H15 N2 O8 P'
MG non-polymer 'MAGNESIUM ION' 'Mg 2'
#
# COMPACT_ATOMS: atom_id res chain seq x y z
N ARG A 7 9.32 44.23 -9.76
CA ARG A 7 8.19 44.20 -10.67
C ARG A 7 8.60 44.58 -12.08
N PRO A 8 9.27 43.65 -12.78
CA PRO A 8 9.70 43.93 -14.15
C PRO A 8 8.53 44.09 -15.09
N LYS A 9 8.74 44.89 -16.13
CA LYS A 9 7.71 45.17 -17.12
C LYS A 9 8.08 44.68 -18.52
N THR A 10 9.35 44.79 -18.90
CA THR A 10 9.82 44.35 -20.21
C THR A 10 10.71 43.12 -20.06
N LEU A 11 11.15 42.58 -21.20
CA LEU A 11 12.04 41.43 -21.18
C LEU A 11 13.47 41.80 -20.79
N ASP A 12 13.83 43.08 -20.89
CA ASP A 12 15.14 43.52 -20.44
C ASP A 12 15.21 43.63 -18.92
N GLU A 13 14.10 43.98 -18.27
CA GLU A 13 14.08 44.07 -16.81
C GLU A 13 14.13 42.70 -16.15
N TYR A 14 13.77 41.63 -16.86
CA TYR A 14 13.89 40.29 -16.32
C TYR A 14 15.37 39.96 -16.13
N ILE A 15 15.67 39.17 -15.10
CA ILE A 15 17.04 39.12 -14.58
C ILE A 15 17.88 38.05 -15.27
N GLY A 16 17.50 36.78 -15.15
CA GLY A 16 18.48 35.75 -15.48
C GLY A 16 18.03 34.50 -16.20
N GLN A 17 16.95 34.56 -16.98
CA GLN A 17 16.55 33.43 -17.81
C GLN A 17 17.01 33.64 -19.25
N GLU A 18 18.33 33.71 -19.42
CA GLU A 18 18.91 34.16 -20.69
C GLU A 18 18.58 33.21 -21.84
N ARG A 19 18.80 31.91 -21.63
CA ARG A 19 18.58 30.94 -22.69
C ARG A 19 17.12 30.91 -23.13
N LEU A 20 16.20 30.94 -22.17
CA LEU A 20 14.78 30.99 -22.50
C LEU A 20 14.40 32.33 -23.13
N LYS A 21 14.99 33.41 -22.63
CA LYS A 21 14.64 34.74 -23.15
C LYS A 21 15.06 34.90 -24.60
N GLN A 22 16.17 34.29 -25.01
CA GLN A 22 16.61 34.40 -26.40
C GLN A 22 15.57 33.83 -27.36
N LYS A 23 15.01 32.66 -27.02
CA LYS A 23 13.99 32.06 -27.87
C LYS A 23 12.66 32.79 -27.74
N LEU A 24 12.34 33.25 -26.53
CA LEU A 24 11.08 33.96 -26.31
C LEU A 24 11.02 35.25 -27.11
N ARG A 25 12.14 35.97 -27.18
CA ARG A 25 12.19 37.20 -27.97
C ARG A 25 11.90 36.92 -29.44
N VAL A 26 12.49 35.86 -29.99
CA VAL A 26 12.27 35.51 -31.39
C VAL A 26 10.81 35.14 -31.61
N TYR A 27 10.23 34.34 -30.71
CA TYR A 27 8.84 33.94 -30.87
C TYR A 27 7.91 35.15 -30.82
N LEU A 28 8.14 36.06 -29.88
CA LEU A 28 7.30 37.25 -29.77
C LEU A 28 7.46 38.15 -30.99
N GLU A 29 8.69 38.29 -31.49
CA GLU A 29 8.92 39.11 -32.68
C GLU A 29 8.21 38.53 -33.89
N ALA A 30 8.26 37.20 -34.06
CA ALA A 30 7.57 36.57 -35.17
C ALA A 30 6.06 36.74 -35.05
N ALA A 31 5.52 36.57 -33.83
CA ALA A 31 4.09 36.75 -33.63
C ALA A 31 3.65 38.17 -33.94
N LYS A 32 4.45 39.16 -33.53
CA LYS A 32 4.14 40.55 -33.86
C LYS A 32 4.23 40.81 -35.35
N ALA A 33 5.25 40.25 -36.01
CA ALA A 33 5.42 40.47 -37.45
C ALA A 33 4.27 39.88 -38.24
N ARG A 34 3.78 38.70 -37.83
CA ARG A 34 2.66 38.08 -38.51
C ARG A 34 1.32 38.69 -38.14
N LYS A 35 1.29 39.63 -37.18
CA LYS A 35 0.05 40.21 -36.66
C LYS A 35 -0.89 39.14 -36.13
N GLU A 36 -0.33 37.99 -35.75
CA GLU A 36 -1.04 36.84 -35.26
C GLU A 36 -0.67 36.57 -33.80
N PRO A 37 -1.66 36.27 -32.95
CA PRO A 37 -1.34 35.99 -31.54
C PRO A 37 -0.47 34.75 -31.41
N LEU A 38 0.37 34.76 -30.38
CA LEU A 38 1.28 33.65 -30.12
C LEU A 38 0.49 32.39 -29.81
N GLU A 39 1.08 31.24 -30.13
CA GLU A 39 0.44 29.98 -29.80
C GLU A 39 0.61 29.67 -28.31
N HIS A 40 -0.07 28.61 -27.87
CA HIS A 40 -0.10 28.27 -26.46
C HIS A 40 1.27 27.85 -25.96
N LEU A 41 1.59 28.25 -24.74
CA LEU A 41 2.91 28.05 -24.15
C LEU A 41 2.79 27.33 -22.82
N LEU A 42 3.65 26.35 -22.58
CA LEU A 42 3.69 25.60 -21.33
C LEU A 42 5.06 25.78 -20.70
N LEU A 43 5.09 26.14 -19.42
CA LEU A 43 6.32 26.43 -18.70
C LEU A 43 6.51 25.40 -17.59
N PHE A 44 7.66 24.75 -17.59
CA PHE A 44 8.08 23.86 -16.52
C PHE A 44 9.12 24.54 -15.64
N GLY A 45 9.29 24.01 -14.44
CA GLY A 45 10.31 24.50 -13.53
C GLY A 45 10.01 24.25 -12.07
N PRO A 46 11.06 24.18 -11.26
CA PRO A 46 10.85 24.03 -9.82
C PRO A 46 10.21 25.26 -9.23
N PRO A 47 9.51 25.14 -8.10
CA PRO A 47 8.83 26.30 -7.53
C PRO A 47 9.81 27.36 -7.04
N GLY A 48 9.37 28.61 -7.11
CA GLY A 48 10.16 29.73 -6.63
C GLY A 48 11.03 30.41 -7.66
N LEU A 49 10.81 30.14 -8.95
CA LEU A 49 11.69 30.67 -9.99
C LEU A 49 11.13 31.89 -10.70
N GLY A 50 9.83 32.15 -10.60
CA GLY A 50 9.26 33.35 -11.21
C GLY A 50 8.51 33.12 -12.51
N LYS A 51 7.66 32.09 -12.55
CA LYS A 51 6.92 31.80 -13.77
C LYS A 51 5.79 32.80 -14.00
N THR A 52 5.08 33.19 -12.94
CA THR A 52 4.01 34.16 -13.07
C THR A 52 4.54 35.53 -13.47
N THR A 53 5.71 35.91 -12.95
CA THR A 53 6.33 37.15 -13.38
C THR A 53 6.69 37.10 -14.87
N LEU A 54 7.19 35.95 -15.33
CA LEU A 54 7.46 35.78 -16.75
C LEU A 54 6.19 35.89 -17.58
N ALA A 55 5.08 35.35 -17.08
CA ALA A 55 3.82 35.48 -17.79
C ALA A 55 3.39 36.94 -17.89
N HIS A 56 3.55 37.70 -16.80
CA HIS A 56 3.23 39.12 -16.84
C HIS A 56 4.11 39.86 -17.84
N VAL A 57 5.41 39.53 -17.87
CA VAL A 57 6.33 40.19 -18.79
C VAL A 57 5.95 39.87 -20.23
N ILE A 58 5.60 38.61 -20.51
CA ILE A 58 5.16 38.24 -21.85
C ILE A 58 3.90 39.01 -22.23
N ALA A 59 2.96 39.11 -21.30
CA ALA A 59 1.70 39.82 -21.57
C ALA A 59 1.97 41.27 -21.92
N HIS A 60 2.84 41.93 -21.15
CA HIS A 60 3.16 43.32 -21.46
C HIS A 60 3.89 43.44 -22.80
N GLU A 61 4.84 42.54 -23.06
CA GLU A 61 5.64 42.64 -24.27
C GLU A 61 4.78 42.46 -25.53
N LEU A 62 3.86 41.50 -25.51
CA LEU A 62 3.01 41.28 -26.66
C LEU A 62 2.10 42.48 -26.92
N GLY A 63 1.57 43.08 -25.86
CA GLY A 63 0.70 44.22 -25.96
C GLY A 63 -0.76 43.97 -25.65
N VAL A 64 -1.08 42.93 -24.90
CA VAL A 64 -2.45 42.56 -24.58
C VAL A 64 -2.58 42.40 -23.07
N ASN A 65 -3.77 42.00 -22.64
CA ASN A 65 -4.08 41.86 -21.23
C ASN A 65 -3.83 40.43 -20.75
N LEU A 66 -3.75 40.28 -19.44
CA LEU A 66 -3.48 39.00 -18.81
C LEU A 66 -4.57 38.67 -17.81
N ARG A 67 -4.99 37.40 -17.78
CA ARG A 67 -5.99 36.91 -16.83
C ARG A 67 -5.36 35.78 -16.05
N VAL A 68 -4.99 36.05 -14.80
CA VAL A 68 -4.32 35.08 -13.94
C VAL A 68 -5.36 34.19 -13.29
N THR A 69 -5.16 32.88 -13.42
CA THR A 69 -6.09 31.89 -12.88
C THR A 69 -5.29 30.69 -12.41
N SER A 70 -5.89 29.87 -11.55
CA SER A 70 -5.28 28.65 -11.07
C SER A 70 -6.26 27.50 -11.23
N GLY A 71 -5.79 26.29 -10.95
CA GLY A 71 -6.61 25.11 -11.03
C GLY A 71 -7.66 25.07 -9.94
N PRO A 72 -7.22 24.89 -8.68
CA PRO A 72 -8.16 24.90 -7.55
C PRO A 72 -8.57 26.32 -7.15
N ALA A 73 -9.25 27.01 -8.07
CA ALA A 73 -9.70 28.38 -7.84
C ALA A 73 -11.19 28.46 -7.54
N ILE A 74 -11.86 27.32 -7.39
CA ILE A 74 -13.29 27.31 -7.09
C ILE A 74 -13.67 26.00 -6.42
N PRO A 77 -16.75 23.92 -11.76
CA PRO A 77 -16.37 23.19 -12.97
C PRO A 77 -16.87 23.89 -14.24
N GLY A 78 -17.84 24.78 -14.08
CA GLY A 78 -18.38 25.51 -15.21
C GLY A 78 -17.88 26.94 -15.25
N ASP A 79 -17.07 27.34 -14.27
CA ASP A 79 -16.52 28.69 -14.25
C ASP A 79 -15.55 28.92 -15.38
N LEU A 80 -14.96 27.86 -15.95
CA LEU A 80 -14.07 28.03 -17.09
C LEU A 80 -14.80 28.62 -18.28
N ALA A 81 -16.06 28.22 -18.49
CA ALA A 81 -16.85 28.78 -19.59
C ALA A 81 -17.06 30.28 -19.39
N ALA A 82 -17.43 30.68 -18.17
CA ALA A 82 -17.61 32.11 -17.89
C ALA A 82 -16.31 32.87 -18.08
N ILE A 83 -15.20 32.29 -17.64
CA ILE A 83 -13.89 32.95 -17.79
C ILE A 83 -13.57 33.14 -19.27
N LEU A 84 -13.77 32.08 -20.06
CA LEU A 84 -13.36 32.12 -21.46
C LEU A 84 -14.32 32.93 -22.32
N ALA A 85 -15.55 33.15 -21.88
CA ALA A 85 -16.54 33.88 -22.67
C ALA A 85 -16.87 35.25 -22.11
N ASN A 86 -16.25 35.67 -21.01
CA ASN A 86 -16.56 36.96 -20.41
C ASN A 86 -15.42 37.97 -20.40
N SER A 87 -14.16 37.52 -20.33
CA SER A 87 -13.04 38.43 -20.14
C SER A 87 -11.87 38.08 -21.08
N LEU A 88 -12.16 37.89 -22.36
CA LEU A 88 -11.13 37.75 -23.37
C LEU A 88 -11.36 38.74 -24.51
N GLU A 89 -10.28 39.38 -24.93
CA GLU A 89 -10.21 40.24 -26.10
C GLU A 89 -9.50 39.48 -27.21
N GLU A 90 -9.37 40.11 -28.38
CA GLU A 90 -8.64 39.50 -29.48
C GLU A 90 -7.15 39.44 -29.13
N GLY A 91 -6.59 38.24 -29.18
CA GLY A 91 -5.18 38.07 -28.83
C GLY A 91 -4.89 38.11 -27.35
N ASP A 92 -5.91 37.94 -26.51
CA ASP A 92 -5.72 38.01 -25.07
C ASP A 92 -4.94 36.79 -24.57
N ILE A 93 -4.28 36.96 -23.43
CA ILE A 93 -3.49 35.91 -22.80
C ILE A 93 -4.19 35.48 -21.51
N LEU A 94 -4.38 34.17 -21.35
CA LEU A 94 -4.99 33.60 -20.17
C LEU A 94 -3.98 32.65 -19.53
N PHE A 95 -3.62 32.93 -18.28
CA PHE A 95 -2.57 32.19 -17.59
C PHE A 95 -3.19 31.33 -16.50
N ILE A 96 -2.89 30.04 -16.53
CA ILE A 96 -3.39 29.08 -15.54
C ILE A 96 -2.19 28.51 -14.80
N ASP A 97 -1.97 28.98 -13.58
CA ASP A 97 -0.96 28.39 -12.72
C ASP A 97 -1.43 27.04 -12.20
N GLU A 98 -0.49 26.11 -12.06
CA GLU A 98 -0.77 24.75 -11.61
C GLU A 98 -1.84 24.09 -12.50
N ILE A 99 -1.48 23.92 -13.77
CA ILE A 99 -2.43 23.39 -14.75
C ILE A 99 -2.62 21.88 -14.61
N HIS A 100 -1.75 21.19 -13.88
CA HIS A 100 -1.92 19.76 -13.67
C HIS A 100 -2.89 19.44 -12.54
N ARG A 101 -3.27 20.42 -11.74
CA ARG A 101 -4.28 20.26 -10.71
C ARG A 101 -5.69 20.54 -11.21
N LEU A 102 -5.84 20.83 -12.50
CA LEU A 102 -7.15 21.11 -13.06
C LEU A 102 -8.03 19.87 -13.01
N SER A 103 -9.29 20.06 -12.64
CA SER A 103 -10.22 18.95 -12.52
C SER A 103 -10.50 18.34 -13.89
N ARG A 104 -10.80 17.04 -13.90
CA ARG A 104 -11.03 16.33 -15.15
C ARG A 104 -12.23 16.89 -15.89
N GLN A 105 -13.32 17.19 -15.17
CA GLN A 105 -14.50 17.76 -15.79
C GLN A 105 -14.16 19.07 -16.50
N ALA A 106 -13.30 19.88 -15.89
CA ALA A 106 -12.77 21.06 -16.58
C ALA A 106 -11.69 20.70 -17.59
N GLU A 107 -10.95 19.60 -17.35
CA GLU A 107 -9.84 19.25 -18.23
C GLU A 107 -10.34 18.91 -19.64
N GLU A 108 -11.39 18.12 -19.74
CA GLU A 108 -12.02 17.92 -21.06
C GLU A 108 -13.07 18.99 -21.35
N HIS A 109 -12.70 20.25 -21.13
CA HIS A 109 -13.50 21.38 -21.58
C HIS A 109 -12.66 22.50 -22.18
N LEU A 110 -11.34 22.39 -22.19
CA LEU A 110 -10.46 23.47 -22.65
C LEU A 110 -9.82 23.21 -24.00
N TYR A 111 -9.41 21.98 -24.27
CA TYR A 111 -8.76 21.68 -25.54
C TYR A 111 -9.67 21.85 -26.75
N PRO A 112 -11.01 21.71 -26.64
CA PRO A 112 -11.85 22.15 -27.76
C PRO A 112 -11.70 23.63 -28.06
N ALA A 113 -11.46 24.46 -27.05
CA ALA A 113 -11.26 25.89 -27.24
C ALA A 113 -9.81 26.24 -27.58
N MET A 114 -8.92 25.25 -27.64
CA MET A 114 -7.53 25.50 -27.98
C MET A 114 -7.29 25.42 -29.48
N GLU A 115 -7.67 24.31 -30.10
CA GLU A 115 -7.39 24.05 -31.50
C GLU A 115 -8.57 24.35 -32.43
N ASP A 116 -9.79 24.01 -32.01
CA ASP A 116 -10.96 24.22 -32.83
C ASP A 116 -11.66 25.55 -32.57
N PHE A 117 -11.24 26.29 -31.54
CA PHE A 117 -11.78 27.59 -31.14
C PHE A 117 -13.23 27.52 -30.69
N VAL A 118 -13.85 26.33 -30.66
CA VAL A 118 -15.25 26.17 -30.30
C VAL A 118 -15.33 25.27 -29.06
N MET A 119 -16.18 25.66 -28.12
CA MET A 119 -16.32 24.90 -26.89
C MET A 119 -17.22 23.68 -27.08
N ARG A 133 -23.92 30.96 -25.03
CA ARG A 133 -22.57 31.39 -24.71
C ARG A 133 -22.04 32.36 -25.76
N LEU A 134 -20.78 32.21 -26.14
CA LEU A 134 -20.14 33.09 -27.11
C LEU A 134 -19.04 32.31 -27.83
N GLU A 135 -18.85 32.64 -29.11
CA GLU A 135 -17.84 32.00 -29.93
C GLU A 135 -16.51 32.71 -29.76
N LEU A 136 -15.53 32.02 -29.16
CA LEU A 136 -14.24 32.63 -28.89
C LEU A 136 -13.48 32.85 -30.19
N PRO A 137 -13.11 34.08 -30.54
CA PRO A 137 -12.40 34.32 -31.80
C PRO A 137 -11.04 33.65 -31.85
N ARG A 138 -10.16 34.03 -30.92
CA ARG A 138 -8.82 33.46 -30.84
C ARG A 138 -8.14 33.99 -29.58
N PHE A 139 -7.36 33.14 -28.93
CA PHE A 139 -6.59 33.54 -27.75
C PHE A 139 -5.47 32.54 -27.53
N THR A 140 -4.59 32.87 -26.60
CA THR A 140 -3.45 32.04 -26.26
C THR A 140 -3.46 31.71 -24.77
N LEU A 141 -3.03 30.49 -24.45
CA LEU A 141 -3.00 30.01 -23.07
C LEU A 141 -1.56 29.76 -22.65
N ILE A 142 -1.19 30.31 -21.49
CA ILE A 142 0.11 30.06 -20.89
C ILE A 142 -0.12 29.27 -19.60
N GLY A 143 0.43 28.08 -19.54
CA GLY A 143 0.25 27.21 -18.38
C GLY A 143 1.58 26.98 -17.68
N ALA A 144 1.56 27.10 -16.35
CA ALA A 144 2.74 26.90 -15.52
C ALA A 144 2.49 25.75 -14.56
N THR A 145 3.44 24.82 -14.49
CA THR A 145 3.31 23.67 -13.62
C THR A 145 4.70 23.23 -13.16
N THR A 146 4.74 22.54 -12.03
CA THR A 146 5.98 22.01 -11.48
C THR A 146 6.08 20.50 -11.57
N ARG A 147 4.99 19.81 -11.87
CA ARG A 147 4.96 18.34 -11.97
C ARG A 147 4.48 17.96 -13.36
N PRO A 148 5.39 17.79 -14.32
CA PRO A 148 4.96 17.41 -15.68
C PRO A 148 4.25 16.06 -15.74
N GLY A 149 4.52 15.16 -14.79
CA GLY A 149 3.93 13.83 -14.84
C GLY A 149 2.44 13.80 -14.62
N LEU A 150 1.88 14.84 -14.00
CA LEU A 150 0.46 14.91 -13.72
C LEU A 150 -0.34 15.55 -14.85
N ILE A 151 0.31 15.88 -15.97
CA ILE A 151 -0.34 16.41 -17.15
C ILE A 151 -0.59 15.27 -18.12
N THR A 152 -1.85 15.11 -18.53
CA THR A 152 -2.21 14.04 -19.46
C THR A 152 -1.62 14.31 -20.84
N ALA A 153 -1.56 13.26 -21.65
CA ALA A 153 -0.99 13.37 -22.98
C ALA A 153 -1.71 14.37 -23.87
N PRO A 154 -3.05 14.41 -23.95
CA PRO A 154 -3.69 15.44 -24.79
C PRO A 154 -3.35 16.86 -24.39
N LEU A 155 -3.27 17.13 -23.08
CA LEU A 155 -2.95 18.48 -22.62
C LEU A 155 -1.54 18.88 -23.03
N LEU A 156 -0.58 17.97 -22.89
CA LEU A 156 0.79 18.26 -23.31
C LEU A 156 0.89 18.39 -24.83
N SER A 157 0.09 17.62 -25.58
CA SER A 157 0.11 17.69 -27.03
C SER A 157 -0.65 18.87 -27.59
N ARG A 158 -1.46 19.55 -26.78
CA ARG A 158 -2.21 20.71 -27.23
C ARG A 158 -1.47 22.03 -27.02
N PHE A 159 -0.23 21.99 -26.54
CA PHE A 159 0.56 23.20 -26.31
C PHE A 159 1.58 23.36 -27.43
N GLY A 160 1.56 24.51 -28.08
CA GLY A 160 2.46 24.74 -29.20
C GLY A 160 3.92 24.81 -28.79
N ILE A 161 4.22 25.51 -27.70
CA ILE A 161 5.59 25.74 -27.25
C ILE A 161 5.74 25.21 -25.84
N VAL A 162 6.82 24.47 -25.60
CA VAL A 162 7.16 23.94 -24.29
C VAL A 162 8.53 24.47 -23.90
N GLU A 163 8.63 25.08 -22.73
CA GLU A 163 9.86 25.69 -22.26
C GLU A 163 10.11 25.30 -20.81
N HIS A 164 11.39 25.35 -20.41
CA HIS A 164 11.82 24.95 -19.09
C HIS A 164 12.46 26.12 -18.37
N LEU A 165 12.07 26.33 -17.11
CA LEU A 165 12.70 27.32 -16.25
C LEU A 165 13.82 26.64 -15.47
N GLU A 166 15.02 27.23 -15.51
CA GLU A 166 16.18 26.68 -14.86
C GLU A 166 16.59 27.54 -13.67
N TYR A 167 17.41 26.96 -12.80
CA TYR A 167 17.86 27.64 -11.59
C TYR A 167 18.75 28.83 -11.94
N TYR A 168 18.78 29.81 -11.05
CA TYR A 168 19.57 31.00 -11.25
C TYR A 168 21.02 30.76 -10.86
N THR A 169 21.84 31.79 -11.00
CA THR A 169 23.26 31.76 -10.68
C THR A 169 23.54 32.81 -9.61
N PRO A 170 24.68 32.71 -8.90
CA PRO A 170 24.98 33.69 -7.87
C PRO A 170 24.97 35.13 -8.36
N GLU A 171 25.35 35.39 -9.61
CA GLU A 171 25.34 36.76 -10.11
C GLU A 171 23.92 37.27 -10.35
N GLU A 172 23.05 36.41 -10.88
CA GLU A 172 21.66 36.82 -11.07
C GLU A 172 20.95 37.06 -9.74
N LEU A 173 21.21 36.17 -8.76
CA LEU A 173 20.66 36.38 -7.43
C LEU A 173 21.24 37.62 -6.77
N ALA A 174 22.51 37.94 -7.05
CA ALA A 174 23.08 39.19 -6.57
C ALA A 174 22.38 40.40 -7.18
N GLN A 175 22.06 40.33 -8.48
CA GLN A 175 21.30 41.40 -9.11
C GLN A 175 19.93 41.56 -8.47
N GLY A 176 19.26 40.46 -8.19
CA GLY A 176 17.97 40.53 -7.51
C GLY A 176 18.10 41.13 -6.11
N VAL A 177 19.15 40.76 -5.39
CA VAL A 177 19.39 41.31 -4.06
C VAL A 177 19.63 42.80 -4.13
N MET A 178 20.41 43.25 -5.12
CA MET A 178 20.64 44.68 -5.29
C MET A 178 19.35 45.42 -5.61
N ARG A 179 18.49 44.84 -6.45
CA ARG A 179 17.20 45.45 -6.74
C ARG A 179 16.34 45.56 -5.48
N ASP A 180 16.32 44.50 -4.67
CA ASP A 180 15.55 44.53 -3.42
C ASP A 180 16.10 45.57 -2.46
N ALA A 181 17.43 45.70 -2.37
CA ALA A 181 18.03 46.70 -1.51
C ALA A 181 17.67 48.10 -1.97
N ARG A 182 17.70 48.35 -3.29
CA ARG A 182 17.28 49.64 -3.81
C ARG A 182 15.82 49.92 -3.49
N LEU A 183 14.97 48.91 -3.60
CA LEU A 183 13.56 49.09 -3.26
C LEU A 183 13.37 49.42 -1.79
N LEU A 184 14.12 48.77 -0.91
CA LEU A 184 13.97 48.94 0.52
C LEU A 184 14.78 50.10 1.09
N GLY A 185 15.59 50.77 0.27
CA GLY A 185 16.42 51.84 0.76
C GLY A 185 17.68 51.40 1.49
N VAL A 186 18.08 50.14 1.35
CA VAL A 186 19.27 49.61 2.01
C VAL A 186 20.43 49.67 1.02
N ARG A 187 21.63 49.93 1.54
CA ARG A 187 22.83 50.06 0.73
C ARG A 187 23.72 48.84 0.91
N ILE A 188 24.06 48.19 -0.20
CA ILE A 188 24.92 47.01 -0.19
C ILE A 188 26.01 47.20 -1.24
N THR A 189 27.15 46.56 -1.00
CA THR A 189 28.19 46.45 -2.01
C THR A 189 27.94 45.22 -2.88
N GLU A 190 28.62 45.17 -4.02
CA GLU A 190 28.42 44.05 -4.94
C GLU A 190 28.94 42.74 -4.34
N GLU A 191 30.05 42.80 -3.61
CA GLU A 191 30.62 41.59 -3.02
C GLU A 191 29.69 40.97 -1.99
N ALA A 192 29.07 41.80 -1.15
CA ALA A 192 28.15 41.27 -0.14
C ALA A 192 26.92 40.62 -0.80
N ALA A 193 26.38 41.26 -1.84
CA ALA A 193 25.25 40.68 -2.55
C ALA A 193 25.65 39.36 -3.22
N LEU A 194 26.86 39.31 -3.79
CA LEU A 194 27.32 38.06 -4.39
C LEU A 194 27.47 36.96 -3.34
N GLU A 195 27.99 37.30 -2.16
CA GLU A 195 28.11 36.31 -1.10
C GLU A 195 26.74 35.81 -0.65
N ILE A 196 25.76 36.71 -0.55
CA ILE A 196 24.41 36.29 -0.19
C ILE A 196 23.84 35.38 -1.27
N GLY A 197 24.06 35.71 -2.55
CA GLY A 197 23.55 34.90 -3.63
C GLY A 197 24.24 33.56 -3.79
N ARG A 198 25.48 33.43 -3.33
CA ARG A 198 26.17 32.14 -3.39
C ARG A 198 25.50 31.14 -2.47
N ARG A 199 25.02 31.57 -1.31
CA ARG A 199 24.40 30.71 -0.33
C ARG A 199 22.93 30.47 -0.59
N SER A 200 22.34 31.14 -1.57
CA SER A 200 20.97 30.86 -1.98
C SER A 200 20.94 29.57 -2.80
N ARG A 201 19.85 28.83 -2.66
CA ARG A 201 19.74 27.52 -3.29
C ARG A 201 19.16 27.62 -4.70
N GLY A 202 19.76 28.49 -5.51
CA GLY A 202 19.29 28.72 -6.86
C GLY A 202 17.91 29.32 -6.95
N THR A 203 17.47 30.03 -5.92
CA THR A 203 16.11 30.55 -5.85
C THR A 203 16.14 32.02 -5.48
N MET A 204 15.20 32.78 -6.04
CA MET A 204 15.09 34.20 -5.71
C MET A 204 14.51 34.41 -4.32
N ARG A 205 13.54 33.56 -3.93
CA ARG A 205 12.90 33.70 -2.63
C ARG A 205 13.90 33.51 -1.50
N VAL A 206 14.75 32.50 -1.61
CA VAL A 206 15.77 32.25 -0.60
C VAL A 206 16.74 33.43 -0.52
N ALA A 207 17.13 33.98 -1.68
CA ALA A 207 18.04 35.11 -1.70
C ALA A 207 17.42 36.32 -1.02
N LYS A 208 16.14 36.59 -1.28
CA LYS A 208 15.47 37.72 -0.64
C LYS A 208 15.38 37.51 0.87
N ARG A 209 15.04 36.29 1.30
CA ARG A 209 14.95 36.02 2.74
C ARG A 209 16.29 36.20 3.43
N LEU A 210 17.37 35.67 2.83
CA LEU A 210 18.70 35.82 3.41
C LEU A 210 19.12 37.29 3.42
N PHE A 211 18.79 38.04 2.38
CA PHE A 211 19.09 39.46 2.37
C PHE A 211 18.37 40.19 3.50
N ARG A 212 17.11 39.84 3.74
CA ARG A 212 16.37 40.48 4.82
C ARG A 212 16.98 40.15 6.18
N ARG A 213 17.41 38.91 6.38
CA ARG A 213 18.06 38.55 7.64
C ARG A 213 19.37 39.30 7.83
N VAL A 214 20.18 39.39 6.77
CA VAL A 214 21.43 40.15 6.86
C VAL A 214 21.15 41.63 7.11
N ARG A 215 20.06 42.14 6.52
CA ARG A 215 19.66 43.52 6.76
C ARG A 215 19.31 43.74 8.22
N ASP A 216 18.57 42.80 8.83
CA ASP A 216 18.27 42.91 10.26
C ASP A 216 19.55 42.93 11.09
N PHE A 217 20.47 42.02 10.79
CA PHE A 217 21.72 41.96 11.55
C PHE A 217 22.50 43.27 11.42
N ALA A 218 22.65 43.77 10.20
CA ALA A 218 23.43 44.99 9.99
C ALA A 218 22.76 46.20 10.62
N GLN A 219 21.44 46.29 10.53
CA GLN A 219 20.72 47.40 11.13
C GLN A 219 20.84 47.39 12.64
N VAL A 220 20.75 46.21 13.26
CA VAL A 220 20.94 46.11 14.70
C VAL A 220 22.37 46.51 15.07
N ALA A 221 23.34 46.10 14.26
CA ALA A 221 24.72 46.51 14.52
C ALA A 221 24.88 48.02 14.44
N GLY A 222 24.23 48.65 13.47
CA GLY A 222 24.28 50.10 13.33
C GLY A 222 25.19 50.56 12.21
N GLU A 223 25.20 49.83 11.10
CA GLU A 223 26.06 50.12 9.96
C GLU A 223 25.22 50.62 8.80
N GLU A 224 25.68 51.70 8.17
CA GLU A 224 24.93 52.30 7.07
C GLU A 224 25.03 51.48 5.78
N VAL A 225 26.14 50.78 5.58
CA VAL A 225 26.39 50.02 4.35
C VAL A 225 26.74 48.59 4.74
N ILE A 226 26.12 47.63 4.06
CA ILE A 226 26.36 46.21 4.31
C ILE A 226 27.52 45.78 3.41
N THR A 227 28.72 45.76 3.98
CA THR A 227 29.91 45.36 3.23
C THR A 227 29.99 43.84 3.17
N ARG A 228 31.00 43.34 2.46
CA ARG A 228 31.16 41.90 2.31
C ARG A 228 31.49 41.24 3.64
N GLU A 229 32.33 41.88 4.45
CA GLU A 229 32.69 41.30 5.75
C GLU A 229 31.48 41.20 6.67
N ARG A 230 30.66 42.25 6.70
CA ARG A 230 29.45 42.20 7.53
C ARG A 230 28.48 41.14 7.04
N ALA A 231 28.34 41.00 5.72
CA ALA A 231 27.47 39.96 5.18
C ALA A 231 27.97 38.57 5.55
N LEU A 232 29.28 38.35 5.45
CA LEU A 232 29.85 37.06 5.84
C LEU A 232 29.63 36.78 7.31
N GLU A 233 29.83 37.80 8.16
CA GLU A 233 29.61 37.63 9.59
C GLU A 233 28.15 37.29 9.89
N ALA A 234 27.22 37.98 9.23
CA ALA A 234 25.80 37.72 9.45
C ALA A 234 25.39 36.34 8.95
N LEU A 235 25.97 35.89 7.83
CA LEU A 235 25.65 34.56 7.32
C LEU A 235 26.28 33.47 8.18
N ALA A 236 27.43 33.76 8.81
CA ALA A 236 28.00 32.83 9.78
C ALA A 236 27.15 32.76 11.04
N ALA A 237 26.60 33.90 11.48
CA ALA A 237 25.69 33.89 12.62
C ALA A 237 24.43 33.10 12.32
N LEU A 238 24.05 33.00 11.04
CA LEU A 238 22.92 32.19 10.64
C LEU A 238 23.27 30.71 10.49
N GLY A 239 24.55 30.37 10.47
CA GLY A 239 24.98 28.99 10.32
C GLY A 239 24.78 28.46 8.92
N LEU A 240 25.49 29.04 7.95
CA LEU A 240 25.36 28.66 6.55
C LEU A 240 26.74 28.40 5.96
N ASP A 241 26.88 27.29 5.24
CA ASP A 241 28.10 26.99 4.52
C ASP A 241 28.16 27.81 3.23
N GLU A 242 29.28 27.67 2.52
CA GLU A 242 29.37 28.25 1.18
C GLU A 242 28.40 27.60 0.21
N LEU A 243 27.89 26.41 0.53
CA LEU A 243 26.89 25.73 -0.27
C LEU A 243 25.47 26.11 0.11
N GLY A 244 25.29 26.90 1.17
CA GLY A 244 23.96 27.21 1.66
C GLY A 244 23.37 26.17 2.58
N LEU A 245 24.17 25.20 3.04
CA LEU A 245 23.68 24.18 3.95
C LEU A 245 23.53 24.75 5.35
N GLU A 246 22.39 24.48 5.98
CA GLU A 246 22.15 24.92 7.34
C GLU A 246 22.80 23.96 8.32
N LYS A 247 22.63 24.23 9.62
CA LYS A 247 23.20 23.37 10.64
C LYS A 247 22.56 21.99 10.65
N ARG A 248 21.28 21.90 10.32
CA ARG A 248 20.59 20.61 10.35
C ARG A 248 21.07 19.70 9.22
N ASP A 249 21.31 20.26 8.03
CA ASP A 249 21.82 19.44 6.94
C ASP A 249 23.23 18.92 7.25
N ARG A 250 24.08 19.77 7.81
CA ARG A 250 25.42 19.33 8.20
C ARG A 250 25.32 18.27 9.29
N GLU A 251 24.37 18.42 10.22
CA GLU A 251 24.19 17.42 11.26
C GLU A 251 23.73 16.10 10.66
N ILE A 252 22.84 16.13 9.67
CA ILE A 252 22.40 14.92 9.00
C ILE A 252 23.59 14.21 8.36
N LEU A 253 24.42 14.96 7.65
CA LEU A 253 25.59 14.36 7.02
C LEU A 253 26.57 13.79 8.04
N GLU A 254 26.78 14.52 9.15
CA GLU A 254 27.70 14.05 10.18
C GLU A 254 27.20 12.78 10.84
N VAL A 255 25.90 12.70 11.12
CA VAL A 255 25.34 11.50 11.72
C VAL A 255 25.44 10.34 10.74
N LEU A 256 25.17 10.60 9.46
CA LEU A 256 25.24 9.54 8.45
C LEU A 256 26.67 9.00 8.32
N ILE A 257 27.67 9.88 8.38
CA ILE A 257 29.04 9.45 8.13
C ILE A 257 29.66 8.84 9.39
N LEU A 258 29.61 9.57 10.51
CA LEU A 258 30.34 9.15 11.71
C LEU A 258 29.65 8.01 12.45
N ARG A 259 28.32 8.01 12.52
CA ARG A 259 27.61 7.04 13.34
C ARG A 259 27.17 5.79 12.59
N PHE A 260 27.01 5.86 11.27
CA PHE A 260 26.57 4.72 10.48
C PHE A 260 27.59 4.32 9.41
N GLY A 261 28.80 4.88 9.45
CA GLY A 261 29.82 4.55 8.49
C GLY A 261 29.54 4.99 7.07
N GLY A 262 28.53 5.83 6.87
CA GLY A 262 28.17 6.30 5.55
C GLY A 262 27.35 5.32 4.72
N GLY A 263 27.15 4.09 5.20
CA GLY A 263 26.44 3.09 4.45
C GLY A 263 24.94 3.29 4.54
N PRO A 264 24.20 2.38 3.92
CA PRO A 264 22.74 2.46 3.95
C PRO A 264 22.22 2.36 5.37
N VAL A 265 21.23 3.20 5.68
CA VAL A 265 20.64 3.21 7.01
C VAL A 265 19.13 2.97 6.92
N GLY A 266 18.43 3.89 6.26
CA GLY A 266 16.98 3.84 6.25
C GLY A 266 16.38 5.08 6.85
N LEU A 267 15.19 5.47 6.39
CA LEU A 267 14.59 6.72 6.83
C LEU A 267 14.25 6.68 8.32
N ALA A 268 13.69 5.57 8.80
CA ALA A 268 13.26 5.50 10.19
C ALA A 268 14.43 5.57 11.16
N THR A 269 15.49 4.80 10.88
CA THR A 269 16.65 4.80 11.77
C THR A 269 17.35 6.15 11.75
N LEU A 270 17.51 6.75 10.58
CA LEU A 270 18.14 8.07 10.49
C LEU A 270 17.32 9.13 11.22
N ALA A 271 15.99 9.08 11.06
CA ALA A 271 15.13 10.04 11.75
C ALA A 271 15.20 9.85 13.26
N THR A 272 15.23 8.60 13.72
CA THR A 272 15.38 8.36 15.16
C THR A 272 16.71 8.88 15.67
N ALA A 273 17.78 8.68 14.90
CA ALA A 273 19.09 9.18 15.32
C ALA A 273 19.11 10.70 15.37
N LEU A 274 18.46 11.37 14.43
CA LEU A 274 18.42 12.82 14.38
C LEU A 274 17.34 13.42 15.26
N SER A 275 16.50 12.61 15.90
CA SER A 275 15.37 13.08 16.69
C SER A 275 14.45 13.96 15.83
N GLU A 276 14.12 13.46 14.64
CA GLU A 276 13.37 14.23 13.65
C GLU A 276 12.23 13.37 13.10
N ASP A 277 11.20 14.04 12.63
CA ASP A 277 10.12 13.35 11.94
C ASP A 277 10.66 12.75 10.65
N PRO A 278 10.41 11.46 10.36
CA PRO A 278 10.90 10.89 9.10
C PRO A 278 10.36 11.60 7.87
N GLY A 279 9.09 12.01 7.88
CA GLY A 279 8.55 12.74 6.76
C GLY A 279 9.20 14.10 6.57
N THR A 280 9.48 14.79 7.68
CA THR A 280 10.19 16.05 7.60
C THR A 280 11.58 15.86 7.00
N LEU A 281 12.29 14.84 7.46
CA LEU A 281 13.63 14.56 6.94
C LEU A 281 13.57 14.22 5.46
N GLU A 282 12.53 13.51 5.03
CA GLU A 282 12.43 13.11 3.63
C GLU A 282 12.01 14.27 2.73
N GLU A 283 11.23 15.22 3.26
CA GLU A 283 10.60 16.21 2.40
C GLU A 283 11.22 17.61 2.48
N VAL A 284 11.93 17.94 3.54
CA VAL A 284 12.47 19.28 3.73
C VAL A 284 13.98 19.32 3.53
N HIS A 285 14.69 18.41 4.18
CA HIS A 285 16.16 18.47 4.19
C HIS A 285 16.80 17.65 3.07
N GLU A 286 16.24 16.47 2.79
CA GLU A 286 16.85 15.58 1.81
C GLU A 286 16.93 16.14 0.39
N PRO A 287 15.89 16.79 -0.17
CA PRO A 287 15.97 17.16 -1.59
C PRO A 287 17.14 18.07 -1.95
N TYR A 288 17.66 18.86 -1.00
CA TYR A 288 18.83 19.68 -1.30
C TYR A 288 20.15 18.97 -1.03
N LEU A 289 20.15 17.94 -0.17
CA LEU A 289 21.33 17.09 -0.06
C LEU A 289 21.54 16.29 -1.35
N ILE A 290 20.45 15.79 -1.93
CA ILE A 290 20.42 15.35 -3.32
C ILE A 290 20.44 16.62 -4.16
N ARG A 291 20.69 16.49 -5.46
CA ARG A 291 20.79 17.63 -6.37
C ARG A 291 22.10 18.37 -6.12
N GLN A 292 22.81 17.99 -5.05
CA GLN A 292 24.12 18.52 -4.75
C GLN A 292 25.18 17.43 -4.72
N GLY A 293 24.80 16.17 -4.89
CA GLY A 293 25.75 15.07 -4.87
C GLY A 293 26.19 14.64 -3.49
N LEU A 294 25.48 15.06 -2.44
CA LEU A 294 25.83 14.70 -1.08
C LEU A 294 25.06 13.51 -0.53
N LEU A 295 24.08 12.99 -1.27
CA LEU A 295 23.23 11.94 -0.75
C LEU A 295 22.70 11.09 -1.90
N LYS A 296 22.45 9.82 -1.61
CA LYS A 296 21.82 8.90 -2.55
C LYS A 296 20.69 8.17 -1.84
N ARG A 297 19.72 7.71 -2.61
CA ARG A 297 18.55 7.01 -2.09
C ARG A 297 18.57 5.59 -2.66
N THR A 298 19.29 4.71 -1.98
CA THR A 298 19.45 3.30 -2.30
C THR A 298 18.24 2.50 -1.81
N PRO A 299 17.90 1.39 -2.47
CA PRO A 299 16.86 0.52 -1.92
C PRO A 299 17.17 -0.05 -0.55
N ARG A 300 18.44 -0.09 -0.15
CA ARG A 300 18.83 -0.55 1.17
C ARG A 300 18.95 0.58 2.19
N GLY A 301 18.76 1.83 1.79
CA GLY A 301 18.84 2.95 2.71
C GLY A 301 19.39 4.17 2.01
N ARG A 302 19.99 5.05 2.79
CA ARG A 302 20.60 6.28 2.30
C ARG A 302 22.11 6.20 2.47
N VAL A 303 22.84 6.57 1.42
CA VAL A 303 24.30 6.46 1.39
C VAL A 303 24.88 7.84 1.14
N ALA A 304 25.91 8.20 1.92
CA ALA A 304 26.63 9.44 1.72
C ALA A 304 27.71 9.25 0.65
N THR A 305 27.74 10.15 -0.32
CA THR A 305 28.68 10.05 -1.43
C THR A 305 30.04 10.62 -1.02
N GLU A 306 31.01 10.54 -1.93
CA GLU A 306 32.34 11.08 -1.66
C GLU A 306 32.31 12.59 -1.54
N LEU A 307 31.36 13.25 -2.20
CA LEU A 307 31.23 14.70 -2.07
C LEU A 307 30.88 15.08 -0.64
N ALA A 308 30.05 14.28 0.04
CA ALA A 308 29.74 14.56 1.44
C ALA A 308 30.98 14.42 2.30
N TYR A 309 31.83 13.42 2.03
CA TYR A 309 33.06 13.27 2.78
C TYR A 309 34.00 14.45 2.56
N ARG A 310 34.15 14.88 1.30
CA ARG A 310 35.07 15.97 1.01
C ARG A 310 34.56 17.30 1.55
N HIS A 311 33.25 17.53 1.51
CA HIS A 311 32.68 18.80 1.96
C HIS A 311 32.86 18.99 3.46
N LEU A 312 32.73 17.92 4.23
CA LEU A 312 32.81 18.00 5.69
C LEU A 312 34.23 17.94 6.21
N GLY A 313 35.23 17.86 5.33
CA GLY A 313 36.60 17.76 5.77
C GLY A 313 36.95 16.45 6.44
N TYR A 314 36.44 15.33 5.93
CA TYR A 314 36.74 14.01 6.44
C TYR A 314 37.64 13.26 5.46
N PRO A 315 38.43 12.30 5.94
CA PRO A 315 39.25 11.51 5.02
C PRO A 315 38.37 10.67 4.13
N PRO A 316 38.84 10.33 2.93
CA PRO A 316 38.02 9.55 2.01
C PRO A 316 37.74 8.17 2.59
N PRO A 317 36.60 7.57 2.21
CA PRO A 317 36.19 6.25 2.70
C PRO A 317 37.24 5.16 2.44
N GLU B 2 -3.13 24.36 41.16
CA GLU B 2 -4.02 24.91 40.15
C GLU B 2 -3.38 24.90 38.77
N ASP B 3 -2.18 25.47 38.66
CA ASP B 3 -1.45 25.54 37.41
C ASP B 3 -0.11 24.84 37.57
N LEU B 4 0.18 23.91 36.67
CA LEU B 4 1.46 23.21 36.65
C LEU B 4 2.35 23.61 35.49
N ALA B 5 1.78 24.03 34.37
CA ALA B 5 2.54 24.55 33.23
C ALA B 5 2.81 26.02 33.47
N LEU B 6 3.80 26.28 34.31
CA LEU B 6 4.14 27.64 34.74
C LEU B 6 4.96 28.28 33.64
N ARG B 7 4.27 28.88 32.69
CA ARG B 7 4.91 29.42 31.49
C ARG B 7 5.50 30.80 31.79
N PRO B 8 6.80 31.01 31.51
CA PRO B 8 7.36 32.36 31.62
C PRO B 8 6.74 33.31 30.61
N LYS B 9 6.68 34.58 30.98
CA LYS B 9 6.08 35.62 30.14
C LYS B 9 7.11 36.52 29.49
N THR B 10 8.40 36.37 29.80
CA THR B 10 9.43 37.26 29.32
C THR B 10 10.58 36.44 28.73
N LEU B 11 11.26 37.02 27.74
CA LEU B 11 12.43 36.37 27.17
C LEU B 11 13.57 36.27 28.18
N ASP B 12 13.57 37.11 29.22
CA ASP B 12 14.57 36.97 30.27
C ASP B 12 14.29 35.77 31.16
N GLU B 13 13.01 35.43 31.35
CA GLU B 13 12.64 34.26 32.14
C GLU B 13 12.77 32.96 31.36
N TYR B 14 12.85 33.04 30.03
CA TYR B 14 13.11 31.85 29.23
C TYR B 14 14.51 31.34 29.54
N ILE B 15 14.67 30.01 29.62
CA ILE B 15 15.80 29.45 30.35
C ILE B 15 17.05 29.31 29.49
N GLY B 16 17.00 28.49 28.44
CA GLY B 16 18.28 28.06 27.87
C GLY B 16 18.40 27.85 26.38
N GLN B 17 17.62 28.55 25.56
CA GLN B 17 17.77 28.44 24.11
C GLN B 17 18.63 29.60 23.59
N GLU B 18 19.88 29.61 24.05
CA GLU B 18 20.75 30.78 23.88
C GLU B 18 21.04 31.07 22.41
N ARG B 19 21.39 30.03 21.64
CA ARG B 19 21.71 30.26 20.24
C ARG B 19 20.50 30.77 19.48
N LEU B 20 19.32 30.21 19.76
CA LEU B 20 18.09 30.73 19.16
C LEU B 20 17.75 32.12 19.72
N LYS B 21 18.01 32.34 21.00
CA LYS B 21 17.61 33.59 21.64
C LYS B 21 18.41 34.77 21.12
N GLN B 22 19.68 34.57 20.77
CA GLN B 22 20.46 35.68 20.21
C GLN B 22 19.84 36.18 18.90
N LYS B 23 19.56 35.25 17.98
CA LYS B 23 18.94 35.63 16.72
C LYS B 23 17.54 36.20 16.93
N LEU B 24 16.78 35.63 17.87
CA LEU B 24 15.46 36.15 18.15
C LEU B 24 15.52 37.58 18.68
N ARG B 25 16.47 37.86 19.56
CA ARG B 25 16.65 39.22 20.07
C ARG B 25 17.02 40.18 18.96
N VAL B 26 17.92 39.76 18.07
CA VAL B 26 18.31 40.61 16.94
C VAL B 26 17.09 40.92 16.07
N TYR B 27 16.32 39.89 15.73
CA TYR B 27 15.15 40.09 14.86
C TYR B 27 14.12 40.98 15.52
N LEU B 28 13.85 40.76 16.82
CA LEU B 28 12.83 41.54 17.50
C LEU B 28 13.25 43.00 17.66
N GLU B 29 14.52 43.24 17.99
CA GLU B 29 15.00 44.61 18.10
C GLU B 29 14.95 45.31 16.75
N ALA B 30 15.34 44.60 15.67
CA ALA B 30 15.27 45.20 14.34
C ALA B 30 13.84 45.53 13.95
N ALA B 31 12.91 44.62 14.22
CA ALA B 31 11.51 44.87 13.88
C ALA B 31 10.94 46.04 14.67
N LYS B 32 11.28 46.12 15.96
CA LYS B 32 10.78 47.22 16.78
C LYS B 32 11.39 48.57 16.38
N ALA B 33 12.65 48.57 15.95
CA ALA B 33 13.33 49.83 15.63
C ALA B 33 12.65 50.54 14.45
N ARG B 34 12.26 49.78 13.43
CA ARG B 34 11.68 50.35 12.22
C ARG B 34 10.15 50.36 12.23
N LYS B 35 9.54 50.02 13.37
CA LYS B 35 8.09 50.12 13.55
C LYS B 35 7.34 49.31 12.49
N GLU B 36 7.79 48.09 12.28
CA GLU B 36 7.20 47.18 11.30
C GLU B 36 6.92 45.84 11.95
N PRO B 37 5.82 45.19 11.60
CA PRO B 37 5.53 43.88 12.18
C PRO B 37 6.59 42.84 11.83
N LEU B 38 6.79 41.90 12.74
CA LEU B 38 7.79 40.86 12.55
C LEU B 38 7.40 39.94 11.39
N GLU B 39 8.40 39.32 10.79
CA GLU B 39 8.15 38.38 9.70
C GLU B 39 7.46 37.12 10.24
N HIS B 40 6.85 36.38 9.34
CA HIS B 40 6.23 35.11 9.70
C HIS B 40 7.29 34.16 10.23
N LEU B 41 6.95 33.46 11.33
CA LEU B 41 7.91 32.67 12.08
C LEU B 41 7.38 31.27 12.28
N LEU B 42 8.26 30.29 12.18
CA LEU B 42 7.91 28.88 12.35
C LEU B 42 8.87 28.23 13.34
N LEU B 43 8.30 27.50 14.31
CA LEU B 43 9.08 26.77 15.30
C LEU B 43 8.80 25.29 15.17
N PHE B 44 9.84 24.48 15.26
CA PHE B 44 9.67 23.03 15.22
C PHE B 44 10.77 22.37 16.03
N GLY B 45 10.49 21.16 16.48
CA GLY B 45 11.42 20.39 17.29
C GLY B 45 10.72 19.26 18.01
N PRO B 46 11.47 18.49 18.78
CA PRO B 46 10.88 17.39 19.55
C PRO B 46 9.95 17.91 20.64
N PRO B 47 9.02 17.08 21.11
CA PRO B 47 8.04 17.56 22.09
C PRO B 47 8.68 17.97 23.41
N GLY B 48 8.03 18.92 24.09
CA GLY B 48 8.41 19.32 25.42
C GLY B 48 9.52 20.35 25.51
N LEU B 49 9.88 20.98 24.39
CA LEU B 49 11.06 21.84 24.37
C LEU B 49 10.75 23.33 24.52
N GLY B 50 9.50 23.75 24.31
CA GLY B 50 9.17 25.15 24.57
C GLY B 50 8.71 25.96 23.37
N LYS B 51 8.01 25.34 22.43
CA LYS B 51 7.54 26.08 21.26
C LYS B 51 6.38 27.02 21.62
N THR B 52 5.36 26.51 22.31
CA THR B 52 4.23 27.34 22.69
C THR B 52 4.65 28.43 23.67
N THR B 53 5.51 28.08 24.63
CA THR B 53 6.02 29.07 25.57
C THR B 53 6.78 30.16 24.83
N LEU B 54 7.59 29.79 23.84
CA LEU B 54 8.33 30.79 23.08
C LEU B 54 7.39 31.67 22.25
N ALA B 55 6.33 31.09 21.72
CA ALA B 55 5.36 31.89 20.97
C ALA B 55 4.72 32.94 21.87
N HIS B 56 4.31 32.54 23.08
CA HIS B 56 3.73 33.50 24.01
C HIS B 56 4.75 34.55 24.44
N VAL B 57 6.00 34.13 24.64
CA VAL B 57 7.05 35.07 25.04
C VAL B 57 7.30 36.09 23.94
N ILE B 58 7.32 35.64 22.68
CA ILE B 58 7.49 36.55 21.55
C ILE B 58 6.34 37.53 21.48
N ALA B 59 5.11 37.04 21.66
CA ALA B 59 3.95 37.92 21.64
C ALA B 59 4.04 38.98 22.73
N HIS B 60 4.48 38.60 23.93
CA HIS B 60 4.66 39.59 24.99
C HIS B 60 5.76 40.58 24.66
N GLU B 61 6.87 40.10 24.09
CA GLU B 61 8.00 40.97 23.80
C GLU B 61 7.64 42.01 22.74
N LEU B 62 6.91 41.60 21.71
CA LEU B 62 6.50 42.55 20.69
C LEU B 62 5.49 43.57 21.18
N GLY B 63 4.87 43.34 22.33
CA GLY B 63 3.90 44.27 22.88
C GLY B 63 2.54 44.25 22.22
N VAL B 64 2.26 43.26 21.38
CA VAL B 64 1.00 43.20 20.64
C VAL B 64 0.17 42.05 21.18
N ASN B 65 -1.07 41.99 20.71
CA ASN B 65 -1.99 40.95 21.14
C ASN B 65 -1.69 39.63 20.41
N LEU B 66 -2.13 38.54 21.01
CA LEU B 66 -1.91 37.19 20.49
C LEU B 66 -3.24 36.48 20.39
N ARG B 67 -3.57 36.01 19.18
CA ARG B 67 -4.79 35.24 18.93
C ARG B 67 -4.40 33.79 18.72
N VAL B 68 -4.77 32.93 19.67
CA VAL B 68 -4.34 31.54 19.68
C VAL B 68 -5.43 30.68 19.04
N THR B 69 -5.02 29.85 18.08
CA THR B 69 -5.90 28.86 17.47
C THR B 69 -5.10 27.57 17.30
N SER B 70 -5.71 26.60 16.63
CA SER B 70 -5.07 25.30 16.42
C SER B 70 -5.34 24.82 15.00
N GLY B 71 -4.46 23.94 14.52
CA GLY B 71 -4.62 23.33 13.23
C GLY B 71 -5.84 22.44 13.13
N PRO B 72 -5.96 21.46 14.05
CA PRO B 72 -7.17 20.63 14.05
C PRO B 72 -8.45 21.40 14.30
N ALA B 73 -8.40 22.54 14.98
CA ALA B 73 -9.60 23.32 15.23
C ALA B 73 -10.15 23.99 13.98
N ILE B 74 -9.38 24.06 12.90
CA ILE B 74 -9.82 24.70 11.67
C ILE B 74 -10.05 23.66 10.59
N PRO B 77 -11.92 25.15 5.54
CA PRO B 77 -11.32 26.12 4.64
C PRO B 77 -12.00 27.48 4.70
N GLY B 78 -13.32 27.48 4.88
CA GLY B 78 -14.07 28.72 4.99
C GLY B 78 -14.00 29.39 6.33
N ASP B 79 -13.37 28.75 7.32
CA ASP B 79 -13.21 29.36 8.63
C ASP B 79 -12.03 30.31 8.65
N LEU B 80 -10.86 29.81 8.25
CA LEU B 80 -9.62 30.59 8.34
C LEU B 80 -9.77 31.95 7.66
N ALA B 81 -10.53 32.01 6.56
CA ALA B 81 -10.79 33.30 5.92
C ALA B 81 -11.55 34.23 6.85
N ALA B 82 -12.56 33.72 7.55
CA ALA B 82 -13.33 34.56 8.46
C ALA B 82 -12.48 35.03 9.63
N ILE B 83 -11.69 34.14 10.22
CA ILE B 83 -10.80 34.55 11.32
C ILE B 83 -9.80 35.60 10.85
N LEU B 84 -9.21 35.40 9.67
CA LEU B 84 -8.23 36.37 9.17
C LEU B 84 -8.87 37.72 8.88
N ALA B 85 -10.06 37.72 8.28
CA ALA B 85 -10.70 38.97 7.86
C ALA B 85 -11.44 39.69 8.97
N ASN B 86 -11.72 39.03 10.09
CA ASN B 86 -12.53 39.66 11.13
C ASN B 86 -11.81 39.87 12.44
N SER B 87 -10.98 38.92 12.87
CA SER B 87 -10.40 38.98 14.21
C SER B 87 -8.99 39.57 14.25
N LEU B 88 -8.32 39.69 13.11
CA LEU B 88 -6.93 40.13 13.08
C LEU B 88 -6.86 41.65 13.01
N GLU B 89 -6.26 42.25 14.02
CA GLU B 89 -5.99 43.69 14.02
C GLU B 89 -4.72 43.95 13.22
N GLU B 90 -4.18 45.16 13.30
CA GLU B 90 -2.97 45.52 12.60
C GLU B 90 -1.77 45.37 13.55
N GLY B 91 -0.80 44.56 13.14
CA GLY B 91 0.39 44.34 13.93
C GLY B 91 0.30 43.27 14.98
N ASP B 92 -0.84 42.61 15.12
CA ASP B 92 -1.01 41.56 16.11
C ASP B 92 -0.57 40.21 15.53
N ILE B 93 -0.54 39.21 16.39
CA ILE B 93 0.01 37.89 16.07
C ILE B 93 -1.11 36.87 16.04
N LEU B 94 -1.12 36.04 15.00
CA LEU B 94 -2.01 34.88 14.90
C LEU B 94 -1.15 33.63 15.09
N PHE B 95 -1.35 32.94 16.21
CA PHE B 95 -0.58 31.75 16.54
C PHE B 95 -1.42 30.52 16.23
N ILE B 96 -0.95 29.70 15.29
CA ILE B 96 -1.60 28.44 14.93
C ILE B 96 -0.71 27.32 15.45
N ASP B 97 -1.23 26.54 16.38
CA ASP B 97 -0.48 25.44 16.95
C ASP B 97 -0.89 24.13 16.30
N GLU B 98 0.07 23.23 16.14
CA GLU B 98 -0.10 22.04 15.30
C GLU B 98 -0.55 22.45 13.90
N ILE B 99 0.24 23.32 13.28
CA ILE B 99 -0.08 23.87 11.97
C ILE B 99 0.02 22.84 10.85
N HIS B 100 0.66 21.69 11.10
CA HIS B 100 0.74 20.66 10.09
C HIS B 100 -0.61 20.01 9.80
N ARG B 101 -1.57 20.14 10.71
CA ARG B 101 -2.88 19.55 10.55
C ARG B 101 -3.84 20.42 9.75
N LEU B 102 -3.41 21.61 9.33
CA LEU B 102 -4.25 22.45 8.50
C LEU B 102 -4.59 21.74 7.20
N SER B 103 -5.82 21.93 6.72
CA SER B 103 -6.25 21.29 5.49
C SER B 103 -5.43 21.81 4.31
N ARG B 104 -5.24 20.95 3.31
CA ARG B 104 -4.49 21.36 2.13
C ARG B 104 -5.23 22.39 1.30
N GLN B 105 -6.52 22.61 1.56
CA GLN B 105 -7.26 23.72 0.98
C GLN B 105 -7.22 24.95 1.87
N ALA B 106 -7.28 24.76 3.18
CA ALA B 106 -7.11 25.88 4.10
C ALA B 106 -5.69 26.43 4.06
N GLU B 107 -4.72 25.59 3.68
CA GLU B 107 -3.36 26.08 3.47
C GLU B 107 -3.26 26.92 2.22
N GLU B 108 -4.03 26.59 1.19
CA GLU B 108 -4.02 27.37 -0.04
C GLU B 108 -4.71 28.72 0.12
N HIS B 109 -5.51 28.90 1.16
CA HIS B 109 -6.14 30.17 1.47
C HIS B 109 -5.32 31.02 2.43
N LEU B 110 -4.15 30.54 2.84
CA LEU B 110 -3.36 31.20 3.88
C LEU B 110 -2.10 31.87 3.33
N TYR B 111 -1.33 31.19 2.50
CA TYR B 111 -0.08 31.76 2.02
C TYR B 111 -0.28 32.90 1.01
N PRO B 112 -1.30 32.90 0.16
CA PRO B 112 -1.54 34.11 -0.63
C PRO B 112 -1.86 35.32 0.21
N ALA B 113 -2.52 35.12 1.36
CA ALA B 113 -2.75 36.20 2.32
C ALA B 113 -1.52 36.53 3.14
N MET B 114 -0.54 35.63 3.18
CA MET B 114 0.70 35.87 3.90
C MET B 114 1.69 36.67 3.07
N GLU B 115 1.80 36.36 1.78
CA GLU B 115 2.69 37.11 0.91
C GLU B 115 2.15 38.52 0.65
N ASP B 116 0.96 38.60 0.09
CA ASP B 116 0.26 39.86 -0.12
C ASP B 116 -0.91 39.93 0.85
N PHE B 117 -0.96 40.99 1.66
CA PHE B 117 -1.97 41.11 2.71
C PHE B 117 -3.33 41.51 2.11
N VAL B 118 -3.81 40.68 1.20
CA VAL B 118 -5.12 40.84 0.58
C VAL B 118 -5.81 39.48 0.55
N MET B 119 -7.11 39.49 0.82
CA MET B 119 -7.89 38.26 0.85
C MET B 119 -8.91 38.22 -0.29
N ARG B 133 -12.05 41.00 -2.86
CA ARG B 133 -10.74 41.38 -2.35
C ARG B 133 -10.86 42.21 -1.07
N LEU B 134 -10.49 41.62 0.05
CA LEU B 134 -10.49 42.32 1.34
C LEU B 134 -9.05 42.64 1.71
N GLU B 135 -8.79 43.91 2.00
CA GLU B 135 -7.44 44.38 2.30
C GLU B 135 -7.12 44.03 3.76
N LEU B 136 -6.39 42.93 3.96
CA LEU B 136 -6.04 42.50 5.29
C LEU B 136 -5.03 43.46 5.92
N PRO B 137 -5.03 43.59 7.24
CA PRO B 137 -4.00 44.40 7.90
C PRO B 137 -2.69 43.64 8.00
N ARG B 138 -1.65 44.37 8.43
CA ARG B 138 -0.34 43.77 8.59
C ARG B 138 -0.33 42.88 9.84
N PHE B 139 -0.14 41.58 9.65
CA PHE B 139 -0.12 40.63 10.75
C PHE B 139 1.05 39.67 10.55
N THR B 140 1.51 39.08 11.65
CA THR B 140 2.55 38.07 11.62
C THR B 140 1.98 36.73 12.10
N LEU B 141 2.31 35.67 11.38
CA LEU B 141 1.85 34.33 11.70
C LEU B 141 2.96 33.55 12.38
N ILE B 142 2.63 32.89 13.48
CA ILE B 142 3.55 32.02 14.19
C ILE B 142 2.99 30.61 14.11
N GLY B 143 3.79 29.68 13.61
CA GLY B 143 3.40 28.29 13.50
C GLY B 143 4.32 27.41 14.34
N ALA B 144 3.71 26.49 15.09
CA ALA B 144 4.44 25.55 15.93
C ALA B 144 3.97 24.14 15.61
N THR B 145 4.92 23.27 15.29
CA THR B 145 4.58 21.90 14.94
C THR B 145 5.79 21.01 15.18
N THR B 146 5.53 19.70 15.26
CA THR B 146 6.59 18.71 15.34
C THR B 146 6.93 18.10 13.98
N ARG B 147 6.05 18.25 12.99
CA ARG B 147 6.20 17.60 11.68
C ARG B 147 6.06 18.64 10.58
N PRO B 148 7.13 19.40 10.31
CA PRO B 148 7.07 20.36 9.19
C PRO B 148 6.94 19.69 7.82
N GLY B 149 7.10 18.38 7.73
CA GLY B 149 6.96 17.70 6.46
C GLY B 149 5.54 17.63 5.95
N LEU B 150 4.55 17.77 6.83
CA LEU B 150 3.15 17.81 6.40
C LEU B 150 2.73 19.18 5.89
N ILE B 151 3.58 20.20 6.03
CA ILE B 151 3.30 21.53 5.53
C ILE B 151 3.67 21.59 4.06
N THR B 152 2.76 22.08 3.22
CA THR B 152 3.03 22.17 1.79
C THR B 152 4.17 23.14 1.52
N ALA B 153 4.94 22.84 0.47
CA ALA B 153 6.07 23.70 0.12
C ALA B 153 5.68 25.14 -0.17
N PRO B 154 4.58 25.43 -0.89
CA PRO B 154 4.17 26.84 -1.04
C PRO B 154 3.96 27.54 0.29
N LEU B 155 3.37 26.86 1.28
CA LEU B 155 3.19 27.47 2.59
C LEU B 155 4.51 27.55 3.35
N LEU B 156 5.33 26.51 3.26
CA LEU B 156 6.60 26.49 3.98
C LEU B 156 7.59 27.52 3.45
N SER B 157 7.42 27.98 2.20
CA SER B 157 8.34 28.92 1.60
C SER B 157 8.00 30.38 1.92
N ARG B 158 6.86 30.65 2.56
CA ARG B 158 6.46 32.00 2.91
C ARG B 158 6.83 32.38 4.34
N PHE B 159 7.49 31.49 5.08
CA PHE B 159 7.89 31.77 6.45
C PHE B 159 9.24 32.48 6.45
N GLY B 160 9.25 33.72 6.94
CA GLY B 160 10.48 34.49 6.94
C GLY B 160 11.55 33.93 7.86
N ILE B 161 11.13 33.46 9.04
CA ILE B 161 12.05 32.92 10.04
C ILE B 161 11.61 31.49 10.36
N VAL B 162 12.54 30.55 10.24
CA VAL B 162 12.30 29.16 10.59
C VAL B 162 13.37 28.74 11.59
N GLU B 163 12.95 28.28 12.77
CA GLU B 163 13.86 28.00 13.87
C GLU B 163 13.60 26.59 14.40
N HIS B 164 14.65 26.01 15.01
CA HIS B 164 14.61 24.67 15.55
C HIS B 164 14.95 24.72 17.04
N LEU B 165 14.14 24.05 17.84
CA LEU B 165 14.33 23.98 19.29
C LEU B 165 15.23 22.81 19.63
N GLU B 166 16.19 23.04 20.53
CA GLU B 166 17.18 22.04 20.89
C GLU B 166 17.00 21.59 22.34
N TYR B 167 17.68 20.50 22.67
CA TYR B 167 17.61 19.94 24.02
C TYR B 167 18.32 20.85 25.01
N TYR B 168 18.03 20.63 26.29
CA TYR B 168 18.57 21.44 27.37
C TYR B 168 19.69 20.71 28.07
N THR B 169 20.72 21.45 28.48
CA THR B 169 21.78 20.91 29.30
C THR B 169 21.24 20.66 30.72
N PRO B 170 21.87 19.76 31.48
CA PRO B 170 21.38 19.50 32.84
C PRO B 170 21.31 20.72 33.73
N GLU B 171 22.19 21.71 33.53
CA GLU B 171 22.15 22.89 34.39
C GLU B 171 20.93 23.75 34.09
N GLU B 172 20.55 23.88 32.82
CA GLU B 172 19.33 24.61 32.49
C GLU B 172 18.09 23.90 33.03
N LEU B 173 18.08 22.57 32.96
CA LEU B 173 16.98 21.82 33.56
C LEU B 173 16.94 22.01 35.07
N ALA B 174 18.11 22.08 35.71
CA ALA B 174 18.14 22.38 37.14
C ALA B 174 17.58 23.76 37.43
N GLN B 175 17.91 24.75 36.60
CA GLN B 175 17.34 26.09 36.75
C GLN B 175 15.82 26.05 36.63
N GLY B 176 15.31 25.30 35.65
CA GLY B 176 13.87 25.17 35.50
C GLY B 176 13.22 24.51 36.69
N VAL B 177 13.86 23.47 37.24
CA VAL B 177 13.34 22.79 38.41
C VAL B 177 13.30 23.73 39.60
N MET B 178 14.36 24.52 39.79
CA MET B 178 14.37 25.49 40.89
C MET B 178 13.29 26.55 40.72
N ARG B 179 13.07 27.01 39.48
CA ARG B 179 12.01 27.97 39.25
C ARG B 179 10.64 27.39 39.56
N ASP B 180 10.40 26.14 39.15
CA ASP B 180 9.12 25.50 39.45
C ASP B 180 8.93 25.30 40.95
N ALA B 181 10.00 24.92 41.65
CA ALA B 181 9.92 24.76 43.10
C ALA B 181 9.61 26.09 43.78
N ARG B 182 10.26 27.17 43.33
CA ARG B 182 9.99 28.49 43.90
C ARG B 182 8.56 28.92 43.66
N LEU B 183 8.04 28.70 42.45
CA LEU B 183 6.68 29.11 42.14
C LEU B 183 5.65 28.27 42.88
N LEU B 184 5.92 26.97 43.05
CA LEU B 184 4.98 26.11 43.75
C LEU B 184 5.01 26.30 45.26
N GLY B 185 6.16 26.68 45.80
CA GLY B 185 6.33 26.80 47.23
C GLY B 185 7.16 25.71 47.90
N VAL B 186 7.79 24.84 47.12
CA VAL B 186 8.59 23.74 47.65
C VAL B 186 10.01 24.22 47.87
N ARG B 187 10.63 23.73 48.94
CA ARG B 187 12.02 24.06 49.25
C ARG B 187 12.92 22.94 48.74
N ILE B 188 13.80 23.27 47.80
CA ILE B 188 14.70 22.30 47.19
C ILE B 188 16.10 22.91 47.12
N THR B 189 17.10 22.05 47.06
CA THR B 189 18.50 22.45 47.00
C THR B 189 19.00 22.36 45.57
N GLU B 190 19.99 23.18 45.25
CA GLU B 190 20.55 23.19 43.89
C GLU B 190 21.15 21.84 43.53
N GLU B 191 21.87 21.21 44.48
CA GLU B 191 22.39 19.88 44.24
C GLU B 191 21.27 18.86 44.07
N ALA B 192 20.15 19.05 44.75
CA ALA B 192 19.01 18.17 44.56
C ALA B 192 18.41 18.36 43.17
N ALA B 193 18.39 19.59 42.66
CA ALA B 193 17.87 19.84 41.32
C ALA B 193 18.81 19.33 40.25
N LEU B 194 20.11 19.26 40.54
CA LEU B 194 21.07 18.74 39.56
C LEU B 194 20.78 17.29 39.23
N GLU B 195 20.43 16.48 40.23
CA GLU B 195 20.11 15.08 39.97
C GLU B 195 18.89 14.94 39.08
N ILE B 196 17.85 15.73 39.35
CA ILE B 196 16.64 15.68 38.52
C ILE B 196 16.96 16.14 37.10
N GLY B 197 17.85 17.13 36.96
CA GLY B 197 18.25 17.55 35.63
C GLY B 197 19.03 16.49 34.89
N ARG B 198 19.94 15.80 35.58
CA ARG B 198 20.69 14.73 34.95
C ARG B 198 19.78 13.59 34.50
N ARG B 199 18.81 13.23 35.34
CA ARG B 199 17.90 12.15 35.00
C ARG B 199 16.82 12.56 34.02
N SER B 200 16.68 13.85 33.74
CA SER B 200 15.76 14.30 32.72
C SER B 200 16.38 14.09 31.34
N ARG B 201 15.53 13.79 30.36
CA ARG B 201 16.01 13.41 29.03
C ARG B 201 16.14 14.61 28.11
N GLY B 202 16.83 15.64 28.58
CA GLY B 202 17.00 16.85 27.79
C GLY B 202 15.73 17.62 27.54
N THR B 203 14.66 17.33 28.30
CA THR B 203 13.36 17.92 28.08
C THR B 203 12.91 18.64 29.34
N MET B 204 12.27 19.79 29.18
CA MET B 204 11.81 20.56 30.33
C MET B 204 10.56 19.94 30.96
N ARG B 205 9.67 19.40 30.13
CA ARG B 205 8.46 18.78 30.64
C ARG B 205 8.81 17.54 31.48
N VAL B 206 9.78 16.75 31.04
CA VAL B 206 10.22 15.60 31.82
C VAL B 206 10.80 16.05 33.14
N ALA B 207 11.57 17.14 33.14
CA ALA B 207 12.14 17.65 34.38
C ALA B 207 11.06 18.10 35.35
N LYS B 208 10.04 18.79 34.84
CA LYS B 208 8.93 19.22 35.70
C LYS B 208 8.19 18.02 36.28
N ARG B 209 7.96 17.00 35.45
CA ARG B 209 7.27 15.80 35.91
C ARG B 209 8.07 15.07 36.98
N LEU B 210 9.38 14.94 36.77
CA LEU B 210 10.22 14.27 37.77
C LEU B 210 10.27 15.07 39.07
N PHE B 211 10.33 16.40 38.97
CA PHE B 211 10.28 17.21 40.17
C PHE B 211 8.97 17.02 40.92
N ARG B 212 7.86 16.93 40.18
CA ARG B 212 6.57 16.73 40.83
C ARG B 212 6.50 15.38 41.53
N ARG B 213 7.05 14.33 40.91
CA ARG B 213 7.05 13.01 41.55
C ARG B 213 7.92 13.01 42.80
N VAL B 214 9.10 13.65 42.73
CA VAL B 214 9.95 13.74 43.91
C VAL B 214 9.26 14.56 45.00
N ARG B 215 8.52 15.59 44.60
CA ARG B 215 7.74 16.38 45.56
C ARG B 215 6.69 15.54 46.24
N ASP B 216 5.99 14.69 45.48
CA ASP B 216 4.99 13.80 46.08
C ASP B 216 5.64 12.86 47.09
N PHE B 217 6.77 12.26 46.72
CA PHE B 217 7.45 11.34 47.62
C PHE B 217 7.91 12.04 48.89
N ALA B 218 8.48 13.24 48.75
CA ALA B 218 8.97 13.97 49.92
C ALA B 218 7.82 14.42 50.82
N GLN B 219 6.70 14.87 50.22
CA GLN B 219 5.56 15.29 51.01
C GLN B 219 4.95 14.12 51.77
N VAL B 220 4.84 12.96 51.13
CA VAL B 220 4.35 11.77 51.82
C VAL B 220 5.30 11.39 52.94
N ALA B 221 6.61 11.43 52.68
CA ALA B 221 7.59 11.12 53.71
C ALA B 221 7.65 12.16 54.82
N GLY B 222 7.02 13.32 54.64
CA GLY B 222 7.01 14.36 55.65
C GLY B 222 8.20 15.29 55.66
N GLU B 223 9.14 15.12 54.74
CA GLU B 223 10.32 15.98 54.69
C GLU B 223 9.92 17.39 54.27
N GLU B 224 10.55 18.39 54.91
CA GLU B 224 10.25 19.78 54.62
C GLU B 224 11.20 20.40 53.61
N VAL B 225 12.44 19.93 53.53
CA VAL B 225 13.42 20.41 52.56
C VAL B 225 13.93 19.22 51.76
N ILE B 226 13.88 19.33 50.44
CA ILE B 226 14.32 18.24 49.55
C ILE B 226 15.81 18.45 49.32
N THR B 227 16.62 17.84 50.18
CA THR B 227 18.07 17.87 50.01
C THR B 227 18.48 16.88 48.92
N ARG B 228 19.78 16.79 48.68
CA ARG B 228 20.27 15.89 47.65
C ARG B 228 20.00 14.43 48.01
N GLU B 229 20.20 14.06 49.28
CA GLU B 229 20.00 12.67 49.68
C GLU B 229 18.54 12.26 49.56
N ARG B 230 17.62 13.13 50.00
CA ARG B 230 16.19 12.81 49.88
C ARG B 230 15.75 12.74 48.43
N ALA B 231 16.29 13.63 47.59
CA ALA B 231 15.98 13.56 46.16
C ALA B 231 16.50 12.26 45.55
N LEU B 232 17.70 11.84 45.95
CA LEU B 232 18.24 10.57 45.44
C LEU B 232 17.39 9.39 45.89
N GLU B 233 16.92 9.41 47.14
CA GLU B 233 16.04 8.36 47.62
C GLU B 233 14.75 8.32 46.82
N ALA B 234 14.15 9.48 46.58
CA ALA B 234 12.91 9.53 45.80
C ALA B 234 13.14 9.04 44.37
N LEU B 235 14.26 9.43 43.76
CA LEU B 235 14.54 9.01 42.39
C LEU B 235 14.78 7.50 42.31
N ALA B 236 15.46 6.94 43.32
CA ALA B 236 15.63 5.49 43.38
C ALA B 236 14.28 4.79 43.55
N ALA B 237 13.39 5.38 44.35
CA ALA B 237 12.06 4.81 44.51
C ALA B 237 11.30 4.84 43.18
N LEU B 238 11.45 5.92 42.41
CA LEU B 238 10.87 5.96 41.07
C LEU B 238 11.49 4.91 40.14
N GLY B 239 12.69 4.45 40.44
CA GLY B 239 13.35 3.46 39.60
C GLY B 239 14.06 4.10 38.41
N LEU B 240 15.00 5.01 38.67
CA LEU B 240 15.74 5.69 37.64
C LEU B 240 17.23 5.55 37.87
N ASP B 241 17.98 5.33 36.80
CA ASP B 241 19.43 5.24 36.85
C ASP B 241 20.04 6.62 37.00
N GLU B 242 21.37 6.70 36.93
CA GLU B 242 22.02 7.99 36.80
C GLU B 242 21.88 8.55 35.39
N LEU B 243 21.47 7.73 34.43
CA LEU B 243 21.20 8.16 33.07
C LEU B 243 19.72 8.35 32.80
N GLY B 244 18.88 8.27 33.83
CA GLY B 244 17.45 8.42 33.63
C GLY B 244 16.77 7.23 33.02
N LEU B 245 17.34 6.04 33.15
CA LEU B 245 16.76 4.83 32.60
C LEU B 245 15.82 4.19 33.62
N GLU B 246 14.62 3.83 33.17
CA GLU B 246 13.68 3.13 34.03
C GLU B 246 14.00 1.64 34.06
N LYS B 247 13.22 0.90 34.84
CA LYS B 247 13.40 -0.55 34.90
C LYS B 247 13.10 -1.21 33.57
N ARG B 248 12.08 -0.72 32.85
CA ARG B 248 11.73 -1.28 31.56
C ARG B 248 12.83 -1.05 30.53
N ASP B 249 13.56 0.06 30.64
CA ASP B 249 14.68 0.31 29.73
C ASP B 249 15.89 -0.54 30.08
N ARG B 250 16.10 -0.79 31.38
CA ARG B 250 17.20 -1.65 31.79
C ARG B 250 16.95 -3.11 31.43
N GLU B 251 15.67 -3.53 31.43
CA GLU B 251 15.36 -4.91 31.06
C GLU B 251 15.73 -5.19 29.61
N ILE B 252 15.57 -4.19 28.73
CA ILE B 252 15.93 -4.39 27.33
C ILE B 252 17.41 -4.71 27.19
N LEU B 253 18.26 -3.89 27.84
CA LEU B 253 19.70 -4.12 27.76
C LEU B 253 20.11 -5.41 28.44
N GLU B 254 19.47 -5.75 29.58
CA GLU B 254 19.79 -6.99 30.27
C GLU B 254 19.45 -8.20 29.41
N VAL B 255 18.28 -8.19 28.77
CA VAL B 255 17.90 -9.30 27.89
C VAL B 255 18.82 -9.37 26.69
N LEU B 256 19.17 -8.22 26.11
CA LEU B 256 20.06 -8.21 24.96
C LEU B 256 21.43 -8.77 25.31
N ILE B 257 21.98 -8.38 26.46
CA ILE B 257 23.33 -8.81 26.83
C ILE B 257 23.34 -10.28 27.26
N LEU B 258 22.38 -10.68 28.09
CA LEU B 258 22.42 -12.00 28.71
C LEU B 258 21.81 -13.09 27.82
N ARG B 259 20.57 -12.89 27.38
CA ARG B 259 19.85 -13.93 26.65
C ARG B 259 20.26 -14.02 25.19
N PHE B 260 20.95 -13.01 24.64
CA PHE B 260 21.33 -13.02 23.23
C PHE B 260 22.80 -12.75 23.00
N GLY B 261 23.60 -12.56 24.05
CA GLY B 261 25.00 -12.30 23.90
C GLY B 261 25.36 -10.89 23.47
N GLY B 262 24.39 -9.99 23.36
CA GLY B 262 24.63 -8.65 22.90
C GLY B 262 24.65 -8.48 21.40
N GLY B 263 24.65 -9.57 20.64
CA GLY B 263 24.76 -9.50 19.20
C GLY B 263 23.44 -9.14 18.55
N PRO B 264 23.45 -9.06 17.23
CA PRO B 264 22.23 -8.68 16.50
C PRO B 264 21.09 -9.64 16.80
N VAL B 265 19.91 -9.06 17.04
CA VAL B 265 18.73 -9.86 17.37
C VAL B 265 17.61 -9.59 16.38
N GLY B 266 17.13 -8.36 16.33
CA GLY B 266 15.98 -8.08 15.51
C GLY B 266 14.78 -7.66 16.35
N LEU B 267 13.89 -6.88 15.72
CA LEU B 267 12.76 -6.31 16.45
C LEU B 267 11.79 -7.39 16.93
N ALA B 268 11.45 -8.35 16.07
CA ALA B 268 10.45 -9.35 16.43
C ALA B 268 10.94 -10.26 17.55
N THR B 269 12.17 -10.75 17.44
CA THR B 269 12.70 -11.65 18.46
C THR B 269 12.85 -10.93 19.79
N LEU B 270 13.37 -9.71 19.78
CA LEU B 270 13.54 -8.96 21.01
C LEU B 270 12.19 -8.63 21.65
N ALA B 271 11.20 -8.25 20.83
CA ALA B 271 9.88 -7.96 21.37
C ALA B 271 9.23 -9.19 21.97
N THR B 272 9.37 -10.34 21.31
CA THR B 272 8.82 -11.58 21.86
C THR B 272 9.51 -11.96 23.16
N ALA B 273 10.83 -11.82 23.21
CA ALA B 273 11.57 -12.17 24.43
C ALA B 273 11.25 -11.25 25.60
N LEU B 274 10.76 -10.04 25.33
CA LEU B 274 10.45 -9.08 26.37
C LEU B 274 8.96 -8.97 26.65
N SER B 275 8.14 -9.80 26.02
CA SER B 275 6.68 -9.75 26.18
C SER B 275 6.16 -8.36 25.89
N GLU B 276 6.67 -7.75 24.81
CA GLU B 276 6.38 -6.37 24.46
C GLU B 276 5.90 -6.30 23.02
N ASP B 277 5.09 -5.29 22.74
CA ASP B 277 4.72 -5.01 21.36
C ASP B 277 5.94 -4.49 20.61
N PRO B 278 6.18 -4.95 19.38
CA PRO B 278 7.34 -4.43 18.63
C PRO B 278 7.27 -2.94 18.38
N GLY B 279 6.08 -2.39 18.14
CA GLY B 279 5.98 -0.97 17.86
C GLY B 279 6.39 -0.10 19.04
N THR B 280 5.91 -0.44 20.24
CA THR B 280 6.30 0.35 21.41
C THR B 280 7.78 0.16 21.73
N LEU B 281 8.29 -1.07 21.61
CA LEU B 281 9.72 -1.30 21.84
C LEU B 281 10.56 -0.52 20.84
N GLU B 282 10.02 -0.24 19.65
CA GLU B 282 10.73 0.49 18.63
C GLU B 282 10.61 2.00 18.77
N GLU B 283 9.50 2.50 19.32
CA GLU B 283 9.24 3.93 19.29
C GLU B 283 9.12 4.61 20.65
N VAL B 284 9.13 3.88 21.76
CA VAL B 284 8.95 4.50 23.07
C VAL B 284 10.19 4.28 23.92
N HIS B 285 10.88 3.15 23.70
CA HIS B 285 12.01 2.76 24.53
C HIS B 285 13.36 2.90 23.84
N GLU B 286 13.43 2.56 22.56
CA GLU B 286 14.68 2.49 21.82
C GLU B 286 15.29 3.86 21.48
N PRO B 287 14.50 4.89 21.13
CA PRO B 287 15.13 6.17 20.75
C PRO B 287 16.08 6.76 21.80
N TYR B 288 15.73 6.69 23.08
CA TYR B 288 16.62 7.27 24.09
C TYR B 288 17.85 6.40 24.32
N LEU B 289 17.72 5.08 24.21
CA LEU B 289 18.88 4.21 24.31
C LEU B 289 19.84 4.46 23.15
N ILE B 290 19.30 4.72 21.96
CA ILE B 290 20.13 5.05 20.81
C ILE B 290 20.79 6.40 20.99
N ARG B 291 20.06 7.37 21.54
CA ARG B 291 20.61 8.71 21.75
C ARG B 291 21.78 8.67 22.73
N GLN B 292 21.66 7.89 23.80
CA GLN B 292 22.72 7.79 24.80
C GLN B 292 23.90 6.95 24.35
N GLY B 293 23.80 6.30 23.20
CA GLY B 293 24.88 5.43 22.74
C GLY B 293 24.88 4.06 23.37
N LEU B 294 23.79 3.66 24.01
CA LEU B 294 23.68 2.36 24.65
C LEU B 294 23.10 1.29 23.73
N LEU B 295 22.80 1.64 22.49
CA LEU B 295 22.18 0.70 21.56
C LEU B 295 22.56 1.10 20.14
N LYS B 296 22.62 0.10 19.26
CA LYS B 296 22.95 0.32 17.86
C LYS B 296 21.96 -0.45 16.98
N ARG B 297 21.60 0.15 15.84
CA ARG B 297 20.72 -0.51 14.88
C ARG B 297 21.56 -0.98 13.70
N THR B 298 22.14 -2.16 13.87
CA THR B 298 22.86 -2.82 12.79
C THR B 298 21.86 -3.36 11.77
N PRO B 299 22.24 -3.45 10.49
CA PRO B 299 21.37 -4.13 9.53
C PRO B 299 21.09 -5.59 9.87
N ARG B 300 21.95 -6.23 10.66
CA ARG B 300 21.69 -7.58 11.13
C ARG B 300 20.79 -7.62 12.35
N GLY B 301 20.59 -6.51 13.03
CA GLY B 301 19.73 -6.46 14.20
C GLY B 301 20.19 -5.40 15.18
N ARG B 302 19.71 -5.53 16.41
CA ARG B 302 20.08 -4.62 17.48
C ARG B 302 21.30 -5.15 18.23
N VAL B 303 22.24 -4.26 18.52
CA VAL B 303 23.49 -4.61 19.17
C VAL B 303 23.68 -3.71 20.39
N ALA B 304 24.07 -4.32 21.51
CA ALA B 304 24.38 -3.57 22.72
C ALA B 304 25.85 -3.15 22.70
N THR B 305 26.08 -1.85 22.87
CA THR B 305 27.43 -1.30 22.78
C THR B 305 28.20 -1.53 24.09
N GLU B 306 29.46 -1.10 24.11
CA GLU B 306 30.27 -1.21 25.31
C GLU B 306 29.75 -0.31 26.43
N LEU B 307 29.11 0.81 26.08
CA LEU B 307 28.51 1.66 27.09
C LEU B 307 27.41 0.93 27.86
N ALA B 308 26.59 0.15 27.15
CA ALA B 308 25.57 -0.65 27.83
C ALA B 308 26.20 -1.71 28.71
N TYR B 309 27.32 -2.29 28.26
CA TYR B 309 27.99 -3.33 29.05
C TYR B 309 28.53 -2.76 30.35
N ARG B 310 29.27 -1.65 30.27
CA ARG B 310 29.88 -1.10 31.47
C ARG B 310 28.92 -0.26 32.29
N HIS B 311 27.74 0.07 31.75
CA HIS B 311 26.73 0.76 32.53
C HIS B 311 26.00 -0.19 33.48
N LEU B 312 25.84 -1.44 33.09
CA LEU B 312 25.16 -2.45 33.89
C LEU B 312 26.13 -3.26 34.74
N GLY B 313 27.40 -2.87 34.80
CA GLY B 313 28.37 -3.58 35.60
C GLY B 313 28.73 -4.96 35.08
N TYR B 314 28.86 -5.12 33.77
CA TYR B 314 29.29 -6.36 33.17
C TYR B 314 30.69 -6.23 32.59
N PRO B 315 31.47 -7.32 32.55
CA PRO B 315 32.77 -7.25 31.90
C PRO B 315 32.62 -7.00 30.41
N PRO B 316 33.58 -6.31 29.79
CA PRO B 316 33.45 -6.04 28.37
C PRO B 316 33.50 -7.31 27.56
N PRO B 317 32.86 -7.33 26.37
CA PRO B 317 32.81 -8.51 25.50
C PRO B 317 34.19 -9.02 25.10
N GLU C 2 -24.04 -15.62 37.49
CA GLU C 2 -23.60 -14.41 38.14
C GLU C 2 -22.65 -13.61 37.23
N ASP C 3 -21.53 -13.15 37.79
CA ASP C 3 -20.55 -12.39 37.03
C ASP C 3 -19.25 -13.18 36.99
N LEU C 4 -18.69 -13.34 35.80
CA LEU C 4 -17.44 -14.06 35.62
C LEU C 4 -16.23 -13.14 35.55
N ALA C 5 -16.43 -11.83 35.64
CA ALA C 5 -15.35 -10.87 35.62
C ALA C 5 -15.36 -10.11 36.93
N LEU C 6 -15.43 -10.83 38.05
CA LEU C 6 -15.52 -10.22 39.37
C LEU C 6 -14.32 -9.34 39.65
N ARG C 7 -14.53 -8.02 39.66
CA ARG C 7 -13.43 -7.07 39.78
C ARG C 7 -13.33 -6.56 41.21
N PRO C 8 -12.14 -6.50 41.79
CA PRO C 8 -12.00 -5.90 43.12
C PRO C 8 -12.34 -4.43 43.09
N LYS C 9 -12.91 -3.94 44.20
CA LYS C 9 -13.32 -2.55 44.32
C LYS C 9 -12.30 -1.69 45.06
N THR C 10 -11.40 -2.29 45.82
CA THR C 10 -10.50 -1.56 46.70
C THR C 10 -9.05 -1.96 46.39
N LEU C 11 -8.13 -1.02 46.63
CA LEU C 11 -6.71 -1.31 46.44
C LEU C 11 -6.22 -2.41 47.38
N ASP C 12 -6.93 -2.66 48.48
CA ASP C 12 -6.56 -3.77 49.35
C ASP C 12 -6.99 -5.10 48.75
N GLU C 13 -8.11 -5.14 48.04
CA GLU C 13 -8.52 -6.36 47.34
C GLU C 13 -7.70 -6.63 46.09
N TYR C 14 -7.00 -5.63 45.58
CA TYR C 14 -6.05 -5.87 44.51
C TYR C 14 -4.90 -6.72 45.04
N ILE C 15 -4.45 -7.68 44.24
CA ILE C 15 -3.73 -8.83 44.80
C ILE C 15 -2.21 -8.66 44.75
N GLY C 16 -1.63 -8.51 43.57
CA GLY C 16 -0.19 -8.72 43.49
C GLY C 16 0.66 -7.77 42.67
N GLN C 17 0.28 -6.51 42.57
CA GLN C 17 1.13 -5.51 41.93
C GLN C 17 1.87 -4.69 42.97
N GLU C 18 2.74 -5.37 43.73
CA GLU C 18 3.35 -4.77 44.91
C GLU C 18 4.21 -3.56 44.55
N ARG C 19 5.10 -3.73 43.56
CA ARG C 19 5.97 -2.63 43.17
C ARG C 19 5.17 -1.45 42.64
N LEU C 20 4.17 -1.72 41.80
CA LEU C 20 3.31 -0.65 41.30
C LEU C 20 2.49 -0.02 42.41
N LYS C 21 1.92 -0.85 43.30
CA LYS C 21 1.06 -0.33 44.36
C LYS C 21 1.83 0.52 45.35
N GLN C 22 3.11 0.23 45.56
CA GLN C 22 3.91 1.01 46.49
C GLN C 22 4.00 2.47 46.05
N LYS C 23 4.20 2.71 44.76
CA LYS C 23 4.20 4.07 44.24
C LYS C 23 2.79 4.64 44.09
N LEU C 24 1.82 3.79 43.72
CA LEU C 24 0.46 4.27 43.53
C LEU C 24 -0.13 4.80 44.84
N ARG C 25 0.15 4.12 45.95
CA ARG C 25 -0.33 4.59 47.25
C ARG C 25 0.24 5.96 47.59
N VAL C 26 1.54 6.17 47.31
CA VAL C 26 2.16 7.46 47.57
C VAL C 26 1.52 8.54 46.72
N TYR C 27 1.31 8.26 45.42
CA TYR C 27 0.70 9.25 44.53
C TYR C 27 -0.71 9.60 44.98
N LEU C 28 -1.52 8.59 45.30
CA LEU C 28 -2.90 8.84 45.72
C LEU C 28 -2.95 9.60 47.04
N GLU C 29 -2.09 9.23 48.00
CA GLU C 29 -2.08 9.93 49.28
C GLU C 29 -1.66 11.39 49.11
N ALA C 30 -0.65 11.64 48.28
CA ALA C 30 -0.22 13.02 48.03
C ALA C 30 -1.31 13.83 47.35
N ALA C 31 -1.99 13.22 46.38
CA ALA C 31 -3.06 13.93 45.68
C ALA C 31 -4.22 14.25 46.62
N LYS C 32 -4.60 13.30 47.47
CA LYS C 32 -5.71 13.54 48.39
C LYS C 32 -5.35 14.53 49.49
N ALA C 33 -4.10 14.53 49.93
CA ALA C 33 -3.69 15.48 50.96
C ALA C 33 -3.70 16.91 50.45
N ARG C 34 -3.39 17.11 49.17
CA ARG C 34 -3.36 18.45 48.57
C ARG C 34 -4.73 18.90 48.08
N LYS C 35 -5.76 18.07 48.21
CA LYS C 35 -7.11 18.38 47.72
C LYS C 35 -7.09 18.72 46.23
N GLU C 36 -6.29 17.98 45.47
CA GLU C 36 -6.13 18.21 44.04
C GLU C 36 -6.34 16.91 43.28
N PRO C 37 -6.82 16.98 42.05
CA PRO C 37 -6.98 15.76 41.25
C PRO C 37 -5.63 15.16 40.87
N LEU C 38 -5.66 13.87 40.57
CA LEU C 38 -4.45 13.14 40.22
C LEU C 38 -3.95 13.57 38.84
N GLU C 39 -2.68 13.29 38.59
CA GLU C 39 -2.10 13.51 37.28
C GLU C 39 -2.65 12.49 36.28
N HIS C 40 -2.55 12.82 34.99
CA HIS C 40 -2.95 11.90 33.96
C HIS C 40 -2.11 10.63 34.02
N LEU C 41 -2.77 9.48 33.90
CA LEU C 41 -2.15 8.19 34.20
C LEU C 41 -2.29 7.26 33.00
N LEU C 42 -1.22 6.52 32.71
CA LEU C 42 -1.20 5.53 31.63
C LEU C 42 -0.78 4.19 32.18
N LEU C 43 -1.53 3.15 31.84
CA LEU C 43 -1.24 1.77 32.23
C LEU C 43 -1.08 0.92 30.99
N PHE C 44 -0.02 0.11 30.95
CA PHE C 44 0.20 -0.75 29.79
C PHE C 44 0.86 -2.05 30.25
N GLY C 45 0.76 -3.06 29.40
CA GLY C 45 1.29 -4.37 29.68
C GLY C 45 0.59 -5.43 28.84
N PRO C 46 0.97 -6.69 29.02
CA PRO C 46 0.31 -7.77 28.28
C PRO C 46 -1.11 -7.98 28.78
N PRO C 47 -1.97 -8.61 27.98
CA PRO C 47 -3.38 -8.74 28.34
C PRO C 47 -3.58 -9.59 29.59
N GLY C 48 -4.65 -9.26 30.33
CA GLY C 48 -5.11 -10.08 31.42
C GLY C 48 -4.47 -9.84 32.77
N LEU C 49 -3.76 -8.71 32.95
CA LEU C 49 -3.02 -8.48 34.17
C LEU C 49 -3.71 -7.51 35.13
N GLY C 50 -4.70 -6.75 34.68
CA GLY C 50 -5.47 -5.94 35.59
C GLY C 50 -5.41 -4.43 35.39
N LYS C 51 -5.26 -3.98 34.15
CA LYS C 51 -5.30 -2.54 33.89
C LYS C 51 -6.70 -1.97 34.06
N THR C 52 -7.69 -2.63 33.46
CA THR C 52 -9.08 -2.16 33.56
C THR C 52 -9.59 -2.21 34.99
N THR C 53 -9.17 -3.23 35.76
CA THR C 53 -9.55 -3.27 37.17
C THR C 53 -8.84 -2.19 37.97
N LEU C 54 -7.58 -1.90 37.63
CA LEU C 54 -6.84 -0.88 38.33
C LEU C 54 -7.44 0.50 38.11
N ALA C 55 -7.97 0.77 36.91
CA ALA C 55 -8.62 2.06 36.67
C ALA C 55 -9.80 2.26 37.61
N HIS C 56 -10.66 1.24 37.74
CA HIS C 56 -11.81 1.35 38.63
C HIS C 56 -11.39 1.40 40.09
N VAL C 57 -10.34 0.66 40.45
CA VAL C 57 -9.85 0.68 41.83
C VAL C 57 -9.34 2.08 42.18
N ILE C 58 -8.60 2.70 41.26
CA ILE C 58 -8.11 4.06 41.48
C ILE C 58 -9.26 5.04 41.59
N ALA C 59 -10.27 4.89 40.72
CA ALA C 59 -11.43 5.76 40.79
C ALA C 59 -12.14 5.65 42.14
N HIS C 60 -12.27 4.43 42.65
CA HIS C 60 -12.89 4.24 43.96
C HIS C 60 -12.02 4.80 45.07
N GLU C 61 -10.70 4.65 44.96
CA GLU C 61 -9.79 5.14 46.00
C GLU C 61 -9.84 6.66 46.09
N LEU C 62 -9.91 7.35 44.94
CA LEU C 62 -9.97 8.80 44.96
C LEU C 62 -11.32 9.32 45.39
N GLY C 63 -12.37 8.51 45.30
CA GLY C 63 -13.71 8.94 45.65
C GLY C 63 -14.43 9.72 44.59
N VAL C 64 -13.82 9.93 43.43
CA VAL C 64 -14.40 10.71 42.35
C VAL C 64 -15.24 9.81 41.45
N ASN C 65 -16.07 10.43 40.60
CA ASN C 65 -16.86 9.68 39.64
C ASN C 65 -16.00 9.27 38.45
N LEU C 66 -16.34 8.12 37.88
CA LEU C 66 -15.60 7.53 36.77
C LEU C 66 -16.48 7.52 35.53
N ARG C 67 -15.96 8.06 34.42
CA ARG C 67 -16.62 8.02 33.13
C ARG C 67 -15.79 7.14 32.20
N VAL C 68 -16.41 6.11 31.64
CA VAL C 68 -15.71 5.09 30.87
C VAL C 68 -16.00 5.28 29.40
N THR C 69 -14.94 5.34 28.59
CA THR C 69 -15.02 5.51 27.16
C THR C 69 -14.02 4.54 26.53
N SER C 70 -14.21 4.24 25.24
CA SER C 70 -13.33 3.34 24.52
C SER C 70 -12.64 4.08 23.39
N GLY C 71 -11.44 3.64 23.06
CA GLY C 71 -10.68 4.20 21.97
C GLY C 71 -11.36 4.03 20.62
N PRO C 72 -11.69 2.79 20.25
CA PRO C 72 -12.42 2.57 18.99
C PRO C 72 -13.80 3.21 18.97
N ALA C 73 -14.40 3.48 20.12
CA ALA C 73 -15.72 4.10 20.15
C ALA C 73 -15.69 5.48 19.52
N ILE C 74 -14.66 6.26 19.81
CA ILE C 74 -14.51 7.60 19.24
C ILE C 74 -13.98 7.50 17.81
N PRO C 77 -12.99 12.74 15.15
CA PRO C 77 -12.13 13.70 15.82
C PRO C 77 -12.91 14.79 16.53
N GLY C 78 -13.93 15.33 15.87
CA GLY C 78 -14.74 16.38 16.46
C GLY C 78 -15.65 15.91 17.57
N ASP C 79 -15.92 14.60 17.64
CA ASP C 79 -16.73 14.08 18.74
C ASP C 79 -16.03 14.30 20.08
N LEU C 80 -14.73 13.97 20.14
CA LEU C 80 -14.01 14.02 21.40
C LEU C 80 -14.11 15.39 22.06
N ALA C 81 -14.16 16.45 21.25
CA ALA C 81 -14.37 17.78 21.80
C ALA C 81 -15.71 17.88 22.51
N ALA C 82 -16.76 17.33 21.92
CA ALA C 82 -18.09 17.39 22.54
C ALA C 82 -18.14 16.56 23.82
N ILE C 83 -17.57 15.36 23.80
CA ILE C 83 -17.53 14.55 25.02
C ILE C 83 -16.75 15.27 26.12
N LEU C 84 -15.59 15.84 25.79
CA LEU C 84 -14.80 16.53 26.81
C LEU C 84 -15.50 17.78 27.33
N ALA C 85 -16.22 18.51 26.47
CA ALA C 85 -16.86 19.74 26.90
C ALA C 85 -18.11 19.47 27.73
N ASN C 86 -18.90 18.47 27.37
CA ASN C 86 -20.21 18.29 27.97
C ASN C 86 -20.26 17.29 29.12
N SER C 87 -19.44 16.25 29.09
CA SER C 87 -19.57 15.14 30.03
C SER C 87 -18.57 15.17 31.17
N LEU C 88 -17.90 16.29 31.39
CA LEU C 88 -16.83 16.38 32.37
C LEU C 88 -17.23 17.26 33.55
N GLU C 89 -16.91 16.81 34.75
CA GLU C 89 -17.05 17.58 35.97
C GLU C 89 -15.68 17.81 36.59
N GLU C 90 -15.66 18.64 37.64
CA GLU C 90 -14.40 19.02 38.27
C GLU C 90 -13.89 17.88 39.14
N GLY C 91 -12.65 17.46 38.90
CA GLY C 91 -12.04 16.40 39.67
C GLY C 91 -12.40 15.00 39.24
N ASP C 92 -13.24 14.85 38.23
CA ASP C 92 -13.69 13.54 37.77
C ASP C 92 -12.65 12.89 36.88
N ILE C 93 -12.71 11.56 36.81
CA ILE C 93 -11.77 10.78 36.03
C ILE C 93 -12.44 10.33 34.74
N LEU C 94 -11.75 10.53 33.62
CA LEU C 94 -12.20 10.05 32.32
C LEU C 94 -11.29 8.89 31.90
N PHE C 95 -11.88 7.73 31.68
CA PHE C 95 -11.14 6.50 31.38
C PHE C 95 -11.38 6.13 29.92
N ILE C 96 -10.29 5.92 29.18
CA ILE C 96 -10.36 5.53 27.77
C ILE C 96 -9.62 4.20 27.64
N ASP C 97 -10.35 3.11 27.50
CA ASP C 97 -9.76 1.83 27.17
C ASP C 97 -9.31 1.80 25.71
N GLU C 98 -8.25 1.05 25.45
CA GLU C 98 -7.66 0.96 24.12
C GLU C 98 -7.42 2.35 23.55
N ILE C 99 -6.73 3.18 24.34
CA ILE C 99 -6.49 4.57 23.96
C ILE C 99 -5.59 4.66 22.73
N HIS C 100 -4.88 3.59 22.38
CA HIS C 100 -4.07 3.61 21.16
C HIS C 100 -4.92 3.68 19.91
N ARG C 101 -6.18 3.24 19.96
CA ARG C 101 -7.04 3.24 18.79
C ARG C 101 -7.53 4.63 18.40
N LEU C 102 -7.34 5.63 19.25
CA LEU C 102 -7.65 6.99 18.86
C LEU C 102 -6.85 7.37 17.61
N SER C 103 -7.53 7.95 16.63
CA SER C 103 -6.84 8.36 15.42
C SER C 103 -5.83 9.45 15.74
N ARG C 104 -4.82 9.55 14.87
CA ARG C 104 -3.79 10.57 15.07
C ARG C 104 -4.37 11.98 15.02
N GLN C 105 -5.48 12.16 14.30
CA GLN C 105 -6.17 13.45 14.28
C GLN C 105 -6.92 13.70 15.57
N ALA C 106 -7.55 12.66 16.14
CA ALA C 106 -8.33 12.83 17.35
C ALA C 106 -7.47 13.03 18.58
N GLU C 107 -6.23 12.55 18.57
CA GLU C 107 -5.34 12.76 19.71
C GLU C 107 -4.86 14.20 19.78
N GLU C 108 -4.79 14.89 18.63
CA GLU C 108 -4.33 16.27 18.61
C GLU C 108 -5.30 17.24 19.25
N HIS C 109 -6.56 16.83 19.46
CA HIS C 109 -7.49 17.64 20.23
C HIS C 109 -7.24 17.54 21.73
N LEU C 110 -6.57 16.46 22.17
CA LEU C 110 -6.27 16.30 23.59
C LEU C 110 -5.03 17.05 24.02
N TYR C 111 -4.22 17.54 23.08
CA TYR C 111 -3.02 18.29 23.45
C TYR C 111 -3.37 19.57 24.20
N PRO C 112 -4.28 20.43 23.74
CA PRO C 112 -4.63 21.62 24.52
C PRO C 112 -5.47 21.34 25.75
N ALA C 113 -5.87 20.09 25.98
CA ALA C 113 -6.79 19.75 27.05
C ALA C 113 -6.14 19.02 28.23
N MET C 114 -4.97 18.41 28.02
CA MET C 114 -4.35 17.66 29.10
C MET C 114 -3.35 18.51 29.88
N GLU C 115 -2.59 19.36 29.20
CA GLU C 115 -1.62 20.22 29.88
C GLU C 115 -2.27 21.51 30.33
N ASP C 116 -2.78 22.29 29.39
CA ASP C 116 -3.71 23.37 29.70
C ASP C 116 -5.12 22.79 29.73
N PHE C 117 -5.96 23.33 30.59
CA PHE C 117 -7.34 22.84 30.67
C PHE C 117 -8.27 23.77 29.89
N VAL C 118 -8.00 23.82 28.58
CA VAL C 118 -8.78 24.60 27.62
C VAL C 118 -8.98 23.75 26.38
N MET C 119 -9.61 24.34 25.36
CA MET C 119 -9.88 23.64 24.12
C MET C 119 -10.18 24.65 23.03
N ASP C 120 -9.59 24.45 21.86
CA ASP C 120 -9.74 25.37 20.73
C ASP C 120 -10.93 24.91 19.89
N ILE C 121 -11.98 25.73 19.87
CA ILE C 121 -13.21 25.42 19.15
C ILE C 121 -13.54 26.61 18.25
N VAL C 122 -13.83 26.32 16.98
CA VAL C 122 -14.29 27.35 16.05
C VAL C 122 -15.82 27.30 16.03
N ILE C 123 -16.44 28.40 16.44
CA ILE C 123 -17.89 28.49 16.55
C ILE C 123 -18.38 29.63 15.69
N GLY C 124 -19.39 29.36 14.86
CA GLY C 124 -19.96 30.35 13.97
C GLY C 124 -20.22 29.77 12.59
N GLN C 125 -20.95 30.55 11.80
CA GLN C 125 -21.32 30.17 10.45
C GLN C 125 -20.88 31.25 9.48
N GLY C 126 -20.21 30.84 8.39
CA GLY C 126 -19.79 31.74 7.36
C GLY C 126 -18.86 32.84 7.86
N PRO C 127 -19.11 34.08 7.44
CA PRO C 127 -18.25 35.19 7.86
C PRO C 127 -18.30 35.46 9.35
N ALA C 128 -19.31 34.97 10.07
CA ALA C 128 -19.41 35.18 11.50
C ALA C 128 -18.59 34.18 12.31
N ALA C 129 -17.90 33.26 11.65
CA ALA C 129 -17.10 32.26 12.35
C ALA C 129 -15.97 32.91 13.14
N ARG C 130 -15.72 32.38 14.34
CA ARG C 130 -14.67 32.89 15.20
C ARG C 130 -14.11 31.74 16.02
N THR C 131 -13.02 32.00 16.73
CA THR C 131 -12.35 31.01 17.56
C THR C 131 -12.54 31.36 19.03
N ILE C 132 -12.84 30.35 19.84
CA ILE C 132 -12.96 30.51 21.27
C ILE C 132 -12.13 29.43 21.95
N ARG C 133 -11.70 29.73 23.17
CA ARG C 133 -10.97 28.79 24.01
C ARG C 133 -11.90 28.36 25.13
N LEU C 134 -12.49 27.17 24.98
CA LEU C 134 -13.49 26.67 25.93
C LEU C 134 -12.77 26.09 27.14
N GLU C 135 -12.86 26.77 28.28
CA GLU C 135 -12.21 26.30 29.49
C GLU C 135 -12.90 25.05 30.01
N LEU C 136 -12.09 24.06 30.37
CA LEU C 136 -12.59 22.80 30.90
C LEU C 136 -12.30 22.70 32.40
N PRO C 137 -13.12 21.98 33.14
CA PRO C 137 -12.79 21.73 34.56
C PRO C 137 -11.57 20.84 34.67
N ARG C 138 -10.86 20.98 35.78
CA ARG C 138 -9.67 20.18 36.00
C ARG C 138 -10.05 18.73 36.25
N PHE C 139 -9.67 17.84 35.32
CA PHE C 139 -10.05 16.44 35.41
C PHE C 139 -8.83 15.54 35.41
N THR C 140 -9.04 14.24 35.36
CA THR C 140 -7.96 13.25 35.30
C THR C 140 -8.26 12.29 34.15
N LEU C 141 -7.25 12.00 33.34
CA LEU C 141 -7.36 11.05 32.25
C LEU C 141 -6.56 9.80 32.59
N ILE C 142 -7.22 8.64 32.52
CA ILE C 142 -6.56 7.35 32.67
C ILE C 142 -6.69 6.62 31.34
N GLY C 143 -5.57 6.15 30.81
CA GLY C 143 -5.58 5.39 29.58
C GLY C 143 -4.96 4.03 29.76
N ALA C 144 -5.59 3.00 29.21
CA ALA C 144 -5.09 1.64 29.29
C ALA C 144 -4.95 1.09 27.88
N THR C 145 -3.80 0.51 27.59
CA THR C 145 -3.52 0.01 26.25
C THR C 145 -2.45 -1.07 26.33
N THR C 146 -2.39 -1.88 25.28
CA THR C 146 -1.33 -2.87 25.13
C THR C 146 -0.25 -2.42 24.15
N ARG C 147 -0.49 -1.34 23.41
CA ARG C 147 0.43 -0.86 22.37
C ARG C 147 0.68 0.63 22.60
N PRO C 148 1.52 0.98 23.58
CA PRO C 148 1.82 2.40 23.80
C PRO C 148 2.52 3.07 22.64
N GLY C 149 3.17 2.31 21.77
CA GLY C 149 3.87 2.88 20.63
C GLY C 149 2.98 3.35 19.50
N LEU C 150 1.68 3.04 19.57
CA LEU C 150 0.72 3.54 18.61
C LEU C 150 0.12 4.87 19.05
N ILE C 151 0.56 5.39 20.19
CA ILE C 151 0.17 6.71 20.69
C ILE C 151 1.22 7.72 20.27
N THR C 152 0.78 8.91 19.89
CA THR C 152 1.70 9.94 19.44
C THR C 152 2.59 10.42 20.57
N ALA C 153 3.80 10.85 20.21
CA ALA C 153 4.76 11.31 21.22
C ALA C 153 4.29 12.52 22.01
N PRO C 154 3.71 13.57 21.41
CA PRO C 154 3.22 14.69 22.23
C PRO C 154 2.15 14.30 23.22
N LEU C 155 1.41 13.21 22.97
CA LEU C 155 0.42 12.75 23.94
C LEU C 155 1.07 11.90 25.03
N LEU C 156 2.02 11.03 24.65
CA LEU C 156 2.76 10.28 25.65
C LEU C 156 3.55 11.19 26.58
N SER C 157 3.94 12.37 26.10
CA SER C 157 4.69 13.30 26.92
C SER C 157 3.82 13.99 27.97
N ARG C 158 2.50 13.98 27.81
CA ARG C 158 1.61 14.71 28.70
C ARG C 158 1.05 13.87 29.83
N PHE C 159 1.45 12.60 29.93
CA PHE C 159 0.99 11.73 31.00
C PHE C 159 1.92 11.90 32.20
N GLY C 160 1.35 12.32 33.33
CA GLY C 160 2.16 12.54 34.52
C GLY C 160 2.73 11.25 35.09
N ILE C 161 1.95 10.18 35.08
CA ILE C 161 2.36 8.88 35.61
C ILE C 161 2.17 7.83 34.53
N VAL C 162 3.22 7.04 34.30
CA VAL C 162 3.16 5.91 33.38
C VAL C 162 3.64 4.67 34.13
N GLU C 163 2.82 3.61 34.09
CA GLU C 163 3.09 2.41 34.87
C GLU C 163 2.95 1.17 33.99
N HIS C 164 3.71 0.13 34.34
CA HIS C 164 3.74 -1.12 33.59
C HIS C 164 3.24 -2.25 34.48
N LEU C 165 2.35 -3.06 33.94
CA LEU C 165 1.76 -4.19 34.67
C LEU C 165 2.61 -5.44 34.42
N GLU C 166 3.14 -6.01 35.49
CA GLU C 166 4.01 -7.18 35.38
C GLU C 166 3.23 -8.46 35.71
N TYR C 167 3.86 -9.59 35.39
CA TYR C 167 3.24 -10.89 35.58
C TYR C 167 3.13 -11.24 37.06
N TYR C 168 2.24 -12.16 37.37
CA TYR C 168 1.99 -12.61 38.74
C TYR C 168 2.79 -13.86 39.05
N THR C 169 2.76 -14.26 40.32
CA THR C 169 3.40 -15.45 40.81
C THR C 169 2.36 -16.53 41.10
N PRO C 170 2.77 -17.80 41.19
CA PRO C 170 1.79 -18.85 41.49
C PRO C 170 1.03 -18.62 42.79
N GLU C 171 1.64 -17.99 43.79
CA GLU C 171 0.94 -17.73 45.04
C GLU C 171 -0.14 -16.66 44.86
N GLU C 172 0.16 -15.61 44.09
CA GLU C 172 -0.85 -14.58 43.84
C GLU C 172 -1.98 -15.12 42.96
N LEU C 173 -1.65 -15.97 41.99
CA LEU C 173 -2.68 -16.61 41.19
C LEU C 173 -3.53 -17.55 42.04
N ALA C 174 -2.90 -18.23 43.01
CA ALA C 174 -3.66 -19.05 43.94
C ALA C 174 -4.60 -18.21 44.79
N GLN C 175 -4.14 -17.04 45.25
CA GLN C 175 -5.02 -16.14 45.99
C GLN C 175 -6.19 -15.68 45.12
N GLY C 176 -5.94 -15.38 43.86
CA GLY C 176 -7.02 -15.02 42.95
C GLY C 176 -8.01 -16.14 42.75
N VAL C 177 -7.50 -17.37 42.62
CA VAL C 177 -8.37 -18.53 42.47
C VAL C 177 -9.23 -18.72 43.72
N MET C 178 -8.63 -18.55 44.90
CA MET C 178 -9.39 -18.68 46.14
C MET C 178 -10.47 -17.61 46.24
N ARG C 179 -10.14 -16.37 45.87
CA ARG C 179 -11.14 -15.30 45.91
C ARG C 179 -12.28 -15.59 44.93
N ASP C 180 -11.96 -16.04 43.72
CA ASP C 180 -13.00 -16.36 42.75
C ASP C 180 -13.87 -17.50 43.22
N ALA C 181 -13.27 -18.53 43.82
CA ALA C 181 -14.05 -19.65 44.34
C ALA C 181 -14.97 -19.20 45.47
N ARG C 182 -14.47 -18.36 46.37
CA ARG C 182 -15.30 -17.88 47.47
C ARG C 182 -16.46 -17.04 46.96
N LEU C 183 -16.21 -16.18 45.97
CA LEU C 183 -17.27 -15.33 45.44
C LEU C 183 -18.29 -16.14 44.65
N LEU C 184 -17.85 -17.17 43.94
CA LEU C 184 -18.78 -17.99 43.16
C LEU C 184 -19.57 -18.94 44.05
N GLY C 185 -18.93 -19.48 45.08
CA GLY C 185 -19.56 -20.44 45.97
C GLY C 185 -19.01 -21.84 45.90
N VAL C 186 -17.78 -22.04 45.41
CA VAL C 186 -17.18 -23.35 45.25
C VAL C 186 -16.14 -23.55 46.34
N ARG C 187 -16.12 -24.75 46.92
CA ARG C 187 -15.14 -25.10 47.95
C ARG C 187 -13.91 -25.70 47.29
N ILE C 188 -12.77 -25.04 47.42
CA ILE C 188 -11.52 -25.49 46.85
C ILE C 188 -10.45 -25.43 47.93
N THR C 189 -9.56 -26.41 47.94
CA THR C 189 -8.49 -26.46 48.92
C THR C 189 -7.32 -25.60 48.47
N GLU C 190 -6.50 -25.17 49.43
CA GLU C 190 -5.38 -24.29 49.12
C GLU C 190 -4.39 -24.96 48.18
N GLU C 191 -4.13 -26.26 48.38
CA GLU C 191 -3.20 -26.97 47.50
C GLU C 191 -3.75 -27.07 46.08
N ALA C 192 -5.06 -27.28 45.93
CA ALA C 192 -5.65 -27.29 44.60
C ALA C 192 -5.53 -25.94 43.93
N ALA C 193 -5.74 -24.86 44.68
CA ALA C 193 -5.57 -23.52 44.13
C ALA C 193 -4.13 -23.28 43.71
N LEU C 194 -3.17 -23.77 44.49
CA LEU C 194 -1.76 -23.61 44.12
C LEU C 194 -1.43 -24.42 42.87
N GLU C 195 -2.01 -25.62 42.74
CA GLU C 195 -1.79 -26.41 41.54
C GLU C 195 -2.36 -25.73 40.31
N ILE C 196 -3.52 -25.10 40.45
CA ILE C 196 -4.09 -24.33 39.34
C ILE C 196 -3.23 -23.12 39.02
N GLY C 197 -2.68 -22.48 40.06
CA GLY C 197 -1.86 -21.30 39.84
C GLY C 197 -0.55 -21.59 39.14
N ARG C 198 0.06 -22.75 39.45
CA ARG C 198 1.32 -23.10 38.82
C ARG C 198 1.18 -23.32 37.33
N ARG C 199 0.01 -23.77 36.88
CA ARG C 199 -0.24 -23.99 35.46
C ARG C 199 -0.77 -22.75 34.76
N SER C 200 -1.06 -21.69 35.51
CA SER C 200 -1.45 -20.42 34.91
C SER C 200 -0.20 -19.66 34.47
N ARG C 201 -0.25 -19.10 33.27
CA ARG C 201 0.94 -18.52 32.67
C ARG C 201 1.20 -17.10 33.18
N GLY C 202 1.23 -16.93 34.50
CA GLY C 202 1.43 -15.62 35.08
C GLY C 202 0.33 -14.63 34.80
N THR C 203 -0.85 -15.10 34.41
CA THR C 203 -1.97 -14.24 34.02
C THR C 203 -3.18 -14.56 34.88
N MET C 204 -3.91 -13.51 35.27
CA MET C 204 -5.08 -13.68 36.12
C MET C 204 -6.27 -14.27 35.36
N ARG C 205 -6.48 -13.82 34.12
CA ARG C 205 -7.58 -14.34 33.32
C ARG C 205 -7.38 -15.82 33.03
N VAL C 206 -6.15 -16.23 32.76
CA VAL C 206 -5.86 -17.64 32.53
C VAL C 206 -6.15 -18.46 33.79
N ALA C 207 -5.77 -17.93 34.95
CA ALA C 207 -6.02 -18.65 36.20
C ALA C 207 -7.51 -18.79 36.45
N LYS C 208 -8.29 -17.73 36.23
CA LYS C 208 -9.73 -17.81 36.42
C LYS C 208 -10.35 -18.80 35.45
N ARG C 209 -9.93 -18.79 34.18
CA ARG C 209 -10.46 -19.73 33.21
C ARG C 209 -10.13 -21.17 33.58
N LEU C 210 -8.90 -21.42 34.01
CA LEU C 210 -8.51 -22.77 34.42
C LEU C 210 -9.32 -23.23 35.63
N PHE C 211 -9.54 -22.34 36.58
CA PHE C 211 -10.37 -22.69 37.73
C PHE C 211 -11.78 -23.02 37.29
N ARG C 212 -12.33 -22.25 36.34
CA ARG C 212 -13.69 -22.53 35.88
C ARG C 212 -13.76 -23.88 35.18
N ARG C 213 -12.76 -24.23 34.39
CA ARG C 213 -12.76 -25.53 33.73
C ARG C 213 -12.65 -26.67 34.75
N VAL C 214 -11.79 -26.50 35.76
CA VAL C 214 -11.67 -27.51 36.81
C VAL C 214 -12.99 -27.64 37.57
N ARG C 215 -13.66 -26.52 37.81
CA ARG C 215 -14.97 -26.56 38.47
C ARG C 215 -15.99 -27.29 37.61
N ASP C 216 -15.96 -27.08 36.30
CA ASP C 216 -16.86 -27.81 35.40
C ASP C 216 -16.62 -29.31 35.50
N PHE C 217 -15.35 -29.71 35.46
CA PHE C 217 -15.02 -31.14 35.55
C PHE C 217 -15.48 -31.73 36.87
N ALA C 218 -15.22 -31.02 37.98
CA ALA C 218 -15.61 -31.53 39.30
C ALA C 218 -17.12 -31.61 39.44
N GLN C 219 -17.85 -30.61 38.93
CA GLN C 219 -19.31 -30.61 39.01
C GLN C 219 -19.90 -31.75 38.20
N VAL C 220 -19.36 -31.99 37.00
CA VAL C 220 -19.85 -33.11 36.19
C VAL C 220 -19.55 -34.43 36.90
N ALA C 221 -18.37 -34.55 37.49
CA ALA C 221 -18.00 -35.78 38.20
C ALA C 221 -18.78 -35.96 39.50
N GLY C 222 -19.53 -34.96 39.95
CA GLY C 222 -20.31 -35.07 41.16
C GLY C 222 -19.57 -34.78 42.44
N GLU C 223 -18.38 -34.20 42.36
CA GLU C 223 -17.58 -33.89 43.55
C GLU C 223 -18.19 -32.71 44.30
N GLU C 224 -17.81 -32.59 45.58
CA GLU C 224 -18.25 -31.50 46.43
C GLU C 224 -17.12 -30.58 46.88
N VAL C 225 -15.90 -31.11 47.00
CA VAL C 225 -14.73 -30.31 47.36
C VAL C 225 -13.63 -30.61 46.36
N ILE C 226 -13.04 -29.56 45.80
CA ILE C 226 -12.00 -29.71 44.78
C ILE C 226 -10.68 -29.89 45.53
N THR C 227 -10.36 -31.14 45.85
CA THR C 227 -9.14 -31.50 46.53
C THR C 227 -7.96 -31.40 45.55
N ARG C 228 -6.74 -31.43 46.10
CA ARG C 228 -5.54 -31.30 45.27
C ARG C 228 -5.46 -32.41 44.22
N GLU C 229 -5.72 -33.65 44.63
CA GLU C 229 -5.63 -34.76 43.68
C GLU C 229 -6.75 -34.71 42.65
N ARG C 230 -7.94 -34.28 43.06
CA ARG C 230 -9.05 -34.12 42.12
C ARG C 230 -8.75 -33.00 41.12
N ALA C 231 -8.18 -31.91 41.59
CA ALA C 231 -7.76 -30.84 40.69
C ALA C 231 -6.69 -31.32 39.73
N LEU C 232 -5.75 -32.13 40.22
CA LEU C 232 -4.72 -32.68 39.34
C LEU C 232 -5.32 -33.59 38.28
N GLU C 233 -6.31 -34.41 38.65
CA GLU C 233 -6.98 -35.24 37.65
C GLU C 233 -7.72 -34.40 36.62
N ALA C 234 -8.39 -33.35 37.06
CA ALA C 234 -9.09 -32.47 36.13
C ALA C 234 -8.12 -31.77 35.19
N LEU C 235 -6.97 -31.33 35.71
CA LEU C 235 -5.98 -30.66 34.88
C LEU C 235 -5.34 -31.63 33.89
N ALA C 236 -5.14 -32.88 34.30
CA ALA C 236 -4.64 -33.89 33.37
C ALA C 236 -5.67 -34.16 32.27
N ALA C 237 -6.95 -34.18 32.63
CA ALA C 237 -8.00 -34.31 31.63
C ALA C 237 -7.97 -33.12 30.66
N LEU C 238 -7.70 -31.92 31.18
CA LEU C 238 -7.50 -30.76 30.33
C LEU C 238 -6.25 -30.90 29.47
N GLY C 239 -5.28 -31.69 29.91
CA GLY C 239 -4.06 -31.89 29.15
C GLY C 239 -3.01 -30.82 29.39
N LEU C 240 -2.64 -30.61 30.65
CA LEU C 240 -1.67 -29.59 31.02
C LEU C 240 -0.54 -30.24 31.82
N ASP C 241 0.69 -29.81 31.55
CA ASP C 241 1.86 -30.31 32.24
C ASP C 241 2.02 -29.57 33.57
N GLU C 242 3.12 -29.85 34.28
CA GLU C 242 3.41 -29.11 35.50
C GLU C 242 3.81 -27.67 35.24
N LEU C 243 4.09 -27.31 33.99
CA LEU C 243 4.37 -25.94 33.60
C LEU C 243 3.18 -25.29 32.89
N GLY C 244 2.00 -25.90 32.96
CA GLY C 244 0.86 -25.39 32.22
C GLY C 244 1.06 -25.48 30.73
N LEU C 245 1.64 -26.58 30.27
CA LEU C 245 2.04 -26.74 28.88
C LEU C 245 1.06 -27.69 28.20
N GLU C 246 0.41 -27.21 27.14
CA GLU C 246 -0.62 -28.01 26.49
C GLU C 246 0.01 -29.14 25.69
N LYS C 247 -0.85 -29.93 25.04
CA LYS C 247 -0.36 -31.05 24.24
C LYS C 247 0.25 -30.58 22.92
N ARG C 248 -0.22 -29.46 22.37
CA ARG C 248 0.36 -28.94 21.14
C ARG C 248 1.79 -28.45 21.37
N ASP C 249 2.04 -27.78 22.49
CA ASP C 249 3.39 -27.32 22.80
C ASP C 249 4.33 -28.49 23.02
N ARG C 250 3.87 -29.52 23.74
CA ARG C 250 4.69 -30.71 23.94
C ARG C 250 4.94 -31.42 22.62
N GLU C 251 3.96 -31.43 21.73
CA GLU C 251 4.17 -31.99 20.39
C GLU C 251 5.24 -31.21 19.63
N ILE C 252 5.20 -29.88 19.71
CA ILE C 252 6.20 -29.05 19.03
C ILE C 252 7.59 -29.39 19.56
N LEU C 253 7.73 -29.45 20.89
CA LEU C 253 9.03 -29.75 21.48
C LEU C 253 9.50 -31.16 21.11
N GLU C 254 8.59 -32.13 21.13
CA GLU C 254 8.96 -33.50 20.75
C GLU C 254 9.42 -33.58 19.31
N VAL C 255 8.69 -32.92 18.40
CA VAL C 255 9.09 -32.92 17.00
C VAL C 255 10.45 -32.27 16.82
N LEU C 256 10.65 -31.12 17.49
CA LEU C 256 11.93 -30.42 17.37
C LEU C 256 13.08 -31.29 17.89
N ILE C 257 12.88 -31.97 19.02
CA ILE C 257 13.96 -32.75 19.61
C ILE C 257 14.24 -34.01 18.78
N LEU C 258 13.21 -34.69 18.33
CA LEU C 258 13.39 -36.00 17.69
C LEU C 258 13.62 -35.89 16.19
N ARG C 259 12.68 -35.28 15.47
CA ARG C 259 12.73 -35.31 14.01
C ARG C 259 13.86 -34.43 13.48
N PHE C 260 14.13 -33.30 14.14
CA PHE C 260 15.15 -32.37 13.69
C PHE C 260 16.42 -32.41 14.54
N GLY C 261 16.46 -33.23 15.58
CA GLY C 261 17.64 -33.29 16.42
C GLY C 261 17.80 -32.13 17.37
N GLY C 262 16.80 -31.25 17.47
CA GLY C 262 16.87 -30.11 18.37
C GLY C 262 17.65 -28.92 17.84
N GLY C 263 18.24 -29.04 16.65
CA GLY C 263 19.06 -27.99 16.11
C GLY C 263 18.24 -26.91 15.43
N PRO C 264 18.92 -25.95 14.81
CA PRO C 264 18.21 -24.87 14.12
C PRO C 264 17.39 -25.41 12.96
N VAL C 265 16.13 -25.00 12.90
CA VAL C 265 15.22 -25.49 11.86
C VAL C 265 14.67 -24.33 11.05
N GLY C 266 13.93 -23.44 11.69
CA GLY C 266 13.20 -22.41 11.00
C GLY C 266 11.70 -22.58 11.13
N LEU C 267 10.98 -21.49 10.88
CA LEU C 267 9.54 -21.47 11.10
C LEU C 267 8.81 -22.37 10.10
N ALA C 268 9.12 -22.21 8.81
CA ALA C 268 8.37 -22.92 7.78
C ALA C 268 8.59 -24.43 7.86
N THR C 269 9.84 -24.86 8.05
CA THR C 269 10.15 -26.28 8.11
C THR C 269 9.45 -26.94 9.29
N LEU C 270 9.55 -26.33 10.47
CA LEU C 270 8.91 -26.89 11.66
C LEU C 270 7.39 -26.89 11.52
N ALA C 271 6.83 -25.82 10.94
CA ALA C 271 5.38 -25.77 10.74
C ALA C 271 4.91 -26.86 9.81
N THR C 272 5.63 -27.09 8.70
CA THR C 272 5.25 -28.16 7.79
C THR C 272 5.40 -29.52 8.44
N ALA C 273 6.45 -29.70 9.25
CA ALA C 273 6.61 -30.96 9.97
C ALA C 273 5.53 -31.18 11.01
N LEU C 274 4.93 -30.11 11.53
CA LEU C 274 3.86 -30.21 12.51
C LEU C 274 2.46 -30.09 11.91
N SER C 275 2.37 -29.92 10.59
CA SER C 275 1.08 -29.74 9.90
C SER C 275 0.32 -28.54 10.48
N GLU C 276 1.05 -27.44 10.71
CA GLU C 276 0.49 -26.23 11.29
C GLU C 276 0.82 -25.04 10.41
N ASP C 277 0.02 -23.99 10.53
CA ASP C 277 0.32 -22.74 9.88
C ASP C 277 1.50 -22.07 10.60
N PRO C 278 2.52 -21.60 9.88
CA PRO C 278 3.67 -20.98 10.56
C PRO C 278 3.29 -19.79 11.42
N GLY C 279 2.37 -18.95 10.93
CA GLY C 279 1.96 -17.81 11.72
C GLY C 279 1.23 -18.21 12.99
N THR C 280 0.34 -19.18 12.89
CA THR C 280 -0.37 -19.67 14.07
C THR C 280 0.61 -20.17 15.12
N LEU C 281 1.59 -20.97 14.69
CA LEU C 281 2.61 -21.47 15.61
C LEU C 281 3.36 -20.32 16.27
N GLU C 282 3.99 -19.47 15.46
CA GLU C 282 4.85 -18.43 15.99
C GLU C 282 4.10 -17.37 16.79
N GLU C 283 2.78 -17.25 16.62
CA GLU C 283 2.03 -16.23 17.34
C GLU C 283 1.20 -16.78 18.50
N VAL C 284 1.02 -18.10 18.60
CA VAL C 284 0.24 -18.70 19.66
C VAL C 284 1.11 -19.53 20.60
N HIS C 285 1.91 -20.45 20.06
CA HIS C 285 2.62 -21.41 20.89
C HIS C 285 4.05 -21.00 21.22
N GLU C 286 4.74 -20.38 20.26
CA GLU C 286 6.15 -20.02 20.49
C GLU C 286 6.38 -19.03 21.63
N PRO C 287 5.60 -17.95 21.79
CA PRO C 287 5.95 -16.97 22.83
C PRO C 287 6.06 -17.54 24.24
N TYR C 288 5.16 -18.43 24.64
CA TYR C 288 5.25 -18.97 25.99
C TYR C 288 6.37 -19.99 26.12
N LEU C 289 6.67 -20.73 25.05
CA LEU C 289 7.81 -21.63 25.07
C LEU C 289 9.11 -20.84 25.21
N ILE C 290 9.18 -19.68 24.57
CA ILE C 290 10.35 -18.81 24.74
C ILE C 290 10.41 -18.26 26.15
N ARG C 291 9.26 -17.84 26.70
CA ARG C 291 9.23 -17.27 28.04
C ARG C 291 9.70 -18.28 29.09
N GLN C 292 9.23 -19.53 28.98
CA GLN C 292 9.58 -20.55 29.96
C GLN C 292 11.02 -21.03 29.83
N GLY C 293 11.74 -20.62 28.78
CA GLY C 293 13.09 -21.08 28.58
C GLY C 293 13.22 -22.40 27.86
N LEU C 294 12.15 -22.88 27.22
CA LEU C 294 12.15 -24.14 26.51
C LEU C 294 12.49 -23.99 25.04
N LEU C 295 12.71 -22.77 24.56
CA LEU C 295 12.95 -22.54 23.15
C LEU C 295 13.81 -21.28 22.99
N LYS C 296 14.58 -21.25 21.90
CA LYS C 296 15.41 -20.11 21.57
C LYS C 296 15.24 -19.76 20.09
N ARG C 297 15.30 -18.47 19.78
CA ARG C 297 15.32 -18.00 18.40
C ARG C 297 16.74 -17.57 18.06
N THR C 298 17.54 -18.55 17.67
CA THR C 298 18.90 -18.28 17.22
C THR C 298 18.87 -17.67 15.81
N PRO C 299 19.95 -17.00 15.41
CA PRO C 299 20.00 -16.48 14.03
C PRO C 299 19.93 -17.55 12.96
N ARG C 300 20.23 -18.80 13.29
CA ARG C 300 20.12 -19.90 12.35
C ARG C 300 18.79 -20.64 12.42
N GLY C 301 17.95 -20.34 13.42
CA GLY C 301 16.66 -21.00 13.54
C GLY C 301 16.28 -21.36 14.95
N ARG C 302 15.13 -21.99 15.12
CA ARG C 302 14.65 -22.37 16.44
C ARG C 302 15.48 -23.52 17.00
N VAL C 303 15.78 -23.44 18.29
CA VAL C 303 16.60 -24.45 18.96
C VAL C 303 15.92 -24.82 20.29
N ALA C 304 15.92 -26.12 20.60
CA ALA C 304 15.39 -26.60 21.87
C ALA C 304 16.51 -26.58 22.91
N THR C 305 16.23 -25.98 24.06
CA THR C 305 17.22 -25.85 25.12
C THR C 305 17.32 -27.15 25.93
N GLU C 306 18.26 -27.16 26.88
CA GLU C 306 18.40 -28.32 27.76
C GLU C 306 17.20 -28.45 28.69
N LEU C 307 16.51 -27.35 28.98
CA LEU C 307 15.30 -27.41 29.78
C LEU C 307 14.24 -28.27 29.10
N ALA C 308 14.10 -28.11 27.78
CA ALA C 308 13.15 -28.95 27.04
C ALA C 308 13.54 -30.42 27.12
N TYR C 309 14.83 -30.72 26.99
CA TYR C 309 15.28 -32.10 27.08
C TYR C 309 14.99 -32.69 28.45
N ARG C 310 15.23 -31.93 29.52
CA ARG C 310 15.00 -32.45 30.85
C ARG C 310 13.52 -32.50 31.20
N HIS C 311 12.69 -31.68 30.54
CA HIS C 311 11.27 -31.67 30.82
C HIS C 311 10.52 -32.75 30.04
N LEU C 312 10.99 -33.08 28.84
CA LEU C 312 10.39 -34.13 28.03
C LEU C 312 10.89 -35.52 28.38
N GLY C 313 11.89 -35.63 29.26
CA GLY C 313 12.41 -36.93 29.66
C GLY C 313 13.45 -37.53 28.74
N TYR C 314 14.07 -36.72 27.87
CA TYR C 314 15.09 -37.20 26.96
C TYR C 314 16.48 -36.90 27.50
N PRO C 315 17.48 -37.70 27.15
CA PRO C 315 18.84 -37.41 27.59
C PRO C 315 19.43 -36.25 26.81
N PRO C 316 19.94 -35.23 27.50
CA PRO C 316 20.52 -34.10 26.78
C PRO C 316 21.72 -34.53 25.96
N PRO C 317 21.94 -33.89 24.80
CA PRO C 317 23.04 -34.23 23.91
C PRO C 317 24.39 -33.71 24.38
N ALA D 5 -23.75 -29.59 3.30
CA ALA D 5 -24.44 -30.79 2.85
C ALA D 5 -25.44 -31.28 3.90
N LEU D 6 -25.38 -32.57 4.22
CA LEU D 6 -26.27 -33.16 5.21
C LEU D 6 -25.61 -33.03 6.57
N ARG D 7 -26.06 -32.03 7.35
CA ARG D 7 -25.45 -31.70 8.63
C ARG D 7 -26.12 -32.48 9.77
N PRO D 8 -25.36 -33.18 10.59
CA PRO D 8 -25.94 -33.79 11.80
C PRO D 8 -26.33 -32.72 12.81
N LYS D 9 -27.28 -33.09 13.67
CA LYS D 9 -27.79 -32.17 14.69
C LYS D 9 -27.62 -32.74 16.11
N THR D 10 -26.87 -33.83 16.25
CA THR D 10 -26.65 -34.45 17.55
C THR D 10 -25.16 -34.71 17.71
N LEU D 11 -24.67 -34.58 18.95
CA LEU D 11 -23.26 -34.81 19.20
C LEU D 11 -22.87 -36.28 19.02
N ASP D 12 -23.83 -37.19 19.16
CA ASP D 12 -23.57 -38.60 18.84
C ASP D 12 -23.56 -38.83 17.34
N GLU D 13 -24.34 -38.06 16.58
CA GLU D 13 -24.29 -38.15 15.12
C GLU D 13 -23.01 -37.59 14.54
N TYR D 14 -22.30 -36.75 15.28
CA TYR D 14 -21.05 -36.19 14.81
C TYR D 14 -20.01 -37.30 14.75
N ILE D 15 -19.13 -37.26 13.75
CA ILE D 15 -18.45 -38.48 13.34
C ILE D 15 -17.17 -38.77 14.11
N GLY D 16 -16.16 -37.90 13.99
CA GLY D 16 -14.83 -38.37 14.33
C GLY D 16 -13.87 -37.49 15.11
N GLN D 17 -14.37 -36.65 16.00
CA GLN D 17 -13.51 -35.87 16.88
C GLN D 17 -13.74 -36.34 18.30
N GLU D 18 -13.07 -37.41 18.70
CA GLU D 18 -13.37 -38.05 19.97
C GLU D 18 -12.72 -37.31 21.14
N ARG D 19 -11.45 -36.93 21.00
CA ARG D 19 -10.80 -36.19 22.08
C ARG D 19 -11.44 -34.83 22.29
N LEU D 20 -11.97 -34.22 21.22
CA LEU D 20 -12.67 -32.96 21.35
C LEU D 20 -14.05 -33.16 21.98
N LYS D 21 -14.77 -34.20 21.56
CA LYS D 21 -16.10 -34.46 22.12
C LYS D 21 -16.01 -34.82 23.60
N GLN D 22 -14.93 -35.48 24.01
CA GLN D 22 -14.77 -35.81 25.43
C GLN D 22 -14.72 -34.55 26.29
N LYS D 23 -13.98 -33.54 25.85
CA LYS D 23 -13.94 -32.28 26.57
C LYS D 23 -15.26 -31.53 26.45
N LEU D 24 -15.86 -31.54 25.27
CA LEU D 24 -17.08 -30.75 25.04
C LEU D 24 -18.27 -31.28 25.81
N ARG D 25 -18.36 -32.59 26.04
CA ARG D 25 -19.51 -33.15 26.72
C ARG D 25 -19.63 -32.63 28.15
N VAL D 26 -18.51 -32.60 28.89
CA VAL D 26 -18.58 -32.15 30.28
C VAL D 26 -18.88 -30.66 30.34
N TYR D 27 -18.34 -29.87 29.41
CA TYR D 27 -18.64 -28.44 29.39
C TYR D 27 -20.13 -28.21 29.16
N LEU D 28 -20.70 -28.89 28.15
CA LEU D 28 -22.11 -28.70 27.86
C LEU D 28 -22.99 -29.18 29.01
N GLU D 29 -22.65 -30.34 29.59
CA GLU D 29 -23.45 -30.87 30.69
C GLU D 29 -23.41 -29.94 31.90
N ALA D 30 -22.23 -29.41 32.22
CA ALA D 30 -22.12 -28.51 33.36
C ALA D 30 -22.83 -27.19 33.11
N ALA D 31 -22.74 -26.67 31.87
CA ALA D 31 -23.44 -25.43 31.55
C ALA D 31 -24.95 -25.62 31.65
N LYS D 32 -25.47 -26.75 31.16
CA LYS D 32 -26.90 -26.99 31.26
C LYS D 32 -27.34 -27.26 32.71
N ALA D 33 -26.47 -27.88 33.51
CA ALA D 33 -26.84 -28.17 34.89
C ALA D 33 -27.05 -26.90 35.71
N ARG D 34 -26.22 -25.89 35.48
CA ARG D 34 -26.32 -24.62 36.19
C ARG D 34 -27.32 -23.66 35.56
N LYS D 35 -27.89 -24.02 34.41
CA LYS D 35 -28.80 -23.15 33.66
C LYS D 35 -28.14 -21.81 33.36
N GLU D 36 -26.91 -21.87 32.85
CA GLU D 36 -26.11 -20.70 32.53
C GLU D 36 -25.62 -20.80 31.09
N PRO D 37 -25.41 -19.66 30.44
CA PRO D 37 -24.90 -19.70 29.06
C PRO D 37 -23.49 -20.28 29.02
N LEU D 38 -23.18 -20.94 27.91
CA LEU D 38 -21.85 -21.50 27.74
C LEU D 38 -20.82 -20.37 27.56
N GLU D 39 -19.56 -20.72 27.84
CA GLU D 39 -18.45 -19.79 27.65
C GLU D 39 -18.27 -19.46 26.18
N HIS D 40 -17.57 -18.36 25.91
CA HIS D 40 -17.16 -18.06 24.54
C HIS D 40 -16.20 -19.12 24.04
N LEU D 41 -16.46 -19.66 22.86
CA LEU D 41 -15.77 -20.82 22.35
C LEU D 41 -15.16 -20.52 20.99
N LEU D 42 -13.95 -21.01 20.77
CA LEU D 42 -13.23 -20.82 19.51
C LEU D 42 -12.81 -22.17 18.94
N LEU D 43 -13.12 -22.39 17.67
CA LEU D 43 -12.72 -23.58 16.94
C LEU D 43 -11.77 -23.17 15.83
N PHE D 44 -10.63 -23.84 15.73
CA PHE D 44 -9.69 -23.55 14.65
C PHE D 44 -9.11 -24.85 14.12
N GLY D 45 -8.74 -24.83 12.84
CA GLY D 45 -8.18 -25.97 12.19
C GLY D 45 -8.20 -25.81 10.67
N PRO D 46 -7.67 -26.79 9.95
CA PRO D 46 -7.68 -26.72 8.49
C PRO D 46 -9.10 -26.81 7.95
N PRO D 47 -9.35 -26.29 6.76
CA PRO D 47 -10.73 -26.24 6.24
C PRO D 47 -11.30 -27.62 5.93
N GLY D 48 -12.62 -27.68 5.94
CA GLY D 48 -13.32 -28.89 5.55
C GLY D 48 -13.49 -29.93 6.63
N LEU D 49 -13.29 -29.57 7.90
CA LEU D 49 -13.33 -30.55 8.98
C LEU D 49 -14.65 -30.57 9.75
N GLY D 50 -15.45 -29.51 9.69
CA GLY D 50 -16.73 -29.53 10.36
C GLY D 50 -16.90 -28.52 11.49
N LYS D 51 -16.30 -27.35 11.34
CA LYS D 51 -16.41 -26.34 12.39
C LYS D 51 -17.81 -25.72 12.43
N THR D 52 -18.37 -25.37 11.26
CA THR D 52 -19.74 -24.87 11.23
C THR D 52 -20.73 -25.92 11.69
N THR D 53 -20.52 -27.17 11.26
CA THR D 53 -21.36 -28.27 11.72
C THR D 53 -21.27 -28.43 13.23
N LEU D 54 -20.06 -28.31 13.78
CA LEU D 54 -19.91 -28.42 15.23
C LEU D 54 -20.61 -27.28 15.95
N ALA D 55 -20.56 -26.07 15.40
CA ALA D 55 -21.28 -24.95 16.01
C ALA D 55 -22.78 -25.22 16.02
N HIS D 56 -23.32 -25.72 14.91
CA HIS D 56 -24.74 -26.03 14.86
C HIS D 56 -25.10 -27.14 15.84
N VAL D 57 -24.24 -28.16 15.96
CA VAL D 57 -24.49 -29.26 16.88
C VAL D 57 -24.46 -28.76 18.32
N ILE D 58 -23.53 -27.87 18.65
CA ILE D 58 -23.46 -27.31 19.99
C ILE D 58 -24.72 -26.50 20.29
N ALA D 59 -25.18 -25.69 19.32
CA ALA D 59 -26.41 -24.93 19.51
C ALA D 59 -27.60 -25.84 19.75
N HIS D 60 -27.69 -26.93 18.99
CA HIS D 60 -28.79 -27.87 19.19
C HIS D 60 -28.71 -28.57 20.54
N GLU D 61 -27.50 -28.96 20.97
CA GLU D 61 -27.33 -29.64 22.25
C GLU D 61 -27.69 -28.72 23.40
N LEU D 62 -27.29 -27.46 23.35
CA LEU D 62 -27.66 -26.51 24.40
C LEU D 62 -29.16 -26.25 24.40
N GLY D 63 -29.77 -26.20 23.22
CA GLY D 63 -31.18 -25.90 23.10
C GLY D 63 -31.51 -24.45 22.85
N VAL D 64 -30.56 -23.67 22.35
CA VAL D 64 -30.77 -22.24 22.15
C VAL D 64 -30.75 -21.92 20.66
N ASN D 65 -31.01 -20.66 20.32
CA ASN D 65 -30.98 -20.23 18.94
C ASN D 65 -29.54 -19.97 18.50
N LEU D 66 -29.35 -19.88 17.19
CA LEU D 66 -28.04 -19.65 16.60
C LEU D 66 -28.16 -18.61 15.51
N ARG D 67 -27.53 -17.45 15.72
CA ARG D 67 -27.47 -16.39 14.72
C ARG D 67 -26.11 -16.44 14.04
N VAL D 68 -26.11 -16.65 12.73
CA VAL D 68 -24.89 -16.90 11.97
C VAL D 68 -24.52 -15.63 11.21
N THR D 69 -23.27 -15.19 11.36
CA THR D 69 -22.74 -14.06 10.62
C THR D 69 -21.34 -14.45 10.14
N SER D 70 -20.60 -13.46 9.62
CA SER D 70 -19.26 -13.71 9.10
C SER D 70 -18.36 -12.54 9.44
N GLY D 71 -17.07 -12.77 9.32
CA GLY D 71 -16.07 -11.75 9.55
C GLY D 71 -16.18 -10.60 8.58
N PRO D 72 -15.94 -10.86 7.29
CA PRO D 72 -16.07 -9.80 6.28
C PRO D 72 -17.47 -9.23 6.15
N ALA D 73 -18.49 -9.95 6.61
CA ALA D 73 -19.86 -9.45 6.51
C ALA D 73 -20.10 -8.23 7.39
N ILE D 74 -19.30 -8.04 8.44
CA ILE D 74 -19.44 -6.90 9.34
C ILE D 74 -18.47 -5.83 8.84
N GLU D 75 -18.97 -4.96 7.97
CA GLU D 75 -18.13 -3.91 7.41
C GLU D 75 -17.86 -2.79 8.41
N LYS D 76 -18.86 -2.45 9.23
CA LYS D 76 -18.75 -1.34 10.15
C LYS D 76 -19.16 -1.78 11.56
N PRO D 77 -18.65 -1.11 12.59
CA PRO D 77 -19.04 -1.47 13.97
C PRO D 77 -20.52 -1.28 14.24
N GLY D 78 -21.21 -0.46 13.47
CA GLY D 78 -22.65 -0.32 13.65
C GLY D 78 -23.41 -1.62 13.43
N ASP D 79 -22.96 -2.41 12.45
CA ASP D 79 -23.58 -3.71 12.21
C ASP D 79 -23.42 -4.62 13.42
N LEU D 80 -22.22 -4.67 13.99
CA LEU D 80 -21.99 -5.50 15.17
C LEU D 80 -22.81 -5.01 16.35
N ALA D 81 -22.90 -3.70 16.54
CA ALA D 81 -23.71 -3.15 17.63
C ALA D 81 -25.17 -3.52 17.46
N ALA D 82 -25.70 -3.40 16.24
CA ALA D 82 -27.09 -3.76 15.99
C ALA D 82 -27.34 -5.24 16.23
N ILE D 83 -26.42 -6.10 15.77
CA ILE D 83 -26.58 -7.53 15.97
C ILE D 83 -26.57 -7.87 17.45
N LEU D 84 -25.64 -7.28 18.20
CA LEU D 84 -25.50 -7.62 19.62
C LEU D 84 -26.64 -7.05 20.45
N ALA D 85 -27.19 -5.90 20.05
CA ALA D 85 -28.22 -5.25 20.87
C ALA D 85 -29.63 -5.71 20.54
N ASN D 86 -29.96 -5.86 19.25
CA ASN D 86 -31.32 -6.14 18.84
C ASN D 86 -31.56 -7.60 18.46
N SER D 87 -30.63 -8.23 17.75
CA SER D 87 -30.86 -9.55 17.18
C SER D 87 -30.60 -10.69 18.17
N LEU D 88 -30.01 -10.42 19.33
CA LEU D 88 -29.63 -11.47 20.25
C LEU D 88 -30.58 -11.56 21.43
N GLU D 89 -30.49 -12.68 22.14
CA GLU D 89 -31.33 -12.97 23.29
C GLU D 89 -30.48 -13.60 24.38
N GLU D 90 -31.02 -13.64 25.60
CA GLU D 90 -30.30 -14.23 26.72
C GLU D 90 -30.00 -15.70 26.45
N GLY D 91 -28.72 -16.04 26.48
CA GLY D 91 -28.29 -17.41 26.26
C GLY D 91 -28.11 -17.81 24.82
N ASP D 92 -28.42 -16.93 23.87
CA ASP D 92 -28.30 -17.26 22.45
C ASP D 92 -26.83 -17.37 22.06
N ILE D 93 -26.61 -17.82 20.83
CA ILE D 93 -25.27 -18.07 20.29
C ILE D 93 -25.11 -17.24 19.04
N LEU D 94 -23.99 -16.52 18.95
CA LEU D 94 -23.63 -15.74 17.77
C LEU D 94 -22.38 -16.38 17.17
N PHE D 95 -22.53 -16.99 15.99
CA PHE D 95 -21.45 -17.68 15.32
C PHE D 95 -20.85 -16.77 14.25
N ILE D 96 -19.56 -16.50 14.36
CA ILE D 96 -18.85 -15.67 13.39
C ILE D 96 -17.83 -16.57 12.69
N ASP D 97 -18.13 -16.93 11.45
CA ASP D 97 -17.20 -17.73 10.65
C ASP D 97 -16.14 -16.82 10.05
N GLU D 98 -14.91 -17.34 9.97
CA GLU D 98 -13.75 -16.58 9.50
C GLU D 98 -13.56 -15.33 10.35
N ILE D 99 -13.45 -15.54 11.67
CA ILE D 99 -13.39 -14.45 12.62
C ILE D 99 -12.09 -13.67 12.56
N HIS D 100 -11.09 -14.18 11.86
CA HIS D 100 -9.82 -13.46 11.72
C HIS D 100 -9.86 -12.40 10.64
N ARG D 101 -10.97 -12.27 9.91
CA ARG D 101 -11.14 -11.25 8.88
C ARG D 101 -11.79 -9.98 9.42
N LEU D 102 -12.18 -9.97 10.69
CA LEU D 102 -12.71 -8.76 11.29
C LEU D 102 -11.64 -7.68 11.35
N SER D 103 -12.03 -6.45 11.05
CA SER D 103 -11.11 -5.33 11.16
C SER D 103 -10.71 -5.12 12.62
N ARG D 104 -9.53 -4.54 12.82
CA ARG D 104 -9.01 -4.38 14.17
C ARG D 104 -9.91 -3.50 15.02
N GLN D 105 -10.46 -2.44 14.42
CA GLN D 105 -11.42 -1.61 15.16
C GLN D 105 -12.67 -2.39 15.50
N ALA D 106 -13.12 -3.27 14.60
CA ALA D 106 -14.26 -4.12 14.89
C ALA D 106 -13.94 -5.24 15.87
N GLU D 107 -12.68 -5.70 15.91
CA GLU D 107 -12.30 -6.67 16.94
C GLU D 107 -12.24 -6.01 18.31
N GLU D 108 -11.81 -4.75 18.37
CA GLU D 108 -11.66 -4.07 19.66
C GLU D 108 -12.97 -3.57 20.23
N HIS D 109 -14.07 -3.60 19.46
CA HIS D 109 -15.39 -3.40 20.04
C HIS D 109 -15.88 -4.64 20.77
N LEU D 110 -15.29 -5.81 20.48
CA LEU D 110 -15.74 -7.05 21.10
C LEU D 110 -15.18 -7.27 22.49
N TYR D 111 -14.18 -6.49 22.91
CA TYR D 111 -13.58 -6.71 24.23
C TYR D 111 -14.58 -6.50 25.36
N PRO D 112 -15.26 -5.33 25.47
CA PRO D 112 -16.27 -5.20 26.53
C PRO D 112 -17.45 -6.13 26.36
N ALA D 113 -17.84 -6.42 25.11
CA ALA D 113 -18.98 -7.29 24.87
C ALA D 113 -18.73 -8.70 25.38
N MET D 114 -17.53 -9.24 25.12
CA MET D 114 -17.21 -10.57 25.59
C MET D 114 -16.88 -10.60 27.08
N GLU D 115 -16.23 -9.57 27.60
CA GLU D 115 -15.82 -9.61 29.00
C GLU D 115 -16.88 -9.06 29.95
N ASP D 116 -17.37 -7.84 29.68
CA ASP D 116 -18.30 -7.18 30.58
C ASP D 116 -19.74 -7.21 30.08
N PHE D 117 -19.99 -7.69 28.86
CA PHE D 117 -21.32 -7.68 28.25
C PHE D 117 -21.89 -6.26 28.17
N VAL D 118 -21.02 -5.29 27.92
CA VAL D 118 -21.43 -3.92 27.62
C VAL D 118 -20.83 -3.55 26.28
N MET D 119 -21.09 -2.34 25.80
CA MET D 119 -20.57 -1.91 24.52
C MET D 119 -20.52 -0.39 24.49
N ASP D 120 -19.44 0.14 23.90
CA ASP D 120 -19.20 1.57 23.84
C ASP D 120 -19.54 2.10 22.45
N ILE D 121 -20.48 3.04 22.39
CA ILE D 121 -20.84 3.72 21.15
C ILE D 121 -20.94 5.22 21.44
N VAL D 122 -20.87 6.01 20.37
CA VAL D 122 -20.98 7.46 20.45
C VAL D 122 -22.18 7.89 19.63
N ILE D 123 -23.05 8.70 20.24
CA ILE D 123 -24.26 9.20 19.60
C ILE D 123 -24.35 10.71 19.79
N GLY D 124 -24.88 11.40 18.80
CA GLY D 124 -25.09 12.84 18.91
C GLY D 124 -24.78 13.62 17.65
N GLN D 125 -23.79 13.15 16.89
CA GLN D 125 -23.46 13.71 15.57
C GLN D 125 -23.16 15.21 15.64
N GLY D 126 -22.09 15.55 16.35
CA GLY D 126 -21.61 16.91 16.39
C GLY D 126 -21.51 17.48 17.80
N PRO D 127 -22.01 18.72 17.96
CA PRO D 127 -21.93 19.36 19.29
C PRO D 127 -22.71 18.64 20.37
N ALA D 128 -23.68 17.80 20.00
CA ALA D 128 -24.47 17.04 20.96
C ALA D 128 -23.96 15.61 21.12
N ALA D 129 -22.73 15.34 20.70
CA ALA D 129 -22.19 13.99 20.80
C ALA D 129 -21.99 13.59 22.25
N ARG D 130 -22.20 12.30 22.52
CA ARG D 130 -22.05 11.76 23.86
C ARG D 130 -21.77 10.27 23.76
N THR D 131 -21.26 9.71 24.86
CA THR D 131 -20.90 8.30 24.92
C THR D 131 -21.83 7.58 25.89
N ILE D 132 -22.33 6.41 25.46
CA ILE D 132 -23.22 5.59 26.27
C ILE D 132 -22.71 4.16 26.27
N ARG D 133 -23.13 3.41 27.28
CA ARG D 133 -22.81 1.99 27.41
C ARG D 133 -24.06 1.18 27.15
N LEU D 134 -24.07 0.42 26.07
CA LEU D 134 -25.18 -0.47 25.77
C LEU D 134 -25.04 -1.74 26.59
N GLU D 135 -26.05 -2.05 27.40
CA GLU D 135 -26.04 -3.26 28.21
C GLU D 135 -26.60 -4.41 27.37
N LEU D 136 -25.79 -5.43 27.18
CA LEU D 136 -26.02 -6.59 26.33
C LEU D 136 -26.50 -7.77 27.15
N PRO D 137 -27.31 -8.64 26.56
CA PRO D 137 -27.71 -9.87 27.25
C PRO D 137 -26.56 -10.86 27.31
N ARG D 138 -26.64 -11.78 28.27
CA ARG D 138 -25.61 -12.81 28.43
C ARG D 138 -25.74 -13.81 27.29
N PHE D 139 -24.87 -13.66 26.29
CA PHE D 139 -24.88 -14.50 25.10
C PHE D 139 -23.61 -15.35 25.06
N THR D 140 -23.52 -16.17 24.02
CA THR D 140 -22.36 -17.02 23.77
C THR D 140 -21.81 -16.70 22.39
N LEU D 141 -20.51 -16.47 22.30
CA LEU D 141 -19.85 -16.20 21.03
C LEU D 141 -19.05 -17.42 20.61
N ILE D 142 -19.29 -17.88 19.39
CA ILE D 142 -18.54 -18.99 18.80
C ILE D 142 -17.83 -18.45 17.57
N GLY D 143 -16.51 -18.63 17.53
CA GLY D 143 -15.73 -18.18 16.40
C GLY D 143 -14.99 -19.31 15.73
N ALA D 144 -15.05 -19.38 14.40
CA ALA D 144 -14.36 -20.38 13.61
C ALA D 144 -13.37 -19.69 12.70
N THR D 145 -12.12 -20.16 12.71
CA THR D 145 -11.09 -19.54 11.89
C THR D 145 -10.05 -20.60 11.53
N THR D 146 -9.37 -20.37 10.40
CA THR D 146 -8.25 -21.20 10.00
C THR D 146 -6.90 -20.56 10.31
N ARG D 147 -6.89 -19.29 10.72
CA ARG D 147 -5.66 -18.55 11.00
C ARG D 147 -5.78 -17.94 12.39
N PRO D 148 -5.55 -18.74 13.44
CA PRO D 148 -5.60 -18.18 14.80
C PRO D 148 -4.55 -17.12 15.07
N GLY D 149 -3.45 -17.10 14.31
CA GLY D 149 -2.42 -16.10 14.51
C GLY D 149 -2.79 -14.73 14.02
N LEU D 150 -3.87 -14.61 13.25
CA LEU D 150 -4.36 -13.32 12.79
C LEU D 150 -5.36 -12.69 13.75
N ILE D 151 -5.65 -13.35 14.87
CA ILE D 151 -6.55 -12.83 15.89
C ILE D 151 -5.74 -12.07 16.92
N THR D 152 -6.25 -10.90 17.32
CA THR D 152 -5.53 -10.07 18.27
C THR D 152 -5.49 -10.75 19.63
N ALA D 153 -4.34 -10.63 20.31
CA ALA D 153 -4.12 -11.38 21.55
C ALA D 153 -5.14 -11.08 22.65
N PRO D 154 -5.52 -9.82 22.92
CA PRO D 154 -6.60 -9.59 23.88
C PRO D 154 -7.90 -10.28 23.51
N LEU D 155 -8.20 -10.42 22.22
CA LEU D 155 -9.39 -11.16 21.81
C LEU D 155 -9.21 -12.65 21.99
N LEU D 156 -8.02 -13.17 21.68
CA LEU D 156 -7.77 -14.60 21.84
C LEU D 156 -7.78 -15.02 23.30
N SER D 157 -7.41 -14.11 24.21
CA SER D 157 -7.42 -14.44 25.63
C SER D 157 -8.81 -14.40 26.24
N ARG D 158 -9.80 -13.86 25.53
CA ARG D 158 -11.15 -13.72 26.05
C ARG D 158 -12.04 -14.92 25.77
N PHE D 159 -11.51 -15.97 25.15
CA PHE D 159 -12.28 -17.16 24.84
C PHE D 159 -12.14 -18.16 25.97
N GLY D 160 -13.28 -18.56 26.55
CA GLY D 160 -13.25 -19.50 27.65
C GLY D 160 -12.77 -20.88 27.22
N ILE D 161 -13.23 -21.36 26.07
CA ILE D 161 -12.86 -22.66 25.54
C ILE D 161 -12.23 -22.46 24.17
N VAL D 162 -11.03 -22.98 23.98
CA VAL D 162 -10.33 -22.94 22.71
C VAL D 162 -10.00 -24.38 22.32
N GLU D 163 -10.44 -24.79 21.13
CA GLU D 163 -10.35 -26.18 20.71
C GLU D 163 -9.83 -26.26 19.28
N HIS D 164 -9.22 -27.40 18.97
CA HIS D 164 -8.57 -27.63 17.69
C HIS D 164 -9.23 -28.81 16.98
N LEU D 165 -9.59 -28.62 15.72
CA LEU D 165 -10.15 -29.68 14.89
C LEU D 165 -9.03 -30.40 14.17
N GLU D 166 -8.98 -31.72 14.33
CA GLU D 166 -7.91 -32.52 13.74
C GLU D 166 -8.42 -33.31 12.54
N TYR D 167 -7.47 -33.79 11.75
CA TYR D 167 -7.79 -34.55 10.54
C TYR D 167 -8.44 -35.88 10.89
N TYR D 168 -9.28 -36.37 9.97
CA TYR D 168 -9.98 -37.63 10.16
C TYR D 168 -9.16 -38.79 9.61
N THR D 169 -9.31 -39.94 10.24
CA THR D 169 -8.69 -41.16 9.74
C THR D 169 -9.53 -41.73 8.59
N PRO D 170 -8.93 -42.61 7.77
CA PRO D 170 -9.71 -43.20 6.67
C PRO D 170 -10.96 -43.92 7.12
N GLU D 171 -10.95 -44.54 8.30
CA GLU D 171 -12.14 -45.25 8.78
C GLU D 171 -13.28 -44.28 9.09
N GLU D 172 -12.95 -43.12 9.68
CA GLU D 172 -14.00 -42.14 9.97
C GLU D 172 -14.54 -41.52 8.69
N LEU D 173 -13.68 -41.30 7.70
CA LEU D 173 -14.15 -40.83 6.40
C LEU D 173 -15.03 -41.88 5.74
N ALA D 174 -14.70 -43.15 5.90
CA ALA D 174 -15.56 -44.22 5.40
C ALA D 174 -16.91 -44.22 6.09
N GLN D 175 -16.93 -43.98 7.40
CA GLN D 175 -18.20 -43.88 8.11
C GLN D 175 -19.03 -42.71 7.59
N GLY D 176 -18.38 -41.57 7.35
CA GLY D 176 -19.10 -40.44 6.78
C GLY D 176 -19.65 -40.72 5.39
N VAL D 177 -18.86 -41.41 4.57
CA VAL D 177 -19.31 -41.77 3.22
C VAL D 177 -20.50 -42.71 3.29
N MET D 178 -20.45 -43.70 4.20
CA MET D 178 -21.57 -44.62 4.35
C MET D 178 -22.83 -43.90 4.84
N ARG D 179 -22.67 -42.95 5.77
CA ARG D 179 -23.81 -42.18 6.24
C ARG D 179 -24.41 -41.36 5.09
N ASP D 180 -23.56 -40.73 4.29
CA ASP D 180 -24.05 -39.94 3.15
C ASP D 180 -24.77 -40.81 2.15
N ALA D 181 -24.22 -42.00 1.86
CA ALA D 181 -24.86 -42.92 0.93
C ALA D 181 -26.20 -43.38 1.45
N ARG D 182 -26.28 -43.71 2.75
CA ARG D 182 -27.53 -44.17 3.33
C ARG D 182 -28.58 -43.07 3.29
N LEU D 183 -28.18 -41.83 3.56
CA LEU D 183 -29.12 -40.73 3.49
C LEU D 183 -29.55 -40.43 2.05
N LEU D 184 -28.68 -40.70 1.08
CA LEU D 184 -29.00 -40.44 -0.32
C LEU D 184 -29.64 -41.63 -1.02
N GLY D 185 -29.74 -42.78 -0.36
CA GLY D 185 -30.34 -43.96 -0.95
C GLY D 185 -29.38 -44.85 -1.72
N VAL D 186 -28.10 -44.47 -1.84
CA VAL D 186 -27.14 -45.28 -2.55
C VAL D 186 -26.73 -46.48 -1.69
N ARG D 187 -26.21 -47.52 -2.35
CA ARG D 187 -25.91 -48.78 -1.68
C ARG D 187 -24.42 -49.11 -1.74
N ILE D 188 -23.58 -48.13 -1.41
CA ILE D 188 -22.13 -48.36 -1.41
C ILE D 188 -21.78 -49.46 -0.39
N THR D 189 -20.61 -50.06 -0.61
CA THR D 189 -20.10 -51.11 0.26
C THR D 189 -19.03 -50.57 1.20
N GLU D 190 -18.60 -51.41 2.14
CA GLU D 190 -17.58 -51.01 3.10
C GLU D 190 -16.25 -50.74 2.41
N GLU D 191 -15.86 -51.61 1.48
CA GLU D 191 -14.55 -51.48 0.83
C GLU D 191 -14.48 -50.23 -0.04
N ALA D 192 -15.55 -49.94 -0.77
CA ALA D 192 -15.56 -48.72 -1.59
C ALA D 192 -15.47 -47.48 -0.72
N ALA D 193 -16.20 -47.46 0.41
CA ALA D 193 -16.12 -46.34 1.32
C ALA D 193 -14.71 -46.18 1.89
N LEU D 194 -14.06 -47.30 2.23
CA LEU D 194 -12.69 -47.22 2.74
C LEU D 194 -11.74 -46.69 1.67
N GLU D 195 -11.91 -47.12 0.43
CA GLU D 195 -11.07 -46.61 -0.66
C GLU D 195 -11.27 -45.12 -0.86
N ILE D 196 -12.52 -44.66 -0.85
CA ILE D 196 -12.79 -43.23 -1.02
C ILE D 196 -12.21 -42.43 0.15
N GLY D 197 -12.28 -42.99 1.35
CA GLY D 197 -11.67 -42.32 2.50
C GLY D 197 -10.15 -42.25 2.39
N ARG D 198 -9.53 -43.31 1.89
CA ARG D 198 -8.08 -43.30 1.72
C ARG D 198 -7.65 -42.30 0.65
N ARG D 199 -8.44 -42.17 -0.42
CA ARG D 199 -8.13 -41.18 -1.44
C ARG D 199 -8.23 -39.76 -0.92
N SER D 200 -9.00 -39.54 0.14
CA SER D 200 -9.14 -38.22 0.73
C SER D 200 -7.86 -37.83 1.47
N ARG D 201 -7.73 -36.54 1.73
CA ARG D 201 -6.57 -35.99 2.43
C ARG D 201 -6.87 -35.73 3.90
N GLY D 202 -7.68 -36.58 4.52
CA GLY D 202 -8.11 -36.36 5.89
C GLY D 202 -9.23 -35.36 6.03
N THR D 203 -9.96 -35.08 4.96
CA THR D 203 -10.99 -34.06 4.95
C THR D 203 -12.34 -34.70 4.63
N MET D 204 -13.38 -34.26 5.34
CA MET D 204 -14.71 -34.81 5.11
C MET D 204 -15.33 -34.28 3.83
N ARG D 205 -15.09 -33.01 3.52
CA ARG D 205 -15.65 -32.41 2.31
C ARG D 205 -15.11 -33.10 1.06
N VAL D 206 -13.80 -33.37 1.04
CA VAL D 206 -13.19 -34.06 -0.09
C VAL D 206 -13.79 -35.46 -0.24
N ALA D 207 -13.97 -36.17 0.88
CA ALA D 207 -14.55 -37.50 0.83
C ALA D 207 -15.97 -37.47 0.27
N LYS D 208 -16.76 -36.49 0.70
CA LYS D 208 -18.12 -36.38 0.18
C LYS D 208 -18.13 -36.08 -1.31
N ARG D 209 -17.26 -35.19 -1.76
CA ARG D 209 -17.19 -34.88 -3.19
C ARG D 209 -16.77 -36.09 -4.00
N LEU D 210 -15.77 -36.82 -3.52
CA LEU D 210 -15.33 -38.03 -4.22
C LEU D 210 -16.43 -39.07 -4.27
N PHE D 211 -17.18 -39.21 -3.17
CA PHE D 211 -18.31 -40.13 -3.17
C PHE D 211 -19.35 -39.73 -4.20
N ARG D 212 -19.63 -38.43 -4.32
CA ARG D 212 -20.61 -37.98 -5.30
C ARG D 212 -20.15 -38.31 -6.72
N ARG D 213 -18.87 -38.06 -7.01
CA ARG D 213 -18.37 -38.36 -8.36
C ARG D 213 -18.41 -39.87 -8.65
N VAL D 214 -18.02 -40.69 -7.68
CA VAL D 214 -18.09 -42.14 -7.87
C VAL D 214 -19.53 -42.59 -8.02
N ARG D 215 -20.45 -41.95 -7.30
CA ARG D 215 -21.87 -42.25 -7.46
C ARG D 215 -22.34 -41.97 -8.88
N ASP D 216 -21.92 -40.83 -9.45
CA ASP D 216 -22.28 -40.53 -10.83
C ASP D 216 -21.71 -41.58 -11.78
N PHE D 217 -20.45 -41.95 -11.58
CA PHE D 217 -19.80 -42.93 -12.46
C PHE D 217 -20.50 -44.28 -12.39
N ALA D 218 -20.91 -44.70 -11.19
CA ALA D 218 -21.61 -45.98 -11.06
C ALA D 218 -23.06 -45.90 -11.55
N GLN D 219 -23.69 -44.73 -11.43
CA GLN D 219 -25.08 -44.60 -11.87
C GLN D 219 -25.20 -44.63 -13.38
N VAL D 220 -24.28 -43.99 -14.10
CA VAL D 220 -24.37 -43.99 -15.55
C VAL D 220 -24.11 -45.39 -16.10
N ALA D 221 -23.42 -46.25 -15.34
CA ALA D 221 -23.11 -47.59 -15.81
C ALA D 221 -24.20 -48.60 -15.45
N GLY D 222 -25.28 -48.17 -14.80
CA GLY D 222 -26.38 -49.05 -14.47
C GLY D 222 -26.19 -49.91 -13.24
N GLU D 223 -25.05 -49.79 -12.56
CA GLU D 223 -24.83 -50.57 -11.35
C GLU D 223 -25.68 -50.04 -10.21
N GLU D 224 -26.18 -50.96 -9.38
CA GLU D 224 -26.97 -50.61 -8.22
C GLU D 224 -26.18 -50.61 -6.91
N VAL D 225 -25.03 -51.28 -6.88
CA VAL D 225 -24.17 -51.33 -5.72
C VAL D 225 -22.78 -50.87 -6.13
N ILE D 226 -22.21 -49.92 -5.40
CA ILE D 226 -20.89 -49.39 -5.71
C ILE D 226 -19.83 -50.33 -5.13
N THR D 227 -19.43 -51.32 -5.93
CA THR D 227 -18.45 -52.30 -5.50
C THR D 227 -17.05 -51.67 -5.52
N ARG D 228 -16.12 -52.32 -4.83
CA ARG D 228 -14.77 -51.78 -4.67
C ARG D 228 -14.09 -51.53 -6.01
N GLU D 229 -14.27 -52.43 -6.98
CA GLU D 229 -13.62 -52.27 -8.27
C GLU D 229 -14.15 -51.05 -9.02
N ARG D 230 -15.47 -50.82 -8.97
CA ARG D 230 -16.04 -49.64 -9.59
C ARG D 230 -15.48 -48.36 -8.97
N ALA D 231 -15.37 -48.35 -7.63
CA ALA D 231 -14.80 -47.18 -6.96
C ALA D 231 -13.34 -46.99 -7.37
N LEU D 232 -12.58 -48.08 -7.48
CA LEU D 232 -11.18 -47.97 -7.87
C LEU D 232 -11.05 -47.37 -9.26
N GLU D 233 -11.85 -47.85 -10.22
CA GLU D 233 -11.72 -47.34 -11.58
C GLU D 233 -12.23 -45.90 -11.69
N ALA D 234 -13.28 -45.57 -10.94
CA ALA D 234 -13.76 -44.19 -10.94
C ALA D 234 -12.73 -43.24 -10.35
N LEU D 235 -12.07 -43.65 -9.27
CA LEU D 235 -11.05 -42.79 -8.66
C LEU D 235 -9.81 -42.70 -9.52
N ALA D 236 -9.47 -43.76 -10.25
CA ALA D 236 -8.38 -43.69 -11.21
C ALA D 236 -8.74 -42.74 -12.36
N ALA D 237 -10.00 -42.75 -12.79
CA ALA D 237 -10.45 -41.79 -13.79
C ALA D 237 -10.35 -40.36 -13.27
N LEU D 238 -10.70 -40.15 -12.00
CA LEU D 238 -10.55 -38.84 -11.40
C LEU D 238 -9.09 -38.41 -11.26
N GLY D 239 -8.16 -39.36 -11.27
CA GLY D 239 -6.75 -39.04 -11.25
C GLY D 239 -6.12 -38.96 -9.87
N LEU D 240 -6.28 -40.02 -9.07
CA LEU D 240 -5.73 -40.08 -7.73
C LEU D 240 -4.95 -41.37 -7.53
N ASP D 241 -3.84 -41.27 -6.82
CA ASP D 241 -3.02 -42.43 -6.48
C ASP D 241 -3.70 -43.23 -5.37
N GLU D 242 -3.01 -44.25 -4.86
CA GLU D 242 -3.47 -44.95 -3.66
C GLU D 242 -3.40 -44.07 -2.42
N LEU D 243 -2.69 -42.94 -2.49
CA LEU D 243 -2.60 -41.99 -1.39
C LEU D 243 -3.28 -40.66 -1.71
N GLY D 244 -4.06 -40.60 -2.79
CA GLY D 244 -4.72 -39.37 -3.16
C GLY D 244 -3.80 -38.35 -3.80
N LEU D 245 -2.74 -38.79 -4.47
CA LEU D 245 -1.76 -37.90 -5.07
C LEU D 245 -2.21 -37.52 -6.48
N GLU D 246 -2.29 -36.22 -6.75
CA GLU D 246 -2.56 -35.75 -8.09
C GLU D 246 -1.34 -35.96 -8.97
N LYS D 247 -1.53 -35.77 -10.27
CA LYS D 247 -0.44 -36.03 -11.22
C LYS D 247 0.73 -35.08 -11.01
N ARG D 248 0.46 -33.83 -10.62
CA ARG D 248 1.54 -32.88 -10.39
C ARG D 248 2.45 -33.34 -9.26
N ASP D 249 1.87 -33.85 -8.16
CA ASP D 249 2.68 -34.37 -7.08
C ASP D 249 3.48 -35.59 -7.52
N ARG D 250 2.85 -36.47 -8.31
CA ARG D 250 3.56 -37.63 -8.81
C ARG D 250 4.78 -37.24 -9.63
N GLU D 251 4.62 -36.28 -10.54
CA GLU D 251 5.76 -35.91 -11.38
C GLU D 251 6.76 -35.05 -10.63
N ILE D 252 6.35 -34.35 -9.57
CA ILE D 252 7.32 -33.70 -8.68
C ILE D 252 8.21 -34.75 -8.03
N LEU D 253 7.60 -35.81 -7.50
CA LEU D 253 8.38 -36.88 -6.90
C LEU D 253 9.26 -37.57 -7.94
N GLU D 254 8.74 -37.76 -9.15
CA GLU D 254 9.52 -38.40 -10.21
C GLU D 254 10.73 -37.56 -10.60
N VAL D 255 10.55 -36.24 -10.71
CA VAL D 255 11.67 -35.36 -11.03
C VAL D 255 12.68 -35.37 -9.89
N LEU D 256 12.21 -35.39 -8.64
CA LEU D 256 13.11 -35.44 -7.50
C LEU D 256 13.93 -36.72 -7.49
N ILE D 257 13.31 -37.85 -7.84
CA ILE D 257 13.99 -39.14 -7.72
C ILE D 257 14.89 -39.39 -8.92
N LEU D 258 14.34 -39.32 -10.13
CA LEU D 258 15.10 -39.70 -11.32
C LEU D 258 16.20 -38.70 -11.64
N ARG D 259 15.86 -37.41 -11.68
CA ARG D 259 16.79 -36.41 -12.19
C ARG D 259 17.90 -36.10 -11.18
N PHE D 260 17.53 -35.90 -9.92
CA PHE D 260 18.48 -35.49 -8.89
C PHE D 260 18.93 -36.65 -8.00
N GLY D 261 18.51 -37.87 -8.30
CA GLY D 261 18.90 -39.02 -7.51
C GLY D 261 18.21 -39.13 -6.17
N GLY D 262 17.20 -38.31 -5.91
CA GLY D 262 16.49 -38.34 -4.65
C GLY D 262 17.19 -37.63 -3.51
N GLY D 263 18.39 -37.10 -3.74
CA GLY D 263 19.15 -36.44 -2.71
C GLY D 263 18.77 -34.98 -2.58
N PRO D 264 19.51 -34.24 -1.74
CA PRO D 264 19.20 -32.81 -1.54
C PRO D 264 19.31 -32.04 -2.85
N VAL D 265 18.22 -31.37 -3.22
CA VAL D 265 18.15 -30.65 -4.48
C VAL D 265 18.08 -29.14 -4.27
N GLY D 266 17.40 -28.69 -3.22
CA GLY D 266 17.19 -27.28 -3.01
C GLY D 266 15.90 -26.79 -3.66
N LEU D 267 15.35 -25.72 -3.09
CA LEU D 267 14.07 -25.22 -3.55
C LEU D 267 14.17 -24.60 -4.95
N ALA D 268 15.18 -23.75 -5.17
CA ALA D 268 15.29 -23.06 -6.44
C ALA D 268 15.58 -24.01 -7.59
N THR D 269 16.51 -24.94 -7.39
CA THR D 269 16.86 -25.89 -8.46
C THR D 269 15.68 -26.79 -8.80
N LEU D 270 15.00 -27.32 -7.78
CA LEU D 270 13.84 -28.17 -8.04
C LEU D 270 12.72 -27.40 -8.69
N ALA D 271 12.50 -26.16 -8.26
CA ALA D 271 11.44 -25.34 -8.84
C ALA D 271 11.72 -25.03 -10.31
N THR D 272 12.97 -24.66 -10.64
CA THR D 272 13.30 -24.35 -12.02
C THR D 272 13.39 -25.60 -12.89
N ALA D 273 13.62 -26.76 -12.29
CA ALA D 273 13.56 -28.00 -13.06
C ALA D 273 12.13 -28.40 -13.37
N LEU D 274 11.18 -27.99 -12.53
CA LEU D 274 9.76 -28.27 -12.73
C LEU D 274 9.02 -27.11 -13.35
N SER D 275 9.71 -26.02 -13.68
CA SER D 275 9.09 -24.84 -14.28
C SER D 275 7.97 -24.28 -13.40
N GLU D 276 8.19 -24.28 -12.09
CA GLU D 276 7.24 -23.75 -11.13
C GLU D 276 7.88 -22.64 -10.31
N ASP D 277 7.08 -21.65 -9.97
CA ASP D 277 7.53 -20.60 -9.06
C ASP D 277 7.67 -21.17 -7.65
N PRO D 278 8.69 -20.75 -6.89
CA PRO D 278 8.88 -21.24 -5.51
C PRO D 278 7.93 -20.61 -4.51
N GLY D 279 6.65 -20.50 -4.89
CA GLY D 279 5.61 -20.05 -4.01
C GLY D 279 4.37 -20.92 -4.17
N THR D 280 4.44 -21.81 -5.15
CA THR D 280 3.42 -22.83 -5.37
C THR D 280 3.91 -24.23 -5.02
N LEU D 281 5.20 -24.50 -5.20
CA LEU D 281 5.74 -25.79 -4.79
C LEU D 281 5.79 -25.90 -3.28
N GLU D 282 6.13 -24.81 -2.58
CA GLU D 282 6.24 -24.85 -1.13
C GLU D 282 4.89 -24.89 -0.44
N GLU D 283 3.92 -24.11 -0.92
CA GLU D 283 2.68 -23.90 -0.17
C GLU D 283 1.50 -24.72 -0.68
N VAL D 284 1.61 -25.36 -1.84
CA VAL D 284 0.45 -26.06 -2.40
C VAL D 284 0.74 -27.55 -2.55
N HIS D 285 2.00 -27.91 -2.75
CA HIS D 285 2.38 -29.29 -3.02
C HIS D 285 3.24 -29.91 -1.93
N GLU D 286 4.21 -29.16 -1.41
CA GLU D 286 5.08 -29.70 -0.36
C GLU D 286 4.36 -30.14 0.91
N PRO D 287 3.41 -29.37 1.47
CA PRO D 287 2.86 -29.76 2.79
C PRO D 287 2.23 -31.14 2.81
N TYR D 288 1.51 -31.53 1.76
CA TYR D 288 0.90 -32.87 1.77
C TYR D 288 1.91 -33.96 1.52
N LEU D 289 2.94 -33.70 0.72
CA LEU D 289 4.00 -34.68 0.54
C LEU D 289 4.75 -34.91 1.85
N ILE D 290 4.95 -33.86 2.62
CA ILE D 290 5.58 -34.00 3.93
C ILE D 290 4.63 -34.71 4.90
N ARG D 291 3.33 -34.43 4.81
CA ARG D 291 2.37 -35.05 5.71
C ARG D 291 2.32 -36.56 5.53
N GLN D 292 2.38 -37.02 4.29
CA GLN D 292 2.29 -38.45 3.99
C GLN D 292 3.62 -39.17 4.18
N GLY D 293 4.69 -38.46 4.53
CA GLY D 293 5.98 -39.09 4.70
C GLY D 293 6.72 -39.38 3.42
N LEU D 294 6.34 -38.73 2.32
CA LEU D 294 7.00 -38.94 1.03
C LEU D 294 8.06 -37.90 0.72
N LEU D 295 8.06 -36.76 1.40
CA LEU D 295 9.04 -35.72 1.20
C LEU D 295 9.67 -35.34 2.54
N LYS D 296 10.95 -35.02 2.51
CA LYS D 296 11.71 -34.70 3.72
C LYS D 296 12.50 -33.43 3.50
N ARG D 297 12.46 -32.54 4.50
CA ARG D 297 13.19 -31.28 4.44
C ARG D 297 14.46 -31.39 5.28
N THR D 298 15.59 -31.08 4.66
CA THR D 298 16.92 -31.22 5.23
C THR D 298 17.66 -29.91 5.06
N PRO D 299 18.59 -29.57 5.96
CA PRO D 299 19.40 -28.37 5.75
C PRO D 299 20.15 -28.36 4.43
N ARG D 300 20.55 -29.52 3.92
CA ARG D 300 21.17 -29.58 2.61
C ARG D 300 20.15 -29.32 1.49
N GLY D 301 18.92 -29.81 1.65
CA GLY D 301 17.91 -29.64 0.63
C GLY D 301 16.69 -30.49 0.91
N ARG D 302 16.00 -30.87 -0.17
CA ARG D 302 14.85 -31.74 -0.10
C ARG D 302 15.23 -33.16 -0.49
N VAL D 303 14.77 -34.13 0.30
CA VAL D 303 15.12 -35.53 0.13
C VAL D 303 13.86 -36.34 -0.05
N ALA D 304 13.86 -37.25 -1.02
CA ALA D 304 12.74 -38.15 -1.24
C ALA D 304 12.88 -39.36 -0.33
N THR D 305 11.86 -39.60 0.50
CA THR D 305 11.90 -40.67 1.47
C THR D 305 11.74 -42.02 0.77
N GLU D 306 12.19 -43.09 1.46
CA GLU D 306 12.05 -44.44 0.93
C GLU D 306 10.59 -44.79 0.66
N LEU D 307 9.66 -44.19 1.41
CA LEU D 307 8.25 -44.41 1.14
C LEU D 307 7.87 -43.89 -0.25
N ALA D 308 8.47 -42.78 -0.67
CA ALA D 308 8.24 -42.29 -2.03
C ALA D 308 8.82 -43.26 -3.06
N TYR D 309 9.91 -43.96 -2.72
CA TYR D 309 10.44 -44.97 -3.62
C TYR D 309 9.49 -46.16 -3.75
N ARG D 310 8.97 -46.64 -2.62
CA ARG D 310 8.09 -47.80 -2.67
C ARG D 310 6.73 -47.46 -3.27
N HIS D 311 6.28 -46.22 -3.15
CA HIS D 311 4.98 -45.84 -3.68
C HIS D 311 5.02 -45.70 -5.20
N LEU D 312 6.14 -45.29 -5.77
CA LEU D 312 6.27 -45.08 -7.20
C LEU D 312 6.76 -46.31 -7.94
N GLY D 313 6.96 -47.44 -7.25
CA GLY D 313 7.44 -48.64 -7.88
C GLY D 313 8.86 -48.54 -8.42
N TYR D 314 9.75 -47.90 -7.66
CA TYR D 314 11.14 -47.74 -8.03
C TYR D 314 12.03 -48.62 -7.15
N PRO D 315 13.21 -49.00 -7.63
CA PRO D 315 14.12 -49.81 -6.82
C PRO D 315 14.53 -49.07 -5.55
N PRO D 316 14.67 -49.78 -4.44
CA PRO D 316 15.03 -49.11 -3.19
C PRO D 316 16.41 -48.48 -3.29
N PRO D 317 16.64 -47.38 -2.55
CA PRO D 317 17.93 -46.68 -2.57
C PRO D 317 19.09 -47.55 -2.10
N LEU E 6 -22.02 -19.55 -35.23
CA LEU E 6 -20.78 -20.31 -35.28
C LEU E 6 -20.65 -21.23 -34.07
N ARG E 7 -21.39 -20.91 -33.02
CA ARG E 7 -21.29 -21.67 -31.78
C ARG E 7 -22.00 -23.02 -31.93
N PRO E 8 -21.32 -24.13 -31.67
CA PRO E 8 -22.00 -25.43 -31.67
C PRO E 8 -22.96 -25.54 -30.49
N LYS E 9 -23.84 -26.55 -30.57
CA LYS E 9 -24.86 -26.76 -29.54
C LYS E 9 -24.88 -28.19 -29.02
N THR E 10 -23.87 -29.01 -29.35
CA THR E 10 -23.84 -30.40 -28.92
C THR E 10 -22.40 -30.77 -28.59
N LEU E 11 -22.24 -31.64 -27.58
CA LEU E 11 -20.91 -32.13 -27.24
C LEU E 11 -20.27 -32.89 -28.39
N ASP E 12 -21.09 -33.47 -29.27
CA ASP E 12 -20.54 -34.07 -30.49
C ASP E 12 -19.95 -33.01 -31.41
N GLU E 13 -20.60 -31.85 -31.50
CA GLU E 13 -20.09 -30.78 -32.35
C GLU E 13 -18.90 -30.05 -31.73
N TYR E 14 -18.66 -30.23 -30.44
CA TYR E 14 -17.45 -29.71 -29.82
C TYR E 14 -16.25 -30.43 -30.41
N ILE E 15 -15.14 -29.72 -30.59
CA ILE E 15 -14.09 -30.18 -31.48
C ILE E 15 -13.19 -31.22 -30.81
N GLY E 16 -12.43 -30.80 -29.80
CA GLY E 16 -11.33 -31.65 -29.38
C GLY E 16 -11.01 -31.79 -27.90
N GLN E 17 -11.98 -31.59 -27.02
CA GLN E 17 -11.76 -31.80 -25.59
C GLN E 17 -12.22 -33.19 -25.18
N GLU E 18 -11.63 -34.20 -25.84
CA GLU E 18 -12.11 -35.58 -25.72
C GLU E 18 -11.97 -36.10 -24.29
N ARG E 19 -10.80 -35.89 -23.68
CA ARG E 19 -10.57 -36.40 -22.34
C ARG E 19 -11.52 -35.77 -21.33
N LEU E 20 -11.71 -34.45 -21.42
CA LEU E 20 -12.67 -33.78 -20.55
C LEU E 20 -14.10 -34.20 -20.88
N LYS E 21 -14.41 -34.35 -22.17
CA LYS E 21 -15.76 -34.71 -22.58
C LYS E 21 -16.14 -36.10 -22.08
N GLN E 22 -15.17 -36.99 -21.91
CA GLN E 22 -15.48 -38.33 -21.41
C GLN E 22 -16.10 -38.27 -20.01
N LYS E 23 -15.52 -37.46 -19.13
CA LYS E 23 -16.08 -37.30 -17.78
C LYS E 23 -17.31 -36.40 -17.78
N LEU E 24 -17.32 -35.37 -18.63
CA LEU E 24 -18.45 -34.47 -18.68
C LEU E 24 -19.71 -35.19 -19.13
N ARG E 25 -19.59 -36.12 -20.06
CA ARG E 25 -20.74 -36.91 -20.48
C ARG E 25 -21.29 -37.74 -19.33
N VAL E 26 -20.41 -38.32 -18.52
CA VAL E 26 -20.84 -39.10 -17.36
C VAL E 26 -21.61 -38.22 -16.38
N TYR E 27 -21.03 -37.08 -16.01
CA TYR E 27 -21.68 -36.22 -15.03
C TYR E 27 -23.00 -35.68 -15.57
N LEU E 28 -23.00 -35.26 -16.83
CA LEU E 28 -24.19 -34.70 -17.46
C LEU E 28 -25.32 -35.73 -17.55
N GLU E 29 -24.99 -36.95 -17.98
CA GLU E 29 -26.01 -37.98 -18.09
C GLU E 29 -26.55 -38.37 -16.72
N ALA E 30 -25.69 -38.46 -15.71
CA ALA E 30 -26.17 -38.78 -14.36
C ALA E 30 -27.09 -37.68 -13.84
N ALA E 31 -26.72 -36.42 -14.05
CA ALA E 31 -27.57 -35.32 -13.61
C ALA E 31 -28.92 -35.33 -14.32
N LYS E 32 -28.91 -35.60 -15.63
CA LYS E 32 -30.16 -35.68 -16.37
C LYS E 32 -31.03 -36.85 -15.88
N ALA E 33 -30.40 -37.99 -15.60
CA ALA E 33 -31.15 -39.15 -15.13
C ALA E 33 -31.79 -38.89 -13.78
N ARG E 34 -31.06 -38.23 -12.87
CA ARG E 34 -31.64 -37.92 -11.57
C ARG E 34 -32.65 -36.78 -11.62
N LYS E 35 -32.77 -36.08 -12.76
CA LYS E 35 -33.70 -34.97 -12.92
C LYS E 35 -33.49 -33.89 -11.86
N GLU E 36 -32.23 -33.63 -11.54
CA GLU E 36 -31.85 -32.60 -10.60
C GLU E 36 -30.75 -31.73 -11.21
N PRO E 37 -30.63 -30.48 -10.77
CA PRO E 37 -29.62 -29.59 -11.36
C PRO E 37 -28.21 -30.13 -11.17
N LEU E 38 -27.38 -29.88 -12.18
CA LEU E 38 -25.98 -30.27 -12.12
C LEU E 38 -25.25 -29.51 -11.02
N GLU E 39 -24.25 -30.16 -10.42
CA GLU E 39 -23.43 -29.50 -9.41
C GLU E 39 -22.64 -28.36 -10.04
N HIS E 40 -22.17 -27.46 -9.17
CA HIS E 40 -21.41 -26.31 -9.65
C HIS E 40 -20.11 -26.79 -10.28
N LEU E 41 -19.75 -26.17 -11.40
CA LEU E 41 -18.64 -26.60 -12.22
C LEU E 41 -17.66 -25.45 -12.41
N LEU E 42 -16.37 -25.76 -12.43
CA LEU E 42 -15.31 -24.77 -12.61
C LEU E 42 -14.42 -25.20 -13.75
N LEU E 43 -14.14 -24.28 -14.67
CA LEU E 43 -13.35 -24.55 -15.86
C LEU E 43 -12.03 -23.81 -15.78
N PHE E 44 -10.93 -24.54 -15.90
CA PHE E 44 -9.60 -23.97 -15.95
C PHE E 44 -9.05 -24.09 -17.37
N GLY E 45 -8.04 -23.28 -17.67
CA GLY E 45 -7.38 -23.36 -18.95
C GLY E 45 -6.97 -22.01 -19.49
N PRO E 46 -6.09 -22.02 -20.49
CA PRO E 46 -5.67 -20.77 -21.11
C PRO E 46 -6.81 -20.14 -21.89
N PRO E 47 -6.78 -18.82 -22.10
CA PRO E 47 -7.87 -18.17 -22.83
C PRO E 47 -7.92 -18.60 -24.28
N GLY E 48 -9.13 -18.53 -24.85
CA GLY E 48 -9.33 -18.86 -26.24
C GLY E 48 -9.57 -20.32 -26.55
N LEU E 49 -9.86 -21.14 -25.55
CA LEU E 49 -10.01 -22.57 -25.76
C LEU E 49 -11.46 -23.02 -25.89
N GLY E 50 -12.43 -22.19 -25.51
CA GLY E 50 -13.82 -22.54 -25.73
C GLY E 50 -14.65 -22.71 -24.48
N LYS E 51 -14.33 -21.96 -23.42
CA LYS E 51 -15.05 -22.10 -22.16
C LYS E 51 -16.50 -21.62 -22.29
N THR E 52 -16.71 -20.47 -22.93
CA THR E 52 -18.07 -19.98 -23.13
C THR E 52 -18.86 -20.91 -24.05
N THR E 53 -18.20 -21.42 -25.09
CA THR E 53 -18.85 -22.37 -25.97
C THR E 53 -19.18 -23.66 -25.22
N LEU E 54 -18.29 -24.09 -24.33
CA LEU E 54 -18.58 -25.26 -23.51
C LEU E 54 -19.77 -25.02 -22.60
N ALA E 55 -19.87 -23.82 -22.01
CA ALA E 55 -21.02 -23.50 -21.18
C ALA E 55 -22.31 -23.53 -21.99
N HIS E 56 -22.29 -22.97 -23.20
CA HIS E 56 -23.47 -23.01 -24.05
C HIS E 56 -23.84 -24.43 -24.41
N VAL E 57 -22.85 -25.27 -24.72
CA VAL E 57 -23.12 -26.67 -25.05
C VAL E 57 -23.72 -27.39 -23.87
N ILE E 58 -23.20 -27.14 -22.67
CA ILE E 58 -23.74 -27.77 -21.46
C ILE E 58 -25.17 -27.34 -21.23
N ALA E 59 -25.45 -26.04 -21.39
CA ALA E 59 -26.80 -25.54 -21.21
C ALA E 59 -27.77 -26.18 -22.19
N HIS E 60 -27.37 -26.29 -23.46
CA HIS E 60 -28.24 -26.93 -24.44
C HIS E 60 -28.42 -28.41 -24.14
N GLU E 61 -27.37 -29.08 -23.68
CA GLU E 61 -27.47 -30.51 -23.37
C GLU E 61 -28.45 -30.75 -22.22
N LEU E 62 -28.39 -29.91 -21.18
CA LEU E 62 -29.37 -30.04 -20.10
C LEU E 62 -30.76 -29.62 -20.57
N GLY E 63 -30.84 -28.71 -21.53
CA GLY E 63 -32.11 -28.17 -22.00
C GLY E 63 -32.53 -26.89 -21.30
N VAL E 64 -31.87 -26.53 -20.21
CA VAL E 64 -32.21 -25.33 -19.45
C VAL E 64 -31.53 -24.12 -20.09
N ASN E 65 -31.93 -22.92 -19.66
CA ASN E 65 -31.43 -21.69 -20.24
C ASN E 65 -30.07 -21.32 -19.63
N LEU E 66 -29.51 -20.21 -20.10
CA LEU E 66 -28.18 -19.77 -19.70
C LEU E 66 -28.20 -18.27 -19.43
N ARG E 67 -27.39 -17.84 -18.47
CA ARG E 67 -27.39 -16.47 -17.96
C ARG E 67 -25.98 -15.93 -17.86
N VAL E 68 -25.23 -16.01 -18.97
CA VAL E 68 -23.83 -15.59 -19.01
C VAL E 68 -23.66 -14.23 -18.35
N THR E 69 -22.64 -14.12 -17.51
CA THR E 69 -22.33 -12.91 -16.77
C THR E 69 -20.82 -12.78 -16.68
N SER E 70 -20.35 -11.56 -16.43
CA SER E 70 -18.93 -11.29 -16.32
C SER E 70 -18.52 -11.19 -14.85
N GLY E 71 -17.21 -11.27 -14.62
CA GLY E 71 -16.67 -11.21 -13.28
C GLY E 71 -16.79 -9.83 -12.66
N PRO E 72 -16.04 -8.86 -13.19
CA PRO E 72 -16.12 -7.49 -12.67
C PRO E 72 -17.42 -6.77 -12.99
N ALA E 73 -18.37 -7.42 -13.66
CA ALA E 73 -19.66 -6.79 -13.93
C ALA E 73 -20.42 -6.52 -12.63
N ILE E 74 -20.38 -7.47 -11.70
CA ILE E 74 -21.07 -7.29 -10.42
C ILE E 74 -20.30 -6.32 -9.54
N PRO E 77 -22.46 -5.50 -6.72
CA PRO E 77 -22.87 -5.93 -5.37
C PRO E 77 -24.39 -6.06 -5.24
N GLY E 78 -25.11 -5.05 -5.72
CA GLY E 78 -26.55 -5.05 -5.68
C GLY E 78 -27.22 -5.69 -6.88
N ASP E 79 -26.45 -6.15 -7.87
CA ASP E 79 -27.03 -6.75 -9.06
C ASP E 79 -26.92 -8.26 -9.09
N LEU E 80 -26.03 -8.86 -8.31
CA LEU E 80 -25.94 -10.32 -8.25
C LEU E 80 -27.24 -10.92 -7.71
N ALA E 81 -27.79 -10.33 -6.66
CA ALA E 81 -29.07 -10.80 -6.13
C ALA E 81 -30.18 -10.62 -7.15
N ALA E 82 -30.15 -9.51 -7.90
CA ALA E 82 -31.19 -9.25 -8.88
C ALA E 82 -31.21 -10.30 -9.98
N ILE E 83 -30.04 -10.59 -10.56
CA ILE E 83 -29.98 -11.60 -11.62
C ILE E 83 -30.21 -12.99 -11.05
N LEU E 84 -29.83 -13.23 -9.80
CA LEU E 84 -30.08 -14.53 -9.18
C LEU E 84 -31.57 -14.77 -8.99
N ALA E 85 -32.31 -13.73 -8.59
CA ALA E 85 -33.72 -13.91 -8.26
C ALA E 85 -34.62 -13.82 -9.48
N ASN E 86 -34.36 -12.87 -10.38
CA ASN E 86 -35.28 -12.59 -11.48
C ASN E 86 -35.08 -13.54 -12.65
N SER E 87 -33.87 -13.56 -13.23
CA SER E 87 -33.63 -14.26 -14.48
C SER E 87 -33.45 -15.77 -14.31
N LEU E 88 -33.26 -16.25 -13.09
CA LEU E 88 -32.92 -17.65 -12.85
C LEU E 88 -34.15 -18.42 -12.43
N GLU E 89 -34.63 -19.31 -13.30
CA GLU E 89 -35.66 -20.29 -13.00
C GLU E 89 -35.02 -21.48 -12.31
N GLU E 90 -35.73 -22.62 -12.28
CA GLU E 90 -35.13 -23.87 -11.84
C GLU E 90 -33.85 -24.14 -12.62
N GLY E 91 -33.01 -25.04 -12.14
CA GLY E 91 -31.58 -24.99 -12.38
C GLY E 91 -31.13 -24.52 -13.75
N ASP E 92 -30.44 -23.37 -13.75
CA ASP E 92 -29.99 -22.71 -14.96
C ASP E 92 -28.53 -22.31 -14.79
N ILE E 93 -27.74 -22.51 -15.84
CA ILE E 93 -26.32 -22.21 -15.78
C ILE E 93 -26.14 -20.69 -15.70
N LEU E 94 -25.46 -20.23 -14.66
CA LEU E 94 -25.07 -18.83 -14.52
C LEU E 94 -23.56 -18.77 -14.71
N PHE E 95 -23.12 -18.54 -15.94
CA PHE E 95 -21.70 -18.52 -16.27
C PHE E 95 -21.12 -17.16 -15.89
N ILE E 96 -20.05 -17.18 -15.09
CA ILE E 96 -19.36 -15.97 -14.67
C ILE E 96 -17.93 -16.07 -15.18
N ASP E 97 -17.65 -15.41 -16.30
CA ASP E 97 -16.30 -15.37 -16.83
C ASP E 97 -15.38 -14.59 -15.89
N GLU E 98 -14.16 -15.10 -15.73
CA GLU E 98 -13.18 -14.51 -14.81
C GLU E 98 -13.76 -14.40 -13.40
N ILE E 99 -14.06 -15.57 -12.81
CA ILE E 99 -14.61 -15.61 -11.47
C ILE E 99 -13.60 -15.10 -10.44
N HIS E 100 -12.31 -15.07 -10.81
CA HIS E 100 -11.28 -14.58 -9.90
C HIS E 100 -11.29 -13.06 -9.77
N ARG E 101 -12.00 -12.36 -10.64
CA ARG E 101 -12.02 -10.90 -10.63
C ARG E 101 -13.13 -10.33 -9.73
N LEU E 102 -13.89 -11.17 -9.04
CA LEU E 102 -14.93 -10.68 -8.14
C LEU E 102 -14.30 -9.92 -6.98
N SER E 103 -14.92 -8.79 -6.63
CA SER E 103 -14.52 -8.06 -5.45
C SER E 103 -14.99 -8.80 -4.19
N ARG E 104 -14.36 -8.49 -3.07
CA ARG E 104 -14.72 -9.14 -1.81
C ARG E 104 -15.94 -8.48 -1.20
N GLN E 105 -16.99 -8.32 -2.00
CA GLN E 105 -18.29 -7.82 -1.56
C GLN E 105 -19.43 -8.70 -2.02
N ALA E 106 -19.37 -9.23 -3.24
CA ALA E 106 -20.33 -10.21 -3.71
C ALA E 106 -19.77 -11.63 -3.68
N GLU E 107 -18.47 -11.79 -3.46
CA GLU E 107 -17.90 -13.12 -3.28
C GLU E 107 -18.44 -13.78 -2.03
N GLU E 108 -18.57 -13.01 -0.95
CA GLU E 108 -19.12 -13.56 0.29
C GLU E 108 -20.63 -13.78 0.21
N HIS E 109 -21.31 -13.08 -0.70
CA HIS E 109 -22.73 -13.31 -0.91
C HIS E 109 -23.02 -14.51 -1.80
N LEU E 110 -21.99 -15.06 -2.46
CA LEU E 110 -22.20 -16.24 -3.29
C LEU E 110 -22.43 -17.49 -2.45
N TYR E 111 -21.63 -17.67 -1.39
CA TYR E 111 -21.65 -18.93 -0.65
C TYR E 111 -23.01 -19.28 -0.10
N PRO E 112 -23.77 -18.37 0.54
CA PRO E 112 -25.15 -18.74 0.93
C PRO E 112 -25.99 -19.20 -0.25
N ALA E 113 -25.88 -18.53 -1.39
CA ALA E 113 -26.66 -18.92 -2.57
C ALA E 113 -26.13 -20.22 -3.17
N MET E 114 -24.81 -20.40 -3.16
CA MET E 114 -24.23 -21.60 -3.75
C MET E 114 -24.56 -22.85 -2.94
N GLU E 115 -24.57 -22.74 -1.61
CA GLU E 115 -24.77 -23.91 -0.75
C GLU E 115 -26.20 -24.03 -0.25
N ASP E 116 -26.70 -23.02 0.46
CA ASP E 116 -28.03 -23.10 1.06
C ASP E 116 -29.13 -22.58 0.14
N PHE E 117 -28.76 -22.02 -1.01
CA PHE E 117 -29.72 -21.59 -2.04
C PHE E 117 -30.65 -20.49 -1.53
N VAL E 118 -30.19 -19.68 -0.58
CA VAL E 118 -30.93 -18.51 -0.12
C VAL E 118 -29.96 -17.35 0.01
N MET E 119 -30.44 -16.14 -0.28
CA MET E 119 -29.63 -14.94 -0.21
C MET E 119 -30.44 -13.82 0.42
N ASP E 120 -29.74 -12.87 1.04
CA ASP E 120 -30.38 -11.73 1.68
C ASP E 120 -29.87 -10.41 1.10
N ILE E 132 -34.35 -8.79 4.51
CA ILE E 132 -35.19 -9.93 4.17
C ILE E 132 -34.36 -11.02 3.49
N ARG E 133 -34.80 -12.26 3.65
CA ARG E 133 -34.14 -13.41 3.06
C ARG E 133 -35.04 -14.02 2.00
N LEU E 134 -34.49 -14.27 0.82
CA LEU E 134 -35.24 -14.77 -0.32
C LEU E 134 -34.83 -16.18 -0.66
N GLU E 135 -35.81 -17.03 -0.96
CA GLU E 135 -35.57 -18.44 -1.27
C GLU E 135 -35.21 -18.55 -2.75
N LEU E 136 -33.91 -18.47 -3.04
CA LEU E 136 -33.45 -18.64 -4.40
C LEU E 136 -33.69 -20.07 -4.87
N PRO E 137 -34.05 -20.28 -6.13
CA PRO E 137 -34.28 -21.64 -6.62
C PRO E 137 -32.95 -22.36 -6.84
N ARG E 138 -33.07 -23.65 -7.14
CA ARG E 138 -31.88 -24.43 -7.48
C ARG E 138 -31.28 -23.90 -8.77
N PHE E 139 -29.95 -23.85 -8.82
CA PHE E 139 -29.25 -23.39 -10.01
C PHE E 139 -27.82 -23.90 -9.96
N THR E 140 -27.16 -23.87 -11.11
CA THR E 140 -25.77 -24.29 -11.25
C THR E 140 -24.93 -23.12 -11.71
N LEU E 141 -23.76 -22.96 -11.10
CA LEU E 141 -22.84 -21.87 -11.41
C LEU E 141 -21.61 -22.46 -12.10
N ILE E 142 -21.22 -21.84 -13.22
CA ILE E 142 -20.03 -22.24 -13.96
C ILE E 142 -19.06 -21.06 -13.96
N GLY E 143 -17.93 -21.23 -13.29
CA GLY E 143 -16.87 -20.24 -13.31
C GLY E 143 -15.82 -20.54 -14.36
N ALA E 144 -14.85 -19.64 -14.47
CA ALA E 144 -13.78 -19.81 -15.45
C ALA E 144 -12.61 -18.93 -15.07
N THR E 145 -11.43 -19.54 -14.92
CA THR E 145 -10.18 -18.80 -14.75
C THR E 145 -9.09 -19.40 -15.60
N THR E 146 -7.84 -18.98 -15.37
CA THR E 146 -6.69 -19.51 -16.08
C THR E 146 -5.86 -20.48 -15.24
N ARG E 147 -5.68 -20.19 -13.96
CA ARG E 147 -4.92 -21.04 -13.06
C ARG E 147 -5.68 -21.27 -11.78
N PRO E 148 -5.45 -22.42 -11.12
CA PRO E 148 -6.11 -22.67 -9.83
C PRO E 148 -5.75 -21.65 -8.76
N GLY E 149 -4.54 -21.09 -8.81
CA GLY E 149 -4.09 -20.16 -7.78
C GLY E 149 -4.69 -18.77 -7.85
N LEU E 150 -5.34 -18.42 -8.96
CA LEU E 150 -5.93 -17.09 -9.08
C LEU E 150 -7.15 -16.91 -8.18
N ILE E 151 -7.74 -17.99 -7.70
CA ILE E 151 -8.91 -17.93 -6.83
C ILE E 151 -8.52 -18.38 -5.43
N THR E 152 -9.24 -17.85 -4.45
CA THR E 152 -8.96 -18.16 -3.05
C THR E 152 -9.44 -19.58 -2.71
N ALA E 153 -8.83 -20.14 -1.67
CA ALA E 153 -9.20 -21.50 -1.26
C ALA E 153 -10.67 -21.64 -0.86
N PRO E 154 -11.30 -20.72 -0.13
CA PRO E 154 -12.74 -20.87 0.13
C PRO E 154 -13.58 -20.95 -1.14
N LEU E 155 -13.19 -20.25 -2.21
CA LEU E 155 -13.94 -20.35 -3.46
C LEU E 155 -13.76 -21.71 -4.11
N LEU E 156 -12.53 -22.26 -4.06
CA LEU E 156 -12.30 -23.58 -4.62
C LEU E 156 -12.70 -24.64 -3.60
N SER E 157 -13.91 -24.53 -3.07
CA SER E 157 -14.47 -25.54 -2.19
C SER E 157 -15.92 -25.86 -2.46
N ARG E 158 -16.69 -24.95 -3.07
CA ARG E 158 -18.10 -25.17 -3.35
C ARG E 158 -18.35 -25.71 -4.74
N PHE E 159 -17.29 -25.94 -5.53
CA PHE E 159 -17.42 -26.45 -6.88
C PHE E 159 -17.27 -27.96 -6.86
N GLY E 160 -18.36 -28.67 -7.18
CA GLY E 160 -18.31 -30.12 -7.17
C GLY E 160 -17.40 -30.69 -8.25
N ILE E 161 -17.38 -30.05 -9.42
CA ILE E 161 -16.61 -30.52 -10.56
C ILE E 161 -15.57 -29.47 -10.91
N VAL E 162 -14.31 -29.90 -11.01
CA VAL E 162 -13.20 -29.05 -11.42
C VAL E 162 -12.52 -29.70 -12.60
N GLU E 163 -12.43 -28.98 -13.72
CA GLU E 163 -11.91 -29.53 -14.96
C GLU E 163 -10.97 -28.52 -15.61
N HIS E 164 -10.08 -29.05 -16.45
CA HIS E 164 -9.08 -28.25 -17.15
C HIS E 164 -9.20 -28.45 -18.66
N LEU E 165 -9.16 -27.35 -19.40
CA LEU E 165 -9.12 -27.41 -20.86
C LEU E 165 -7.68 -27.55 -21.33
N GLU E 166 -7.49 -28.29 -22.42
CA GLU E 166 -6.18 -28.57 -22.96
C GLU E 166 -5.99 -27.91 -24.32
N TYR E 167 -4.74 -27.66 -24.67
CA TYR E 167 -4.42 -27.07 -25.96
C TYR E 167 -4.79 -28.00 -27.10
N TYR E 168 -5.40 -27.44 -28.14
CA TYR E 168 -5.83 -28.24 -29.27
C TYR E 168 -4.64 -28.68 -30.12
N THR E 169 -4.76 -29.85 -30.72
CA THR E 169 -3.80 -30.33 -31.69
C THR E 169 -4.02 -29.67 -33.03
N PRO E 170 -3.01 -29.65 -33.90
CA PRO E 170 -3.21 -29.06 -35.24
C PRO E 170 -4.35 -29.67 -36.02
N GLU E 171 -4.63 -30.96 -35.85
CA GLU E 171 -5.74 -31.59 -36.55
C GLU E 171 -7.07 -31.00 -36.12
N GLU E 172 -7.25 -30.79 -34.81
CA GLU E 172 -8.51 -30.21 -34.31
C GLU E 172 -8.66 -28.77 -34.77
N LEU E 173 -7.57 -28.00 -34.77
CA LEU E 173 -7.63 -26.63 -35.27
C LEU E 173 -7.97 -26.62 -36.76
N ALA E 174 -7.42 -27.57 -37.52
CA ALA E 174 -7.76 -27.67 -38.93
C ALA E 174 -9.24 -28.01 -39.12
N GLN E 175 -9.77 -28.89 -38.28
CA GLN E 175 -11.19 -29.21 -38.36
C GLN E 175 -12.04 -27.98 -38.07
N GLY E 176 -11.67 -27.20 -37.06
CA GLY E 176 -12.38 -25.98 -36.78
C GLY E 176 -12.32 -24.97 -37.91
N VAL E 177 -11.15 -24.84 -38.53
CA VAL E 177 -10.99 -23.93 -39.67
C VAL E 177 -11.86 -24.40 -40.83
N MET E 178 -11.89 -25.70 -41.10
CA MET E 178 -12.74 -26.23 -42.16
C MET E 178 -14.22 -25.97 -41.88
N ARG E 179 -14.63 -26.15 -40.61
CA ARG E 179 -16.01 -25.87 -40.25
C ARG E 179 -16.36 -24.40 -40.45
N ASP E 180 -15.44 -23.50 -40.06
CA ASP E 180 -15.68 -22.08 -40.25
C ASP E 180 -15.76 -21.73 -41.74
N ALA E 181 -14.89 -22.32 -42.55
CA ALA E 181 -14.92 -22.07 -43.99
C ALA E 181 -16.22 -22.56 -44.60
N ARG E 182 -16.69 -23.74 -44.19
CA ARG E 182 -17.97 -24.24 -44.70
C ARG E 182 -19.12 -23.34 -44.28
N LEU E 183 -19.13 -22.88 -43.04
CA LEU E 183 -20.18 -21.98 -42.58
C LEU E 183 -20.13 -20.62 -43.25
N LEU E 184 -18.96 -20.19 -43.71
CA LEU E 184 -18.83 -18.92 -44.41
C LEU E 184 -19.11 -19.05 -45.91
N GLY E 185 -18.61 -20.11 -46.54
CA GLY E 185 -18.80 -20.30 -47.96
C GLY E 185 -17.52 -20.24 -48.74
N VAL E 186 -16.42 -20.66 -48.12
CA VAL E 186 -15.09 -20.60 -48.72
C VAL E 186 -14.56 -22.02 -48.88
N ARG E 187 -13.90 -22.27 -50.01
CA ARG E 187 -13.32 -23.58 -50.28
C ARG E 187 -11.86 -23.59 -49.87
N ILE E 188 -11.49 -24.58 -49.06
CA ILE E 188 -10.11 -24.74 -48.58
C ILE E 188 -9.72 -26.19 -48.71
N THR E 189 -8.48 -26.43 -49.14
CA THR E 189 -7.92 -27.78 -49.10
C THR E 189 -7.54 -28.16 -47.67
N GLU E 190 -7.49 -29.46 -47.41
CA GLU E 190 -7.19 -29.93 -46.06
C GLU E 190 -5.80 -29.48 -45.62
N GLU E 191 -4.83 -29.49 -46.54
CA GLU E 191 -3.46 -29.14 -46.18
C GLU E 191 -3.35 -27.67 -45.79
N ALA E 192 -4.08 -26.78 -46.45
CA ALA E 192 -4.04 -25.37 -46.10
C ALA E 192 -4.59 -25.13 -44.69
N ALA E 193 -5.73 -25.77 -44.37
CA ALA E 193 -6.28 -25.65 -43.02
C ALA E 193 -5.34 -26.25 -41.99
N LEU E 194 -4.68 -27.37 -42.35
CA LEU E 194 -3.72 -27.96 -41.43
C LEU E 194 -2.55 -27.03 -41.17
N GLU E 195 -2.06 -26.34 -42.20
CA GLU E 195 -0.98 -25.38 -42.01
C GLU E 195 -1.43 -24.21 -41.14
N ILE E 196 -2.64 -23.69 -41.38
CA ILE E 196 -3.16 -22.61 -40.57
C ILE E 196 -3.27 -23.03 -39.10
N GLY E 197 -3.72 -24.26 -38.86
CA GLY E 197 -3.77 -24.77 -37.50
C GLY E 197 -2.39 -24.94 -36.90
N ARG E 198 -1.42 -25.36 -37.69
CA ARG E 198 -0.05 -25.51 -37.20
C ARG E 198 0.52 -24.17 -36.76
N ARG E 199 0.26 -23.12 -37.53
CA ARG E 199 0.74 -21.79 -37.13
C ARG E 199 0.01 -21.27 -35.89
N SER E 200 -1.19 -21.77 -35.62
CA SER E 200 -1.92 -21.35 -34.43
C SER E 200 -1.29 -21.95 -33.17
N ARG E 201 -1.36 -21.20 -32.08
CA ARG E 201 -0.74 -21.63 -30.83
C ARG E 201 -1.66 -22.54 -30.03
N GLY E 202 -2.20 -23.57 -30.67
CA GLY E 202 -3.14 -24.45 -30.00
C GLY E 202 -4.36 -23.74 -29.46
N THR E 203 -4.86 -22.75 -30.20
CA THR E 203 -5.98 -21.92 -29.77
C THR E 203 -6.98 -21.78 -30.89
N MET E 204 -8.27 -21.86 -30.55
CA MET E 204 -9.31 -21.80 -31.56
C MET E 204 -9.50 -20.38 -32.10
N ARG E 205 -9.47 -19.38 -31.22
CA ARG E 205 -9.67 -18.01 -31.68
C ARG E 205 -8.51 -17.54 -32.57
N VAL E 206 -7.29 -17.95 -32.22
CA VAL E 206 -6.13 -17.62 -33.06
C VAL E 206 -6.27 -18.26 -34.44
N ALA E 207 -6.70 -19.53 -34.47
CA ALA E 207 -6.87 -20.21 -35.75
C ALA E 207 -7.96 -19.55 -36.59
N LYS E 208 -9.06 -19.15 -35.96
CA LYS E 208 -10.13 -18.48 -36.70
C LYS E 208 -9.67 -17.13 -37.24
N ARG E 209 -8.92 -16.38 -36.43
CA ARG E 209 -8.41 -15.09 -36.89
C ARG E 209 -7.45 -15.26 -38.06
N LEU E 210 -6.56 -16.27 -37.97
CA LEU E 210 -5.63 -16.52 -39.07
C LEU E 210 -6.36 -16.95 -40.32
N PHE E 211 -7.41 -17.77 -40.17
CA PHE E 211 -8.21 -18.17 -41.33
C PHE E 211 -8.88 -16.96 -41.96
N ARG E 212 -9.40 -16.04 -41.15
CA ARG E 212 -10.03 -14.84 -41.70
C ARG E 212 -9.02 -13.98 -42.44
N ARG E 213 -7.81 -13.83 -41.88
CA ARG E 213 -6.78 -13.06 -42.56
C ARG E 213 -6.36 -13.70 -43.87
N VAL E 214 -6.24 -15.03 -43.87
CA VAL E 214 -5.88 -15.75 -45.10
C VAL E 214 -6.98 -15.60 -46.15
N ARG E 215 -8.24 -15.66 -45.73
CA ARG E 215 -9.33 -15.44 -46.67
C ARG E 215 -9.29 -14.02 -47.23
N ASP E 216 -8.98 -13.03 -46.39
CA ASP E 216 -8.85 -11.66 -46.87
C ASP E 216 -7.74 -11.55 -47.91
N PHE E 217 -6.60 -12.19 -47.65
CA PHE E 217 -5.48 -12.12 -48.59
C PHE E 217 -5.81 -12.84 -49.90
N ALA E 218 -6.49 -13.98 -49.83
CA ALA E 218 -6.79 -14.75 -51.03
C ALA E 218 -8.00 -14.22 -51.80
N GLN E 219 -8.81 -13.35 -51.20
CA GLN E 219 -9.97 -12.82 -51.92
C GLN E 219 -9.55 -11.78 -52.95
N VAL E 220 -8.59 -10.92 -52.60
CA VAL E 220 -8.13 -9.91 -53.53
C VAL E 220 -7.43 -10.53 -54.74
N ALA E 221 -6.89 -11.74 -54.60
CA ALA E 221 -6.30 -12.44 -55.73
C ALA E 221 -7.36 -12.93 -56.72
N GLY E 222 -8.62 -13.01 -56.29
CA GLY E 222 -9.70 -13.42 -57.16
C GLY E 222 -9.86 -14.90 -57.36
N GLU E 223 -9.08 -15.73 -56.67
CA GLU E 223 -9.19 -17.17 -56.84
C GLU E 223 -10.41 -17.70 -56.10
N GLU E 224 -10.74 -18.97 -56.36
CA GLU E 224 -11.90 -19.61 -55.77
C GLU E 224 -11.57 -20.66 -54.73
N VAL E 225 -10.34 -21.18 -54.72
CA VAL E 225 -9.92 -22.20 -53.77
C VAL E 225 -8.68 -21.70 -53.04
N ILE E 226 -8.69 -21.80 -51.71
CA ILE E 226 -7.55 -21.41 -50.90
C ILE E 226 -6.57 -22.58 -50.91
N THR E 227 -5.59 -22.52 -51.81
CA THR E 227 -4.62 -23.58 -51.97
C THR E 227 -3.51 -23.43 -50.91
N ARG E 228 -2.79 -24.53 -50.67
CA ARG E 228 -1.78 -24.54 -49.62
C ARG E 228 -0.71 -23.48 -49.84
N GLU E 229 -0.23 -23.33 -51.08
CA GLU E 229 0.82 -22.35 -51.35
C GLU E 229 0.34 -20.94 -51.08
N ARG E 230 -0.89 -20.61 -51.50
CA ARG E 230 -1.44 -19.29 -51.20
C ARG E 230 -1.59 -19.08 -49.70
N ALA E 231 -1.99 -20.13 -48.97
CA ALA E 231 -2.09 -20.02 -47.52
C ALA E 231 -0.73 -19.74 -46.88
N LEU E 232 0.31 -20.43 -47.34
CA LEU E 232 1.65 -20.19 -46.81
C LEU E 232 2.11 -18.78 -47.14
N GLU E 233 1.84 -18.29 -48.35
CA GLU E 233 2.22 -16.93 -48.70
C GLU E 233 1.49 -15.91 -47.85
N ALA E 234 0.20 -16.11 -47.62
CA ALA E 234 -0.58 -15.19 -46.79
C ALA E 234 -0.08 -15.21 -45.35
N LEU E 235 0.23 -16.39 -44.82
CA LEU E 235 0.75 -16.47 -43.46
C LEU E 235 2.12 -15.80 -43.35
N ALA E 236 2.95 -15.94 -44.37
CA ALA E 236 4.24 -15.25 -44.38
C ALA E 236 4.06 -13.74 -44.50
N ALA E 237 2.97 -13.29 -45.11
CA ALA E 237 2.71 -11.86 -45.21
C ALA E 237 2.53 -11.24 -43.83
N LEU E 238 1.81 -11.92 -42.93
CA LEU E 238 1.68 -11.44 -41.56
C LEU E 238 2.93 -11.67 -40.73
N GLY E 239 3.91 -12.42 -41.22
CA GLY E 239 5.16 -12.62 -40.52
C GLY E 239 5.12 -13.74 -39.51
N LEU E 240 4.75 -14.94 -39.95
CA LEU E 240 4.70 -16.12 -39.09
C LEU E 240 5.53 -17.23 -39.73
N ASP E 241 6.40 -17.83 -38.94
CA ASP E 241 7.24 -18.93 -39.41
C ASP E 241 6.47 -20.24 -39.32
N GLU E 242 7.17 -21.36 -39.47
CA GLU E 242 6.53 -22.66 -39.39
C GLU E 242 6.05 -22.99 -37.98
N LEU E 243 6.60 -22.33 -36.96
CA LEU E 243 6.22 -22.56 -35.58
C LEU E 243 5.26 -21.51 -35.05
N GLY E 244 4.81 -20.60 -35.91
CA GLY E 244 3.88 -19.57 -35.48
C GLY E 244 4.47 -18.48 -34.62
N LEU E 245 5.78 -18.29 -34.69
CA LEU E 245 6.43 -17.25 -33.89
C LEU E 245 6.30 -15.89 -34.56
N GLU E 246 6.03 -14.88 -33.75
CA GLU E 246 6.03 -13.51 -34.25
C GLU E 246 7.46 -13.06 -34.53
N LYS E 247 7.58 -11.99 -35.31
CA LYS E 247 8.90 -11.45 -35.64
C LYS E 247 9.62 -10.96 -34.38
N ARG E 248 8.87 -10.52 -33.37
CA ARG E 248 9.49 -10.09 -32.12
C ARG E 248 10.16 -11.26 -31.41
N ASP E 249 9.52 -12.42 -31.41
CA ASP E 249 10.12 -13.61 -30.81
C ASP E 249 11.39 -14.02 -31.54
N ARG E 250 11.37 -13.96 -32.87
CA ARG E 250 12.57 -14.26 -33.65
C ARG E 250 13.67 -13.26 -33.34
N GLU E 251 13.33 -11.99 -33.19
CA GLU E 251 14.32 -10.98 -32.82
C GLU E 251 14.92 -11.27 -31.44
N ILE E 252 14.08 -11.68 -30.49
CA ILE E 252 14.57 -12.02 -29.16
C ILE E 252 15.53 -13.21 -29.23
N LEU E 253 15.16 -14.23 -29.99
CA LEU E 253 16.04 -15.38 -30.14
C LEU E 253 17.36 -14.99 -30.80
N GLU E 254 17.30 -14.11 -31.81
CA GLU E 254 18.51 -13.67 -32.48
C GLU E 254 19.43 -12.93 -31.51
N VAL E 255 18.87 -11.97 -30.76
CA VAL E 255 19.69 -11.22 -29.82
C VAL E 255 20.14 -12.11 -28.66
N LEU E 256 19.51 -13.26 -28.48
CA LEU E 256 19.99 -14.21 -27.46
C LEU E 256 21.20 -14.97 -27.98
N ILE E 257 21.04 -15.73 -29.07
CA ILE E 257 22.13 -16.57 -29.55
C ILE E 257 23.27 -15.72 -30.13
N LEU E 258 22.97 -14.88 -31.13
CA LEU E 258 24.08 -14.15 -31.76
C LEU E 258 24.71 -13.09 -30.87
N ARG E 259 24.34 -12.97 -29.59
CA ARG E 259 24.94 -11.98 -28.71
C ARG E 259 25.41 -12.55 -27.37
N PHE E 260 24.93 -13.72 -26.95
CA PHE E 260 25.35 -14.31 -25.69
C PHE E 260 25.77 -15.77 -25.79
N GLY E 261 25.48 -16.45 -26.90
CA GLY E 261 25.84 -17.84 -27.03
C GLY E 261 24.95 -18.82 -26.28
N GLY E 262 23.83 -18.35 -25.73
CA GLY E 262 22.95 -19.18 -24.95
C GLY E 262 23.07 -19.02 -23.45
N GLY E 263 23.87 -18.08 -22.98
CA GLY E 263 24.00 -17.84 -21.56
C GLY E 263 22.94 -16.90 -21.04
N PRO E 264 23.05 -16.51 -19.77
CA PRO E 264 22.09 -15.54 -19.21
C PRO E 264 22.14 -14.23 -19.99
N VAL E 265 20.96 -13.63 -20.17
CA VAL E 265 20.86 -12.42 -20.99
C VAL E 265 21.23 -11.18 -20.17
N GLY E 266 20.90 -11.18 -18.88
CA GLY E 266 21.15 -10.02 -18.05
C GLY E 266 20.08 -8.97 -18.20
N LEU E 267 19.63 -8.40 -17.08
CA LEU E 267 18.53 -7.44 -17.12
C LEU E 267 18.92 -6.13 -17.79
N ALA E 268 20.19 -5.73 -17.66
CA ALA E 268 20.63 -4.46 -18.25
C ALA E 268 20.59 -4.52 -19.77
N THR E 269 21.03 -5.62 -20.36
CA THR E 269 21.12 -5.74 -21.81
C THR E 269 19.82 -6.17 -22.47
N LEU E 270 18.79 -6.50 -21.69
CA LEU E 270 17.53 -6.93 -22.27
C LEU E 270 16.88 -5.82 -23.07
N ALA E 271 16.87 -4.60 -22.53
CA ALA E 271 16.26 -3.46 -23.20
C ALA E 271 17.21 -2.72 -24.11
N THR E 272 18.49 -3.08 -24.13
CA THR E 272 19.45 -2.39 -24.99
C THR E 272 19.12 -2.59 -26.46
N ALA E 273 18.75 -3.81 -26.84
CA ALA E 273 18.41 -4.12 -28.22
C ALA E 273 16.92 -3.94 -28.52
N LEU E 274 16.12 -3.60 -27.52
CA LEU E 274 14.68 -3.41 -27.70
C LEU E 274 14.23 -1.98 -27.50
N SER E 275 14.95 -1.18 -26.71
CA SER E 275 14.57 0.20 -26.40
C SER E 275 13.16 0.27 -25.85
N GLU E 276 12.82 -0.69 -24.98
CA GLU E 276 11.48 -0.78 -24.42
C GLU E 276 11.58 -1.08 -22.93
N ASP E 277 10.49 -0.79 -22.22
CA ASP E 277 10.42 -1.09 -20.80
C ASP E 277 10.36 -2.59 -20.58
N PRO E 278 10.80 -3.07 -19.41
CA PRO E 278 10.69 -4.51 -19.12
C PRO E 278 9.25 -4.94 -18.91
N GLY E 279 8.48 -4.92 -20.00
CA GLY E 279 7.06 -5.20 -19.96
C GLY E 279 6.67 -6.53 -20.59
N THR E 280 6.24 -6.47 -21.85
CA THR E 280 5.70 -7.64 -22.54
C THR E 280 6.67 -8.81 -22.58
N LEU E 281 7.98 -8.56 -22.50
CA LEU E 281 8.95 -9.66 -22.54
C LEU E 281 8.75 -10.63 -21.39
N GLU E 282 8.29 -10.14 -20.24
CA GLU E 282 8.05 -11.00 -19.08
C GLU E 282 6.69 -11.68 -19.11
N GLU E 283 5.81 -11.33 -20.06
CA GLU E 283 4.45 -11.86 -20.05
C GLU E 283 3.94 -12.33 -21.40
N VAL E 284 4.57 -11.97 -22.52
CA VAL E 284 3.99 -12.26 -23.84
C VAL E 284 4.88 -13.21 -24.63
N HIS E 285 6.20 -13.14 -24.39
CA HIS E 285 7.16 -13.83 -25.25
C HIS E 285 7.66 -15.15 -24.63
N GLU E 286 8.12 -15.10 -23.39
CA GLU E 286 8.72 -16.29 -22.77
C GLU E 286 7.78 -17.49 -22.68
N PRO E 287 6.49 -17.34 -22.30
CA PRO E 287 5.64 -18.54 -22.15
C PRO E 287 5.58 -19.44 -23.39
N TYR E 288 5.29 -18.86 -24.56
CA TYR E 288 5.19 -19.68 -25.76
C TYR E 288 6.54 -20.25 -26.17
N LEU E 289 7.63 -19.50 -25.96
CA LEU E 289 8.95 -20.01 -26.27
C LEU E 289 9.28 -21.21 -25.40
N ILE E 290 8.95 -21.16 -24.11
CA ILE E 290 9.19 -22.30 -23.24
C ILE E 290 8.28 -23.47 -23.63
N ARG E 291 7.04 -23.18 -24.03
CA ARG E 291 6.14 -24.25 -24.47
C ARG E 291 6.69 -24.96 -25.70
N GLN E 292 7.23 -24.20 -26.66
CA GLN E 292 7.82 -24.78 -27.86
C GLN E 292 9.18 -25.41 -27.60
N GLY E 293 9.76 -25.21 -26.42
CA GLY E 293 11.06 -25.78 -26.12
C GLY E 293 12.25 -24.98 -26.60
N LEU E 294 12.02 -23.80 -27.18
CA LEU E 294 13.13 -22.97 -27.66
C LEU E 294 13.88 -22.30 -26.52
N LEU E 295 13.28 -22.15 -25.36
CA LEU E 295 13.90 -21.50 -24.21
C LEU E 295 13.83 -22.43 -23.01
N LYS E 296 14.94 -22.50 -22.26
CA LYS E 296 15.01 -23.30 -21.04
C LYS E 296 15.49 -22.41 -19.91
N ARG E 297 14.79 -22.46 -18.77
CA ARG E 297 15.13 -21.63 -17.62
C ARG E 297 16.10 -22.38 -16.71
N THR E 298 17.35 -22.45 -17.17
CA THR E 298 18.43 -22.97 -16.36
C THR E 298 18.65 -22.05 -15.16
N PRO E 299 18.93 -22.60 -13.98
CA PRO E 299 19.11 -21.72 -12.79
C PRO E 299 20.21 -20.69 -12.97
N ARG E 300 21.25 -20.98 -13.75
CA ARG E 300 22.24 -19.96 -14.07
C ARG E 300 21.62 -18.84 -14.89
N GLY E 301 20.78 -19.18 -15.86
CA GLY E 301 20.13 -18.18 -16.68
C GLY E 301 19.40 -18.83 -17.83
N ARG E 302 18.73 -17.99 -18.61
CA ARG E 302 17.95 -18.48 -19.75
C ARG E 302 18.88 -19.02 -20.83
N VAL E 303 18.59 -20.22 -21.30
CA VAL E 303 19.42 -20.91 -22.28
C VAL E 303 18.54 -21.35 -23.45
N ALA E 304 19.01 -21.07 -24.67
CA ALA E 304 18.32 -21.53 -25.87
C ALA E 304 18.73 -22.97 -26.18
N THR E 305 17.74 -23.81 -26.48
CA THR E 305 17.99 -25.21 -26.77
C THR E 305 18.46 -25.39 -28.21
N GLU E 306 18.70 -26.65 -28.59
CA GLU E 306 19.12 -26.94 -29.95
C GLU E 306 18.03 -26.61 -30.96
N LEU E 307 16.76 -26.65 -30.53
CA LEU E 307 15.67 -26.29 -31.42
C LEU E 307 15.78 -24.83 -31.87
N ALA E 308 16.18 -23.94 -30.95
CA ALA E 308 16.37 -22.55 -31.32
C ALA E 308 17.48 -22.39 -32.34
N TYR E 309 18.59 -23.11 -32.16
CA TYR E 309 19.70 -23.01 -33.11
C TYR E 309 19.30 -23.54 -34.47
N ARG E 310 18.59 -24.66 -34.51
CA ARG E 310 18.22 -25.27 -35.79
C ARG E 310 17.13 -24.49 -36.50
N HIS E 311 16.20 -23.89 -35.75
CA HIS E 311 15.05 -23.24 -36.37
C HIS E 311 15.41 -21.91 -37.01
N LEU E 312 16.46 -21.24 -36.51
CA LEU E 312 16.83 -19.92 -36.98
C LEU E 312 17.75 -19.97 -38.20
N GLY E 313 17.75 -21.07 -38.94
CA GLY E 313 18.56 -21.18 -40.14
C GLY E 313 20.06 -21.16 -39.88
N TYR E 314 20.52 -21.87 -38.86
CA TYR E 314 21.93 -21.94 -38.54
C TYR E 314 22.46 -23.35 -38.81
N PRO E 315 23.74 -23.48 -39.17
CA PRO E 315 24.31 -24.81 -39.34
C PRO E 315 24.29 -25.57 -38.03
N PRO E 316 24.08 -26.89 -38.08
CA PRO E 316 24.06 -27.68 -36.85
C PRO E 316 25.40 -27.61 -36.13
N PRO E 317 25.39 -27.55 -34.79
CA PRO E 317 26.61 -27.47 -33.98
C PRO E 317 27.50 -28.71 -34.14
N LEU F 6 -3.70 19.66 -46.30
CA LEU F 6 -3.85 19.70 -44.85
C LEU F 6 -3.74 18.30 -44.26
N ARG F 7 -4.80 17.51 -44.41
CA ARG F 7 -4.85 16.15 -43.92
C ARG F 7 -5.05 15.20 -45.09
N PRO F 8 -4.25 14.14 -45.20
CA PRO F 8 -4.41 13.21 -46.32
C PRO F 8 -5.74 12.48 -46.27
N LYS F 9 -6.25 12.13 -47.45
CA LYS F 9 -7.52 11.43 -47.59
C LYS F 9 -7.34 9.96 -47.97
N THR F 10 -6.59 9.67 -49.03
CA THR F 10 -6.36 8.30 -49.44
C THR F 10 -5.09 7.76 -48.79
N LEU F 11 -4.80 6.48 -49.03
CA LEU F 11 -3.58 5.89 -48.49
C LEU F 11 -2.35 6.36 -49.25
N ASP F 12 -2.51 6.72 -50.53
CA ASP F 12 -1.38 7.26 -51.28
C ASP F 12 -0.94 8.61 -50.72
N GLU F 13 -1.90 9.45 -50.31
CA GLU F 13 -1.55 10.73 -49.72
C GLU F 13 -0.91 10.57 -48.35
N TYR F 14 -1.17 9.46 -47.67
CA TYR F 14 -0.53 9.18 -46.40
C TYR F 14 0.98 9.05 -46.60
N ILE F 15 1.75 9.67 -45.72
CA ILE F 15 3.20 9.74 -45.87
C ILE F 15 3.83 8.57 -45.12
N GLY F 16 4.67 7.81 -45.82
CA GLY F 16 5.39 6.71 -45.20
C GLY F 16 4.48 5.60 -44.72
N GLN F 17 4.88 4.99 -43.62
CA GLN F 17 4.13 3.89 -42.99
C GLN F 17 3.91 2.74 -43.98
N GLU F 18 4.96 2.38 -44.70
CA GLU F 18 4.92 1.19 -45.53
C GLU F 18 4.95 -0.06 -44.65
N ARG F 19 4.65 -1.20 -45.26
CA ARG F 19 4.48 -2.50 -44.62
C ARG F 19 3.23 -2.56 -43.77
N LEU F 20 2.51 -1.44 -43.62
CA LEU F 20 1.21 -1.41 -43.00
C LEU F 20 0.11 -0.97 -43.95
N LYS F 21 0.45 -0.25 -45.02
CA LYS F 21 -0.49 0.14 -46.05
C LYS F 21 -0.72 -0.95 -47.08
N GLN F 22 -0.01 -2.08 -46.98
CA GLN F 22 -0.26 -3.23 -47.85
C GLN F 22 -1.28 -4.17 -47.26
N LYS F 23 -1.10 -4.56 -45.99
CA LYS F 23 -2.09 -5.36 -45.30
C LYS F 23 -3.41 -4.60 -45.20
N LEU F 24 -3.34 -3.30 -44.88
CA LEU F 24 -4.54 -2.49 -44.82
C LEU F 24 -5.21 -2.39 -46.18
N ARG F 25 -4.40 -2.27 -47.24
CA ARG F 25 -4.96 -2.26 -48.60
C ARG F 25 -5.72 -3.53 -48.88
N VAL F 26 -5.12 -4.68 -48.55
CA VAL F 26 -5.77 -5.97 -48.81
C VAL F 26 -7.07 -6.07 -48.02
N TYR F 27 -7.04 -5.70 -46.73
CA TYR F 27 -8.22 -5.84 -45.89
C TYR F 27 -9.34 -4.92 -46.37
N LEU F 28 -9.02 -3.67 -46.68
CA LEU F 28 -10.04 -2.74 -47.16
C LEU F 28 -10.61 -3.16 -48.51
N GLU F 29 -9.75 -3.65 -49.41
CA GLU F 29 -10.23 -4.11 -50.71
C GLU F 29 -11.18 -5.29 -50.55
N ALA F 30 -10.82 -6.25 -49.69
CA ALA F 30 -11.70 -7.39 -49.46
C ALA F 30 -13.01 -6.97 -48.81
N ALA F 31 -12.96 -6.06 -47.84
CA ALA F 31 -14.18 -5.61 -47.19
C ALA F 31 -15.09 -4.89 -48.16
N LYS F 32 -14.52 -4.11 -49.08
CA LYS F 32 -15.32 -3.52 -50.16
C LYS F 32 -15.90 -4.59 -51.06
N ALA F 33 -15.10 -5.62 -51.37
CA ALA F 33 -15.53 -6.64 -52.32
C ALA F 33 -16.75 -7.41 -51.79
N ARG F 34 -16.71 -7.82 -50.53
CA ARG F 34 -17.83 -8.58 -49.98
C ARG F 34 -18.86 -7.71 -49.26
N LYS F 35 -18.61 -6.41 -49.16
CA LYS F 35 -19.62 -5.43 -48.74
C LYS F 35 -20.18 -5.73 -47.34
N GLU F 36 -19.29 -5.65 -46.35
CA GLU F 36 -19.69 -5.61 -44.96
C GLU F 36 -18.62 -4.84 -44.20
N PRO F 37 -18.94 -4.29 -43.02
CA PRO F 37 -17.97 -3.46 -42.30
C PRO F 37 -16.70 -4.21 -41.95
N LEU F 38 -15.60 -3.48 -41.91
CA LEU F 38 -14.30 -4.04 -41.57
C LEU F 38 -14.31 -4.54 -40.13
N GLU F 39 -13.48 -5.56 -39.88
CA GLU F 39 -13.33 -6.07 -38.52
C GLU F 39 -12.69 -5.02 -37.62
N HIS F 40 -12.88 -5.19 -36.32
CA HIS F 40 -12.37 -4.24 -35.35
C HIS F 40 -10.84 -4.19 -35.41
N LEU F 41 -10.30 -2.97 -35.38
CA LEU F 41 -8.88 -2.73 -35.61
C LEU F 41 -8.26 -2.08 -34.37
N LEU F 42 -7.04 -2.50 -34.04
CA LEU F 42 -6.29 -1.93 -32.93
C LEU F 42 -4.96 -1.41 -33.45
N LEU F 43 -4.63 -0.18 -33.09
CA LEU F 43 -3.43 0.48 -33.59
C LEU F 43 -2.44 0.69 -32.44
N PHE F 44 -1.21 0.22 -32.63
CA PHE F 44 -0.14 0.38 -31.68
C PHE F 44 0.94 1.29 -32.24
N GLY F 45 1.67 1.95 -31.35
CA GLY F 45 2.76 2.81 -31.76
C GLY F 45 2.99 3.95 -30.80
N PRO F 46 4.18 4.54 -30.86
CA PRO F 46 4.48 5.69 -30.01
C PRO F 46 3.62 6.89 -30.40
N PRO F 47 3.36 7.80 -29.47
CA PRO F 47 2.51 8.95 -29.78
C PRO F 47 3.15 9.85 -30.83
N GLY F 48 2.29 10.54 -31.58
CA GLY F 48 2.73 11.47 -32.60
C GLY F 48 2.99 10.87 -33.96
N LEU F 49 2.67 9.59 -34.17
CA LEU F 49 2.92 8.93 -35.43
C LEU F 49 1.78 9.09 -36.43
N GLY F 50 0.63 9.63 -36.00
CA GLY F 50 -0.47 9.85 -36.91
C GLY F 50 -1.52 8.76 -36.91
N LYS F 51 -1.95 8.34 -35.72
CA LYS F 51 -2.98 7.31 -35.62
C LYS F 51 -4.35 7.83 -36.02
N THR F 52 -4.71 9.02 -35.54
CA THR F 52 -6.01 9.60 -35.88
C THR F 52 -6.10 9.91 -37.38
N THR F 53 -4.99 10.34 -37.98
CA THR F 53 -4.97 10.55 -39.43
C THR F 53 -5.20 9.23 -40.17
N LEU F 54 -4.60 8.15 -39.68
CA LEU F 54 -4.83 6.84 -40.28
C LEU F 54 -6.29 6.43 -40.16
N ALA F 55 -6.90 6.70 -39.01
CA ALA F 55 -8.32 6.41 -38.85
C ALA F 55 -9.16 7.21 -39.82
N HIS F 56 -8.83 8.50 -40.00
CA HIS F 56 -9.56 9.34 -40.94
C HIS F 56 -9.42 8.81 -42.37
N VAL F 57 -8.21 8.40 -42.74
CA VAL F 57 -7.99 7.86 -44.08
C VAL F 57 -8.79 6.58 -44.28
N ILE F 58 -8.81 5.70 -43.27
CA ILE F 58 -9.56 4.45 -43.36
C ILE F 58 -11.05 4.74 -43.52
N ALA F 59 -11.57 5.67 -42.72
CA ALA F 59 -12.99 6.01 -42.81
C ALA F 59 -13.33 6.61 -44.17
N HIS F 60 -12.46 7.48 -44.69
CA HIS F 60 -12.71 8.10 -45.99
C HIS F 60 -12.71 7.06 -47.10
N GLU F 61 -11.76 6.12 -47.08
CA GLU F 61 -11.71 5.11 -48.12
C GLU F 61 -12.89 4.14 -48.00
N LEU F 62 -13.33 3.85 -46.78
CA LEU F 62 -14.51 3.00 -46.61
C LEU F 62 -15.80 3.69 -47.03
N GLY F 63 -15.75 5.00 -47.30
CA GLY F 63 -16.94 5.70 -47.75
C GLY F 63 -17.97 5.94 -46.67
N VAL F 64 -17.56 5.97 -45.41
CA VAL F 64 -18.49 6.12 -44.30
C VAL F 64 -18.04 7.25 -43.39
N ASN F 65 -18.75 7.46 -42.29
CA ASN F 65 -18.49 8.58 -41.39
C ASN F 65 -17.49 8.18 -40.30
N LEU F 66 -17.20 9.12 -39.41
CA LEU F 66 -16.26 8.94 -38.32
C LEU F 66 -16.85 9.46 -37.03
N ARG F 67 -16.48 8.83 -35.92
CA ARG F 67 -17.01 9.14 -34.60
C ARG F 67 -15.88 9.23 -33.58
N VAL F 68 -14.84 10.00 -33.90
CA VAL F 68 -13.67 10.12 -33.05
C VAL F 68 -14.08 10.52 -31.64
N THR F 69 -13.55 9.80 -30.65
CA THR F 69 -13.76 10.11 -29.25
C THR F 69 -12.46 9.85 -28.51
N SER F 70 -12.52 9.82 -27.18
CA SER F 70 -11.34 9.60 -26.36
C SER F 70 -11.67 8.61 -25.26
N GLY F 71 -10.61 7.96 -24.75
CA GLY F 71 -10.75 6.96 -23.72
C GLY F 71 -11.36 7.49 -22.44
N PRO F 72 -10.64 8.40 -21.75
CA PRO F 72 -11.14 8.97 -20.48
C PRO F 72 -12.21 10.04 -20.65
N ALA F 73 -13.17 9.77 -21.53
CA ALA F 73 -14.36 10.60 -21.67
C ALA F 73 -15.63 9.77 -21.45
N ILE F 74 -15.50 8.56 -20.93
CA ILE F 74 -16.62 7.66 -20.78
C ILE F 74 -16.66 7.07 -19.37
N PRO F 77 -21.15 3.57 -17.58
CA PRO F 77 -21.93 4.77 -17.93
C PRO F 77 -22.69 4.61 -19.24
N GLY F 78 -23.82 5.29 -19.36
CA GLY F 78 -24.67 5.21 -20.53
C GLY F 78 -24.25 6.06 -21.71
N ASP F 79 -23.16 6.81 -21.59
CA ASP F 79 -22.71 7.64 -22.71
C ASP F 79 -22.23 6.80 -23.88
N LEU F 80 -21.79 5.57 -23.62
CA LEU F 80 -21.53 4.65 -24.72
C LEU F 80 -22.80 4.39 -25.54
N ALA F 81 -23.91 4.17 -24.86
CA ALA F 81 -25.18 3.97 -25.56
C ALA F 81 -25.56 5.23 -26.35
N ALA F 82 -25.36 6.40 -25.76
CA ALA F 82 -25.71 7.64 -26.43
C ALA F 82 -24.86 7.85 -27.69
N ILE F 83 -23.56 7.57 -27.61
CA ILE F 83 -22.68 7.79 -28.76
C ILE F 83 -22.79 6.68 -29.80
N LEU F 84 -23.21 5.48 -29.40
CA LEU F 84 -23.41 4.39 -30.36
C LEU F 84 -24.84 4.32 -30.88
N ALA F 85 -25.74 5.16 -30.37
CA ALA F 85 -27.15 5.09 -30.76
C ALA F 85 -27.47 6.03 -31.92
N ASN F 86 -27.26 7.33 -31.74
CA ASN F 86 -27.65 8.31 -32.74
C ASN F 86 -26.53 8.73 -33.68
N SER F 87 -25.27 8.65 -33.23
CA SER F 87 -24.14 9.11 -34.02
C SER F 87 -23.53 8.01 -34.88
N LEU F 88 -24.09 6.80 -34.87
CA LEU F 88 -23.56 5.68 -35.63
C LEU F 88 -24.53 5.30 -36.73
N GLU F 89 -24.09 5.43 -37.97
CA GLU F 89 -24.74 4.80 -39.12
C GLU F 89 -24.12 3.43 -39.32
N GLU F 90 -24.73 2.61 -40.18
CA GLU F 90 -24.22 1.27 -40.38
C GLU F 90 -22.82 1.31 -40.98
N GLY F 91 -21.92 0.49 -40.43
CA GLY F 91 -20.55 0.45 -40.89
C GLY F 91 -19.78 1.74 -40.65
N ASP F 92 -19.94 2.34 -39.48
CA ASP F 92 -19.28 3.60 -39.14
C ASP F 92 -18.17 3.34 -38.14
N ILE F 93 -17.00 3.92 -38.38
CA ILE F 93 -15.87 3.78 -37.48
C ILE F 93 -16.07 4.66 -36.26
N LEU F 94 -15.68 4.16 -35.10
CA LEU F 94 -15.83 4.84 -33.81
C LEU F 94 -14.48 4.90 -33.11
N PHE F 95 -13.47 5.42 -33.80
CA PHE F 95 -12.11 5.54 -33.29
C PHE F 95 -12.10 6.05 -31.85
N ILE F 96 -11.41 5.30 -30.98
CA ILE F 96 -11.24 5.65 -29.58
C ILE F 96 -9.75 5.82 -29.32
N ASP F 97 -9.36 6.99 -28.81
CA ASP F 97 -7.97 7.26 -28.49
C ASP F 97 -7.69 6.95 -27.03
N GLU F 98 -6.54 6.34 -26.77
CA GLU F 98 -6.15 5.91 -25.42
C GLU F 98 -7.20 4.96 -24.84
N ILE F 99 -7.45 3.87 -25.57
CA ILE F 99 -8.44 2.88 -25.16
C ILE F 99 -8.02 2.15 -23.90
N HIS F 100 -6.74 2.20 -23.53
CA HIS F 100 -6.26 1.52 -22.34
C HIS F 100 -6.68 2.20 -21.05
N ARG F 101 -7.17 3.44 -21.12
CA ARG F 101 -7.59 4.18 -19.93
C ARG F 101 -9.10 4.16 -19.75
N LEU F 102 -9.77 3.14 -20.28
CA LEU F 102 -11.20 2.98 -20.05
C LEU F 102 -11.46 2.59 -18.60
N SER F 103 -12.60 3.05 -18.09
CA SER F 103 -12.98 2.72 -16.73
C SER F 103 -13.38 1.25 -16.62
N ARG F 104 -13.19 0.69 -15.42
CA ARG F 104 -13.53 -0.70 -15.15
C ARG F 104 -15.05 -0.96 -15.15
N GLN F 105 -15.85 0.06 -15.45
CA GLN F 105 -17.30 -0.08 -15.54
C GLN F 105 -17.80 -0.05 -16.98
N ALA F 106 -17.39 0.95 -17.76
CA ALA F 106 -17.82 1.06 -19.14
C ALA F 106 -17.08 0.11 -20.08
N GLU F 107 -15.91 -0.38 -19.67
CA GLU F 107 -15.18 -1.33 -20.51
C GLU F 107 -15.96 -2.63 -20.67
N GLU F 108 -16.58 -3.11 -19.60
CA GLU F 108 -17.35 -4.34 -19.64
C GLU F 108 -18.60 -4.22 -20.51
N HIS F 109 -19.03 -3.01 -20.84
CA HIS F 109 -20.15 -2.82 -21.75
C HIS F 109 -19.72 -2.77 -23.21
N LEU F 110 -18.42 -2.70 -23.49
CA LEU F 110 -17.95 -2.68 -24.87
C LEU F 110 -18.01 -4.05 -25.52
N TYR F 111 -17.74 -5.11 -24.77
CA TYR F 111 -17.80 -6.45 -25.36
C TYR F 111 -19.17 -6.77 -25.93
N PRO F 112 -20.28 -6.66 -25.19
CA PRO F 112 -21.59 -6.98 -25.80
C PRO F 112 -21.89 -6.11 -27.01
N ALA F 113 -21.35 -4.89 -27.06
CA ALA F 113 -21.46 -4.10 -28.28
C ALA F 113 -20.54 -4.62 -29.38
N MET F 114 -19.54 -5.44 -29.02
CA MET F 114 -18.56 -5.87 -30.01
C MET F 114 -18.82 -7.25 -30.60
N GLU F 115 -19.24 -8.24 -29.81
CA GLU F 115 -19.51 -9.53 -30.43
C GLU F 115 -20.84 -9.52 -31.19
N ASP F 116 -21.94 -9.34 -30.46
CA ASP F 116 -23.28 -9.49 -31.03
C ASP F 116 -24.00 -8.17 -31.25
N PHE F 117 -23.30 -7.04 -31.11
CA PHE F 117 -23.80 -5.73 -31.52
C PHE F 117 -25.12 -5.38 -30.80
N VAL F 118 -25.21 -5.76 -29.53
CA VAL F 118 -26.36 -5.40 -28.70
C VAL F 118 -25.85 -4.84 -27.38
N MET F 119 -26.42 -3.72 -26.95
CA MET F 119 -26.04 -3.07 -25.71
C MET F 119 -27.27 -2.86 -24.83
N ASP F 120 -27.11 -3.14 -23.55
CA ASP F 120 -28.20 -2.96 -22.60
C ASP F 120 -28.00 -1.69 -21.78
N ARG F 133 -30.80 -1.41 -23.98
CA ARG F 133 -31.44 -2.66 -24.36
C ARG F 133 -31.65 -2.73 -25.88
N LEU F 134 -31.66 -1.56 -26.51
CA LEU F 134 -31.87 -1.48 -27.95
C LEU F 134 -30.67 -2.07 -28.70
N GLU F 135 -30.95 -2.79 -29.78
CA GLU F 135 -29.90 -3.37 -30.59
C GLU F 135 -29.18 -2.28 -31.38
N LEU F 136 -27.95 -2.59 -31.79
CA LEU F 136 -27.09 -1.66 -32.49
C LEU F 136 -26.77 -2.17 -33.90
N PRO F 137 -26.49 -1.28 -34.85
CA PRO F 137 -26.08 -1.74 -36.18
C PRO F 137 -24.65 -2.25 -36.17
N ARG F 138 -24.14 -2.64 -37.34
CA ARG F 138 -22.77 -3.11 -37.44
C ARG F 138 -21.84 -1.91 -37.57
N PHE F 139 -20.88 -1.81 -36.65
CA PHE F 139 -19.92 -0.72 -36.63
C PHE F 139 -18.52 -1.26 -36.45
N THR F 140 -17.54 -0.57 -37.03
CA THR F 140 -16.14 -0.97 -36.97
C THR F 140 -15.45 -0.10 -35.92
N LEU F 141 -15.22 -0.68 -34.74
CA LEU F 141 -14.54 0.05 -33.68
C LEU F 141 -13.04 0.00 -33.89
N ILE F 142 -12.39 1.16 -33.78
CA ILE F 142 -10.94 1.26 -33.91
C ILE F 142 -10.39 1.80 -32.60
N GLY F 143 -9.41 1.11 -32.03
CA GLY F 143 -8.74 1.54 -30.83
C GLY F 143 -7.34 2.06 -31.13
N ALA F 144 -6.77 2.72 -30.13
CA ALA F 144 -5.43 3.27 -30.25
C ALA F 144 -4.83 3.40 -28.87
N THR F 145 -3.66 2.80 -28.66
CA THR F 145 -2.97 2.89 -27.38
C THR F 145 -1.48 2.75 -27.62
N THR F 146 -0.70 3.19 -26.63
CA THR F 146 0.75 3.23 -26.77
C THR F 146 1.37 1.85 -26.62
N ARG F 147 1.16 1.21 -25.48
CA ARG F 147 1.81 -0.06 -25.18
C ARG F 147 0.78 -1.19 -25.11
N PRO F 148 1.09 -2.35 -25.72
CA PRO F 148 0.17 -3.49 -25.63
C PRO F 148 -0.01 -4.03 -24.22
N GLY F 149 0.91 -3.72 -23.29
CA GLY F 149 0.75 -4.19 -21.92
C GLY F 149 -0.27 -3.42 -21.11
N LEU F 150 -0.72 -2.28 -21.61
CA LEU F 150 -1.69 -1.46 -20.89
C LEU F 150 -3.14 -1.85 -21.18
N ILE F 151 -3.38 -2.77 -22.11
CA ILE F 151 -4.72 -3.19 -22.49
C ILE F 151 -4.91 -4.64 -22.05
N THR F 152 -6.03 -4.91 -21.39
CA THR F 152 -6.28 -6.23 -20.84
C THR F 152 -6.45 -7.26 -21.94
N ALA F 153 -6.02 -8.50 -21.64
CA ALA F 153 -6.16 -9.59 -22.60
C ALA F 153 -7.60 -9.83 -23.05
N PRO F 154 -8.62 -9.77 -22.19
CA PRO F 154 -9.99 -9.89 -22.71
C PRO F 154 -10.34 -8.83 -23.75
N LEU F 155 -9.85 -7.61 -23.58
CA LEU F 155 -10.09 -6.56 -24.57
C LEU F 155 -9.24 -6.77 -25.82
N LEU F 156 -7.99 -7.20 -25.65
CA LEU F 156 -7.12 -7.45 -26.80
C LEU F 156 -7.64 -8.59 -27.66
N SER F 157 -8.34 -9.55 -27.04
CA SER F 157 -8.88 -10.68 -27.79
C SER F 157 -10.08 -10.30 -28.65
N ARG F 158 -10.61 -9.08 -28.49
CA ARG F 158 -11.82 -8.67 -29.21
C ARG F 158 -11.55 -8.03 -30.56
N PHE F 159 -10.29 -7.74 -30.88
CA PHE F 159 -9.95 -7.02 -32.11
C PHE F 159 -9.50 -8.02 -33.16
N GLY F 160 -10.20 -8.05 -34.30
CA GLY F 160 -9.85 -8.96 -35.36
C GLY F 160 -8.51 -8.63 -36.01
N ILE F 161 -8.23 -7.35 -36.19
CA ILE F 161 -7.01 -6.89 -36.84
C ILE F 161 -6.19 -6.09 -35.84
N VAL F 162 -4.92 -6.45 -35.70
CA VAL F 162 -3.99 -5.75 -34.80
C VAL F 162 -2.75 -5.40 -35.60
N GLU F 163 -2.40 -4.11 -35.61
CA GLU F 163 -1.26 -3.63 -36.38
C GLU F 163 -0.44 -2.68 -35.53
N HIS F 164 0.82 -2.51 -35.91
CA HIS F 164 1.78 -1.68 -35.19
C HIS F 164 2.36 -0.64 -36.14
N LEU F 165 2.36 0.62 -35.71
CA LEU F 165 2.97 1.70 -36.48
C LEU F 165 4.44 1.86 -36.09
N GLU F 166 5.27 2.13 -37.09
CA GLU F 166 6.70 2.31 -36.91
C GLU F 166 7.09 3.76 -37.13
N TYR F 167 8.34 4.07 -36.79
CA TYR F 167 8.84 5.43 -36.95
C TYR F 167 9.05 5.75 -38.43
N TYR F 168 9.25 7.04 -38.70
CA TYR F 168 9.44 7.53 -40.06
C TYR F 168 10.92 7.76 -40.33
N THR F 169 11.34 7.45 -41.55
CA THR F 169 12.68 7.78 -41.99
C THR F 169 12.79 9.28 -42.22
N PRO F 170 14.02 9.82 -42.22
CA PRO F 170 14.18 11.27 -42.43
C PRO F 170 13.58 11.77 -43.73
N GLU F 171 13.55 10.94 -44.78
CA GLU F 171 12.97 11.37 -46.04
C GLU F 171 11.46 11.58 -45.92
N GLU F 172 10.76 10.69 -45.21
CA GLU F 172 9.33 10.86 -45.02
C GLU F 172 9.01 12.10 -44.20
N LEU F 173 9.79 12.36 -43.14
CA LEU F 173 9.61 13.58 -42.37
C LEU F 173 9.91 14.81 -43.21
N ALA F 174 10.92 14.72 -44.08
CA ALA F 174 11.26 15.83 -44.95
C ALA F 174 10.12 16.16 -45.91
N GLN F 175 9.53 15.13 -46.52
CA GLN F 175 8.43 15.40 -47.45
C GLN F 175 7.17 15.86 -46.70
N GLY F 176 6.97 15.40 -45.47
CA GLY F 176 5.89 15.96 -44.66
C GLY F 176 6.10 17.43 -44.36
N VAL F 177 7.35 17.82 -44.05
CA VAL F 177 7.67 19.22 -43.82
C VAL F 177 7.46 20.03 -45.10
N MET F 178 7.80 19.45 -46.25
CA MET F 178 7.56 20.12 -47.52
C MET F 178 6.07 20.35 -47.75
N ARG F 179 5.24 19.35 -47.44
CA ARG F 179 3.80 19.52 -47.55
C ARG F 179 3.31 20.61 -46.61
N ASP F 180 3.83 20.65 -45.38
CA ASP F 180 3.45 21.70 -44.44
C ASP F 180 3.82 23.08 -44.98
N ALA F 181 5.02 23.21 -45.56
CA ALA F 181 5.42 24.48 -46.15
C ALA F 181 4.51 24.87 -47.30
N ARG F 182 4.12 23.89 -48.13
CA ARG F 182 3.20 24.19 -49.23
C ARG F 182 1.87 24.69 -48.70
N LEU F 183 1.36 24.09 -47.63
CA LEU F 183 0.11 24.56 -47.04
C LEU F 183 0.27 25.88 -46.30
N LEU F 184 1.48 26.26 -45.91
CA LEU F 184 1.71 27.50 -45.18
C LEU F 184 2.14 28.66 -46.08
N GLY F 185 3.02 28.41 -47.04
CA GLY F 185 3.47 29.47 -47.92
C GLY F 185 4.96 29.76 -47.77
N VAL F 186 5.68 28.82 -47.17
CA VAL F 186 7.11 28.95 -46.95
C VAL F 186 7.82 28.13 -48.01
N ARG F 187 9.08 28.49 -48.30
CA ARG F 187 9.83 27.86 -49.38
C ARG F 187 11.04 27.12 -48.85
N ILE F 188 10.84 26.30 -47.81
CA ILE F 188 11.92 25.48 -47.28
C ILE F 188 12.48 24.59 -48.39
N THR F 189 13.80 24.48 -48.45
CA THR F 189 14.44 23.65 -49.45
C THR F 189 14.43 22.18 -49.02
N GLU F 190 14.72 21.31 -49.97
CA GLU F 190 14.73 19.87 -49.68
C GLU F 190 15.88 19.52 -48.74
N GLU F 191 17.06 20.09 -48.97
CA GLU F 191 18.22 19.74 -48.15
C GLU F 191 18.12 20.27 -46.73
N ALA F 192 17.26 21.25 -46.48
CA ALA F 192 17.03 21.77 -45.14
C ALA F 192 15.88 21.07 -44.43
N ALA F 193 14.80 20.76 -45.17
CA ALA F 193 13.75 19.93 -44.60
C ALA F 193 14.27 18.54 -44.25
N LEU F 194 15.23 18.04 -45.03
CA LEU F 194 15.87 16.77 -44.69
C LEU F 194 16.59 16.86 -43.35
N GLU F 195 17.31 17.95 -43.10
CA GLU F 195 17.98 18.13 -41.81
C GLU F 195 16.98 18.26 -40.68
N ILE F 196 15.88 18.98 -40.92
CA ILE F 196 14.82 19.09 -39.91
C ILE F 196 14.28 17.70 -39.57
N GLY F 197 14.07 16.87 -40.59
CA GLY F 197 13.63 15.51 -40.33
C GLY F 197 14.66 14.67 -39.60
N ARG F 198 15.94 14.88 -39.92
CA ARG F 198 17.01 14.15 -39.23
C ARG F 198 17.03 14.47 -37.75
N ARG F 199 16.88 15.76 -37.40
CA ARG F 199 16.84 16.13 -35.99
C ARG F 199 15.52 15.76 -35.31
N SER F 200 14.48 15.43 -36.08
CA SER F 200 13.26 14.92 -35.49
C SER F 200 13.44 13.50 -35.01
N ARG F 201 12.77 13.15 -33.93
CA ARG F 201 12.91 11.84 -33.32
C ARG F 201 11.98 10.80 -33.97
N GLY F 202 12.04 10.73 -35.30
CA GLY F 202 11.17 9.82 -36.03
C GLY F 202 9.70 10.07 -35.83
N THR F 203 9.32 11.27 -35.44
CA THR F 203 7.94 11.61 -35.12
C THR F 203 7.46 12.74 -36.01
N MET F 204 6.25 12.61 -36.53
CA MET F 204 5.70 13.64 -37.42
C MET F 204 5.37 14.91 -36.64
N ARG F 205 4.84 14.78 -35.42
CA ARG F 205 4.50 15.95 -34.62
C ARG F 205 5.75 16.76 -34.29
N VAL F 206 6.83 16.08 -33.92
CA VAL F 206 8.08 16.78 -33.60
C VAL F 206 8.61 17.50 -34.85
N ALA F 207 8.51 16.85 -36.01
CA ALA F 207 8.97 17.48 -37.24
C ALA F 207 8.15 18.74 -37.56
N LYS F 208 6.83 18.66 -37.39
CA LYS F 208 5.99 19.83 -37.63
C LYS F 208 6.31 20.96 -36.66
N ARG F 209 6.53 20.62 -35.39
CA ARG F 209 6.87 21.63 -34.39
C ARG F 209 8.20 22.30 -34.73
N LEU F 210 9.20 21.51 -35.10
CA LEU F 210 10.49 22.07 -35.47
C LEU F 210 10.38 22.94 -36.71
N PHE F 211 9.56 22.52 -37.69
CA PHE F 211 9.38 23.33 -38.88
C PHE F 211 8.75 24.67 -38.56
N ARG F 212 7.72 24.68 -37.71
CA ARG F 212 7.09 25.96 -37.39
C ARG F 212 7.93 26.82 -36.45
N ARG F 213 8.90 26.23 -35.73
CA ARG F 213 9.88 27.05 -35.03
C ARG F 213 10.88 27.68 -36.00
N VAL F 214 11.38 26.89 -36.96
CA VAL F 214 12.30 27.40 -37.96
C VAL F 214 11.63 28.48 -38.80
N ARG F 215 10.31 28.35 -39.00
CA ARG F 215 9.58 29.39 -39.73
C ARG F 215 9.66 30.73 -39.02
N ASP F 216 9.43 30.72 -37.70
CA ASP F 216 9.54 31.96 -36.93
C ASP F 216 10.96 32.49 -36.93
N PHE F 217 11.95 31.61 -36.78
CA PHE F 217 13.34 32.06 -36.76
C PHE F 217 13.73 32.69 -38.10
N ALA F 218 13.32 32.09 -39.21
CA ALA F 218 13.63 32.66 -40.52
C ALA F 218 12.88 33.96 -40.75
N GLN F 219 11.63 34.05 -40.27
CA GLN F 219 10.86 35.27 -40.43
C GLN F 219 11.51 36.44 -39.70
N VAL F 220 11.93 36.21 -38.45
CA VAL F 220 12.60 37.29 -37.72
C VAL F 220 13.98 37.56 -38.29
N ALA F 221 14.65 36.55 -38.85
CA ALA F 221 15.97 36.76 -39.43
C ALA F 221 15.92 37.59 -40.71
N GLY F 222 14.76 37.69 -41.36
CA GLY F 222 14.63 38.48 -42.56
C GLY F 222 14.98 37.71 -43.82
N GLU F 223 14.43 36.52 -43.97
CA GLU F 223 14.68 35.66 -45.12
C GLU F 223 13.37 35.09 -45.63
N GLU F 224 13.35 34.75 -46.92
CA GLU F 224 12.18 34.16 -47.54
C GLU F 224 12.39 32.70 -47.95
N VAL F 225 13.53 32.37 -48.52
CA VAL F 225 13.89 30.98 -48.83
C VAL F 225 14.87 30.50 -47.77
N ILE F 226 14.58 29.35 -47.18
CA ILE F 226 15.38 28.81 -46.09
C ILE F 226 16.35 27.79 -46.67
N THR F 227 17.61 28.17 -46.79
CA THR F 227 18.65 27.26 -47.24
C THR F 227 19.01 26.28 -46.13
N ARG F 228 20.00 25.43 -46.39
CA ARG F 228 20.41 24.45 -45.39
C ARG F 228 21.14 25.11 -44.23
N GLU F 229 22.07 26.02 -44.52
CA GLU F 229 22.86 26.65 -43.46
C GLU F 229 21.96 27.47 -42.53
N ARG F 230 20.99 28.17 -43.09
CA ARG F 230 20.06 28.93 -42.25
C ARG F 230 19.28 28.01 -41.31
N ALA F 231 18.82 26.87 -41.84
CA ALA F 231 18.08 25.92 -41.00
C ALA F 231 18.97 25.35 -39.90
N LEU F 232 20.22 25.02 -40.23
CA LEU F 232 21.14 24.52 -39.21
C LEU F 232 21.39 25.56 -38.13
N GLU F 233 21.58 26.83 -38.51
CA GLU F 233 21.79 27.86 -37.52
C GLU F 233 20.56 28.07 -36.66
N ALA F 234 19.37 28.03 -37.26
CA ALA F 234 18.14 28.19 -36.49
C ALA F 234 17.96 27.03 -35.50
N LEU F 235 18.25 25.80 -35.94
CA LEU F 235 18.11 24.65 -35.05
C LEU F 235 19.14 24.70 -33.93
N ALA F 236 20.36 25.15 -34.24
CA ALA F 236 21.37 25.31 -33.20
C ALA F 236 20.96 26.36 -32.18
N ALA F 237 20.41 27.48 -32.66
CA ALA F 237 19.91 28.51 -31.76
C ALA F 237 18.70 28.03 -30.96
N LEU F 238 17.95 27.07 -31.47
CA LEU F 238 16.83 26.52 -30.72
C LEU F 238 17.31 25.65 -29.57
N GLY F 239 18.44 24.96 -29.75
CA GLY F 239 18.98 24.12 -28.70
C GLY F 239 18.97 22.63 -29.01
N LEU F 240 19.13 22.28 -30.28
CA LEU F 240 19.14 20.88 -30.71
C LEU F 240 20.51 20.55 -31.28
N ASP F 241 21.08 19.43 -30.83
CA ASP F 241 22.35 18.96 -31.35
C ASP F 241 22.12 18.05 -32.54
N GLU F 242 23.19 17.46 -33.08
CA GLU F 242 23.08 16.64 -34.29
C GLU F 242 22.29 15.36 -34.06
N LEU F 243 22.20 14.89 -32.82
CA LEU F 243 21.46 13.68 -32.49
C LEU F 243 20.02 13.95 -32.11
N GLY F 244 19.58 15.21 -32.20
CA GLY F 244 18.23 15.57 -31.84
C GLY F 244 17.99 15.78 -30.36
N LEU F 245 19.02 15.71 -29.54
CA LEU F 245 18.85 15.91 -28.11
C LEU F 245 18.60 17.38 -27.80
N GLU F 246 17.61 17.64 -26.96
CA GLU F 246 17.30 19.00 -26.54
C GLU F 246 18.20 19.37 -25.37
N LYS F 247 17.92 20.52 -24.74
CA LYS F 247 18.69 20.93 -23.57
C LYS F 247 18.38 20.05 -22.37
N ARG F 248 17.15 19.54 -22.28
CA ARG F 248 16.75 18.76 -21.11
C ARG F 248 17.52 17.45 -21.02
N ASP F 249 17.62 16.72 -22.14
CA ASP F 249 18.32 15.43 -22.12
C ASP F 249 19.81 15.61 -21.85
N ARG F 250 20.42 16.64 -22.47
CA ARG F 250 21.83 16.92 -22.20
C ARG F 250 22.04 17.30 -20.74
N GLU F 251 21.10 18.06 -20.16
CA GLU F 251 21.20 18.40 -18.75
C GLU F 251 21.09 17.15 -17.88
N ILE F 252 20.20 16.23 -18.24
CA ILE F 252 20.06 14.99 -17.49
C ILE F 252 21.38 14.21 -17.51
N LEU F 253 21.97 14.08 -18.71
CA LEU F 253 23.24 13.36 -18.83
C LEU F 253 24.34 14.06 -18.03
N GLU F 254 24.40 15.39 -18.11
CA GLU F 254 25.43 16.13 -17.37
C GLU F 254 25.27 15.95 -15.88
N VAL F 255 24.03 16.04 -15.36
CA VAL F 255 23.79 15.87 -13.94
C VAL F 255 24.21 14.47 -13.50
N LEU F 256 23.81 13.45 -14.26
CA LEU F 256 24.20 12.09 -13.91
C LEU F 256 25.71 11.96 -13.86
N ILE F 257 26.39 12.37 -14.94
CA ILE F 257 27.84 12.16 -15.05
C ILE F 257 28.58 12.93 -13.96
N LEU F 258 28.18 14.17 -13.69
CA LEU F 258 28.92 15.00 -12.74
C LEU F 258 28.60 14.60 -11.30
N ARG F 259 27.33 14.63 -10.92
CA ARG F 259 26.96 14.42 -9.52
C ARG F 259 26.98 12.96 -9.11
N PHE F 260 27.12 12.01 -10.04
CA PHE F 260 27.17 10.61 -9.66
C PHE F 260 28.28 9.83 -10.35
N GLY F 261 29.19 10.53 -11.04
CA GLY F 261 30.30 9.86 -11.70
C GLY F 261 29.89 8.85 -12.74
N GLY F 262 28.69 8.97 -13.29
CA GLY F 262 28.19 7.99 -14.23
C GLY F 262 27.76 6.68 -13.62
N GLY F 263 27.72 6.60 -12.29
CA GLY F 263 27.39 5.37 -11.61
C GLY F 263 25.92 5.08 -11.65
N PRO F 264 25.55 3.86 -11.22
CA PRO F 264 24.15 3.44 -11.23
C PRO F 264 23.32 4.28 -10.26
N VAL F 265 22.28 4.92 -10.79
CA VAL F 265 21.36 5.73 -10.00
C VAL F 265 19.95 5.30 -10.34
N GLY F 266 19.15 5.04 -9.30
CA GLY F 266 17.77 4.66 -9.51
C GLY F 266 16.89 5.84 -9.87
N LEU F 267 15.64 5.53 -10.23
CA LEU F 267 14.69 6.58 -10.58
C LEU F 267 13.96 7.12 -9.35
N ALA F 268 14.73 7.44 -8.33
CA ALA F 268 14.32 8.18 -7.15
C ALA F 268 15.29 9.30 -6.82
N THR F 269 16.58 9.07 -7.01
CA THR F 269 17.62 10.08 -6.81
C THR F 269 17.84 10.92 -8.05
N LEU F 270 17.79 10.30 -9.23
CA LEU F 270 17.96 11.04 -10.48
C LEU F 270 16.83 12.04 -10.69
N ALA F 271 15.60 11.63 -10.41
CA ALA F 271 14.47 12.56 -10.56
C ALA F 271 14.54 13.69 -9.55
N THR F 272 14.93 13.39 -8.32
CA THR F 272 15.05 14.43 -7.29
C THR F 272 16.16 15.42 -7.63
N ALA F 273 17.30 14.91 -8.11
CA ALA F 273 18.42 15.77 -8.44
C ALA F 273 18.15 16.68 -9.63
N LEU F 274 17.22 16.29 -10.50
CA LEU F 274 16.85 17.09 -11.66
C LEU F 274 15.63 17.96 -11.41
N SER F 275 15.11 17.96 -10.17
CA SER F 275 13.88 18.66 -9.81
C SER F 275 12.69 18.18 -10.64
N GLU F 276 12.77 16.97 -11.17
CA GLU F 276 11.69 16.35 -11.91
C GLU F 276 10.99 15.32 -11.02
N ASP F 277 10.10 14.54 -11.62
CA ASP F 277 9.35 13.49 -10.95
C ASP F 277 9.64 12.14 -11.58
N PRO F 278 9.30 11.04 -10.88
CA PRO F 278 9.48 9.70 -11.48
C PRO F 278 8.44 9.39 -12.55
N GLY F 279 7.79 10.42 -13.07
CA GLY F 279 6.71 10.29 -14.03
C GLY F 279 7.19 10.45 -15.45
N THR F 280 7.08 11.66 -16.00
CA THR F 280 7.55 11.93 -17.36
C THR F 280 8.99 11.45 -17.56
N LEU F 281 9.84 11.63 -16.56
CA LEU F 281 11.17 11.04 -16.60
C LEU F 281 11.05 9.52 -16.66
N GLU F 282 11.76 8.91 -17.60
CA GLU F 282 11.67 7.51 -18.01
C GLU F 282 10.42 7.25 -18.86
N GLU F 283 9.54 8.24 -19.04
CA GLU F 283 8.38 8.11 -19.90
C GLU F 283 8.47 8.95 -21.16
N VAL F 284 8.98 10.18 -21.08
CA VAL F 284 9.09 11.06 -22.24
C VAL F 284 10.51 11.46 -22.56
N HIS F 285 11.46 11.29 -21.63
CA HIS F 285 12.82 11.79 -21.82
C HIS F 285 13.83 10.66 -22.03
N GLU F 286 13.87 9.70 -21.13
CA GLU F 286 14.93 8.69 -21.13
C GLU F 286 14.76 7.62 -22.20
N PRO F 287 13.54 7.14 -22.51
CA PRO F 287 13.40 6.13 -23.58
C PRO F 287 14.17 6.47 -24.85
N TYR F 288 14.20 7.74 -25.26
CA TYR F 288 15.02 8.13 -26.40
C TYR F 288 16.50 7.95 -26.10
N LEU F 289 16.91 8.21 -24.85
CA LEU F 289 18.31 8.05 -24.47
C LEU F 289 18.75 6.60 -24.56
N ILE F 290 17.91 5.67 -24.09
CA ILE F 290 18.21 4.26 -24.24
C ILE F 290 18.18 3.85 -25.71
N ARG F 291 17.23 4.40 -26.48
CA ARG F 291 17.12 4.05 -27.88
C ARG F 291 18.36 4.48 -28.66
N GLN F 292 18.91 5.64 -28.34
CA GLN F 292 20.10 6.16 -29.01
C GLN F 292 21.40 5.66 -28.38
N GLY F 293 21.32 4.72 -27.45
CA GLY F 293 22.50 4.20 -26.80
C GLY F 293 23.21 5.18 -25.91
N LEU F 294 22.47 6.06 -25.23
CA LEU F 294 23.05 7.01 -24.29
C LEU F 294 22.75 6.70 -22.84
N LEU F 295 21.85 5.76 -22.57
CA LEU F 295 21.50 5.39 -21.21
C LEU F 295 21.21 3.90 -21.16
N LYS F 296 21.50 3.29 -20.02
CA LYS F 296 21.29 1.86 -19.81
C LYS F 296 20.51 1.66 -18.52
N ARG F 297 19.62 0.66 -18.52
CA ARG F 297 18.81 0.34 -17.35
C ARG F 297 19.47 -0.83 -16.62
N THR F 298 20.56 -0.52 -15.92
CA THR F 298 21.24 -1.50 -15.09
C THR F 298 20.32 -1.93 -13.95
N PRO F 299 20.40 -3.20 -13.52
CA PRO F 299 19.59 -3.62 -12.36
C PRO F 299 19.84 -2.79 -11.11
N ARG F 300 21.05 -2.23 -10.94
CA ARG F 300 21.38 -1.42 -9.79
C ARG F 300 21.26 0.08 -10.05
N GLY F 301 20.82 0.49 -11.23
CA GLY F 301 20.68 1.91 -11.50
C GLY F 301 20.75 2.20 -12.99
N ARG F 302 21.27 3.38 -13.32
CA ARG F 302 21.39 3.84 -14.70
C ARG F 302 22.80 4.32 -14.97
N VAL F 303 23.32 3.99 -16.15
CA VAL F 303 24.70 4.28 -16.51
C VAL F 303 24.71 5.10 -17.79
N ALA F 304 25.72 5.98 -17.91
CA ALA F 304 25.86 6.84 -19.07
C ALA F 304 26.33 6.11 -20.32
N THR F 305 26.71 4.83 -20.21
CA THR F 305 27.06 3.95 -21.31
C THR F 305 28.30 4.41 -22.08
N GLU F 306 29.03 5.39 -21.57
CA GLU F 306 30.34 5.80 -22.08
C GLU F 306 30.21 6.51 -23.43
N LEU F 307 29.00 6.54 -23.99
CA LEU F 307 28.78 7.32 -25.21
C LEU F 307 28.38 8.75 -24.88
N ALA F 308 27.78 8.98 -23.71
CA ALA F 308 27.49 10.33 -23.28
C ALA F 308 28.78 11.12 -23.04
N TYR F 309 29.82 10.45 -22.55
CA TYR F 309 31.11 11.11 -22.36
C TYR F 309 31.67 11.60 -23.69
N ARG F 310 31.57 10.77 -24.74
CA ARG F 310 32.02 11.19 -26.06
C ARG F 310 31.15 12.31 -26.59
N HIS F 311 29.83 12.20 -26.43
CA HIS F 311 28.92 13.22 -26.95
C HIS F 311 29.08 14.55 -26.21
N LEU F 312 29.28 14.50 -24.90
CA LEU F 312 29.39 15.70 -24.08
C LEU F 312 30.83 16.17 -23.90
N GLY F 313 31.78 15.55 -24.59
CA GLY F 313 33.16 15.99 -24.53
C GLY F 313 33.82 15.87 -23.17
N TYR F 314 33.64 14.71 -22.51
CA TYR F 314 34.24 14.47 -21.22
C TYR F 314 35.15 13.25 -21.29
N PRO F 315 36.23 13.22 -20.50
CA PRO F 315 37.14 12.07 -20.52
C PRO F 315 36.44 10.81 -20.05
N PRO F 316 36.79 9.66 -20.63
CA PRO F 316 36.16 8.41 -20.19
C PRO F 316 36.57 8.08 -18.76
N PRO F 317 35.71 7.37 -18.01
CA PRO F 317 35.99 7.00 -16.62
C PRO F 317 37.26 6.18 -16.46
PG AGS I . 6.22 30.34 -5.95
S1G AGS I . 7.30 30.48 -4.34
O2G AGS I . 4.84 31.03 -5.72
O3G AGS I . 5.99 28.85 -6.30
PB AGS I . 6.33 32.34 -7.80
O1B AGS I . 4.85 32.24 -7.85
O2B AGS I . 6.96 32.45 -9.19
O3B AGS I . 6.94 31.05 -7.14
PA AGS I . 7.71 34.71 -7.73
O1A AGS I . 7.29 34.91 -9.13
O2A AGS I . 9.15 34.23 -7.54
O3A AGS I . 6.77 33.65 -7.01
O5' AGS I . 7.45 36.08 -6.97
C5' AGS I . 7.23 37.30 -7.71
C4' AGS I . 8.13 38.38 -7.16
O4' AGS I . 9.51 38.01 -7.37
C3' AGS I . 7.97 39.75 -7.83
O3' AGS I . 8.25 40.79 -6.91
C2' AGS I . 9.02 39.69 -8.96
O2' AGS I . 9.48 40.99 -9.30
C1' AGS I . 10.13 38.87 -8.31
N9 AGS I . 10.90 38.06 -9.24
C8 AGS I . 10.89 36.69 -9.36
N7 AGS I . 11.68 36.23 -10.29
C5 AGS I . 12.24 37.37 -10.84
C6 AGS I . 13.19 37.56 -11.86
N6 AGS I . 13.73 36.56 -12.57
N1 AGS I . 13.55 38.82 -12.16
C2 AGS I . 13.00 39.83 -11.46
N3 AGS I . 12.12 39.77 -10.46
C4 AGS I . 11.78 38.50 -10.20
MG MG J . 2.87 25.10 -6.30
PG AGS K . 4.42 20.19 22.43
S1G AGS K . 4.73 19.81 20.55
O2G AGS K . 2.95 19.85 22.79
O3G AGS K . 5.34 19.25 23.27
PB AGS K . 5.99 22.04 23.67
O1B AGS K . 7.23 21.87 22.88
O2B AGS K . 5.91 21.10 24.87
O3B AGS K . 4.73 21.68 22.78
PA AGS K . 5.57 23.78 25.81
O1A AGS K . 5.86 25.17 26.17
O2A AGS K . 4.11 23.37 25.99
O3A AGS K . 5.92 23.50 24.27
O5' AGS K . 6.52 22.88 26.70
C5' AGS K . 5.99 22.08 27.78
C4' AGS K . 6.43 22.60 29.12
O4' AGS K . 7.81 23.06 29.04
C3' AGS K . 5.62 23.77 29.69
O3' AGS K . 5.17 23.47 31.01
C2' AGS K . 6.60 24.94 29.68
O2' AGS K . 6.39 25.80 30.80
C1' AGS K . 7.94 24.24 29.78
N9 AGS K . 9.06 24.99 29.25
C8 AGS K . 9.62 24.86 28.00
N7 AGS K . 10.63 25.67 27.79
C5 AGS K . 10.75 26.37 28.98
C6 AGS K . 11.63 27.39 29.39
N6 AGS K . 12.61 27.88 28.63
N1 AGS K . 11.48 27.89 30.64
C2 AGS K . 10.50 27.39 31.40
N3 AGS K . 9.61 26.44 31.12
C4 AGS K . 9.79 25.97 29.88
MG MG L . 2.47 18.46 16.91
PG AGS M . -6.90 -6.24 28.44
S1G AGS M . -8.07 -4.71 28.73
O2G AGS M . -7.53 -7.19 27.39
O3G AGS M . -5.51 -5.75 27.90
PB AGS M . -6.81 -6.35 31.19
O1B AGS M . -5.53 -5.72 31.56
O2B AGS M . -7.99 -5.37 31.12
O3B AGS M . -6.70 -7.03 29.76
PA AGS M . -8.47 -7.24 33.21
O1A AGS M . -8.33 -6.06 34.08
O2A AGS M . -9.70 -7.18 32.30
O3A AGS M . -7.22 -7.44 32.27
O5' AGS M . -8.50 -8.51 34.13
C5' AGS M . -9.02 -9.77 33.65
C4' AGS M . -9.67 -10.51 34.80
O4' AGS M . -8.70 -10.72 35.84
C3' AGS M . -10.87 -9.81 35.43
O3' AGS M . -11.91 -10.73 35.74
C2' AGS M . -10.27 -9.18 36.70
O2' AGS M . -11.24 -9.11 37.75
C1' AGS M . -9.17 -10.16 37.06
N9 AGS M . -8.02 -9.54 37.72
C8 AGS M . -6.95 -8.93 37.11
N7 AGS M . -6.06 -8.47 37.95
C5 AGS M . -6.57 -8.79 39.19
C6 AGS M . -6.10 -8.57 40.50
N6 AGS M . -4.95 -7.94 40.78
N1 AGS M . -6.85 -9.01 41.53
C2 AGS M . -8.00 -9.63 41.25
N3 AGS M . -8.55 -9.91 40.06
C4 AGS M . -7.78 -9.45 39.07
MG MG N . -6.43 -3.15 25.23
PB ADP O . -15.91 -26.21 7.33
O1B ADP O . -15.76 -27.16 8.48
O2B ADP O . -15.30 -24.84 7.58
O3B ADP O . -15.60 -26.79 5.98
PA ADP O . -18.59 -27.08 7.10
O1A ADP O . -18.55 -28.00 8.30
O2A ADP O . -19.91 -26.40 6.77
O3A ADP O . -17.49 -25.91 7.26
O5' ADP O . -18.20 -27.95 5.82
C5' ADP O . -17.76 -29.30 5.98
C4' ADP O . -18.75 -30.23 5.30
O4' ADP O . -18.47 -31.58 5.70
C3' ADP O . -20.18 -29.95 5.71
O3' ADP O . -21.01 -29.85 4.56
C2' ADP O . -20.64 -31.12 6.56
O2' ADP O . -21.91 -31.60 6.11
C1' ADP O . -19.57 -32.19 6.37
N9 ADP O . -19.11 -32.68 7.68
C8 ADP O . -18.04 -32.21 8.35
N7 ADP O . -17.85 -32.86 9.52
C5 ADP O . -18.82 -33.79 9.61
C6 ADP O . -19.20 -34.82 10.60
N6 ADP O . -18.50 -35.00 11.73
N1 ADP O . -20.29 -35.58 10.33
C2 ADP O . -21.00 -35.41 9.20
N3 ADP O . -20.71 -34.49 8.26
C4 ADP O . -19.64 -33.67 8.41
MG MG P . -14.99 -21.43 9.05
PB ADP Q . -13.87 -17.03 -23.58
O1B ADP Q . -12.56 -17.36 -22.91
O2B ADP Q . -15.07 -17.06 -22.66
O3B ADP Q . -13.85 -15.82 -24.47
PA ADP Q . -13.10 -18.61 -25.76
O1A ADP Q . -12.31 -19.81 -25.30
O2A ADP Q . -12.34 -17.36 -26.13
O3A ADP Q . -14.12 -18.28 -24.57
O5' ADP Q . -14.01 -19.07 -27.01
C5' ADP Q . -14.87 -18.15 -27.69
C4' ADP Q . -14.91 -18.50 -29.18
O4' ADP Q . -14.10 -19.63 -29.48
C3' ADP Q . -16.32 -18.82 -29.66
O3' ADP Q . -16.80 -17.79 -30.53
C2' ADP Q . -16.21 -20.12 -30.43
O2' ADP Q . -16.69 -19.97 -31.76
C1' ADP Q . -14.72 -20.47 -30.45
N9 ADP Q . -14.51 -21.90 -30.10
C8 ADP Q . -13.75 -22.33 -29.08
N7 ADP Q . -13.73 -23.68 -29.01
C5 ADP Q . -14.50 -24.14 -30.01
C6 ADP Q . -14.92 -25.46 -30.51
N6 ADP Q . -14.49 -26.60 -29.91
N1 ADP Q . -15.73 -25.52 -31.58
C2 ADP Q . -16.15 -24.39 -32.19
N3 ADP Q . -15.82 -23.15 -31.80
C4 ADP Q . -15.00 -22.96 -30.73
PB ADP R . -1.49 10.66 -33.01
O1B ADP R . -0.63 9.47 -33.38
O2B ADP R . -2.90 10.61 -33.54
O3B ADP R . -1.39 11.05 -31.55
PA ADP R . -1.35 13.40 -33.65
O1A ADP R . -0.45 14.11 -32.66
O2A ADP R . -2.83 13.38 -33.39
O3A ADP R . -0.80 11.90 -33.78
O5' ADP R . -1.07 14.06 -35.09
C5' ADP R . -2.08 14.12 -36.10
C4' ADP R . -1.66 15.17 -37.12
O4' ADP R . -0.42 14.80 -37.72
C3' ADP R . -2.67 15.34 -38.25
O3' ADP R . -3.23 16.65 -38.22
C2' ADP R . -1.90 15.13 -39.54
O2' ADP R . -2.03 16.30 -40.36
C1' ADP R . -0.45 14.94 -39.14
N9 ADP R . 0.08 13.70 -39.75
C8 ADP R . 0.50 12.62 -39.07
N7 ADP R . 0.95 11.65 -39.92
C5 ADP R . 0.81 12.12 -41.17
C6 ADP R . 1.10 11.61 -42.53
N6 ADP R . 1.61 10.38 -42.72
N1 ADP R . 0.81 12.42 -43.57
C2 ADP R . 0.30 13.65 -43.40
N3 ADP R . 0.02 14.17 -42.19
C4 ADP R . 0.25 13.47 -41.06
#